data_3TCZ
# 
_entry.id   3TCZ 
# 
_audit_conform.dict_name       mmcif_pdbx.dic 
_audit_conform.dict_version    5.387 
_audit_conform.dict_location   http://mmcif.pdb.org/dictionaries/ascii/mmcif_pdbx.dic 
# 
loop_
_database_2.database_id 
_database_2.database_code 
_database_2.pdbx_database_accession 
_database_2.pdbx_DOI 
PDB   3TCZ         pdb_00003tcz 10.2210/pdb3tcz/pdb 
RCSB  RCSB067329   ?            ?                   
WWPDB D_1000067329 ?            ?                   
# 
loop_
_pdbx_audit_revision_history.ordinal 
_pdbx_audit_revision_history.data_content_type 
_pdbx_audit_revision_history.major_revision 
_pdbx_audit_revision_history.minor_revision 
_pdbx_audit_revision_history.revision_date 
1 'Structure model' 1 0 2012-06-20 
2 'Structure model' 1 1 2012-09-05 
3 'Structure model' 1 2 2018-04-04 
4 'Structure model' 1 3 2024-02-28 
# 
_pdbx_audit_revision_details.ordinal             1 
_pdbx_audit_revision_details.revision_ordinal    1 
_pdbx_audit_revision_details.data_content_type   'Structure model' 
_pdbx_audit_revision_details.provider            repository 
_pdbx_audit_revision_details.type                'Initial release' 
_pdbx_audit_revision_details.description         ? 
_pdbx_audit_revision_details.details             ? 
# 
loop_
_pdbx_audit_revision_group.ordinal 
_pdbx_audit_revision_group.revision_ordinal 
_pdbx_audit_revision_group.data_content_type 
_pdbx_audit_revision_group.group 
1 2 'Structure model' 'Database references'  
2 3 'Structure model' 'Data collection'      
3 4 'Structure model' 'Data collection'      
4 4 'Structure model' 'Database references'  
5 4 'Structure model' 'Derived calculations' 
# 
loop_
_pdbx_audit_revision_category.ordinal 
_pdbx_audit_revision_category.revision_ordinal 
_pdbx_audit_revision_category.data_content_type 
_pdbx_audit_revision_category.category 
1 3 'Structure model' diffrn_source      
2 4 'Structure model' chem_comp_atom     
3 4 'Structure model' chem_comp_bond     
4 4 'Structure model' database_2         
5 4 'Structure model' struct_ref_seq_dif 
6 4 'Structure model' struct_site        
# 
loop_
_pdbx_audit_revision_item.ordinal 
_pdbx_audit_revision_item.revision_ordinal 
_pdbx_audit_revision_item.data_content_type 
_pdbx_audit_revision_item.item 
1 3 'Structure model' '_diffrn_source.source'               
2 4 'Structure model' '_database_2.pdbx_DOI'                
3 4 'Structure model' '_database_2.pdbx_database_accession' 
4 4 'Structure model' '_struct_ref_seq_dif.details'         
5 4 'Structure model' '_struct_site.pdbx_auth_asym_id'      
6 4 'Structure model' '_struct_site.pdbx_auth_comp_id'      
7 4 'Structure model' '_struct_site.pdbx_auth_seq_id'       
# 
_pdbx_database_status.entry_id                        3TCZ 
_pdbx_database_status.deposit_site                    RCSB 
_pdbx_database_status.process_site                    RCSB 
_pdbx_database_status.recvd_initial_deposition_date   2011-08-09 
_pdbx_database_status.status_code                     REL 
_pdbx_database_status.status_code_sf                  REL 
_pdbx_database_status.status_code_mr                  ? 
_pdbx_database_status.SG_entry                        ? 
_pdbx_database_status.status_code_cs                  ? 
_pdbx_database_status.pdb_format_compatible           Y 
_pdbx_database_status.methods_development_category    ? 
_pdbx_database_status.status_code_nmr_data            ? 
# 
loop_
_pdbx_database_related.db_name 
_pdbx_database_related.db_id 
_pdbx_database_related.details 
_pdbx_database_related.content_type 
PDB 1PIN 'Pin1 peptidyl-prolyl cis-trans isomerase from Homo sapiens'                        unspecified 
PDB 1F8A 'Structural basis for the phosphoserine-proline recognition by group IV WW domains' unspecified 
PDB 2Q5A 'Human Pin1 bound to L-PEPTIDE'                                                     unspecified 
PDB 2ITK 'Human Pin1 bound to D-PEPTIDE'                                                     unspecified 
PDB 3TDB 'Human Pin1 bound to trans peptidomimetic inhibitor'                                unspecified 
# 
loop_
_audit_author.name 
_audit_author.pdbx_ordinal 
'Zhang, M.' 1 
'Zhang, Y.' 2 
# 
_citation.id                        primary 
_citation.title                     
'Structural and Kinetic Analysis of Prolyl-isomerization/Phosphorylation Cross-Talk in the CTD Code.' 
_citation.journal_abbrev            'Acs Chem.Biol.' 
_citation.journal_volume            7 
_citation.page_first                1462 
_citation.page_last                 1470 
_citation.year                      2012 
_citation.journal_id_ASTM           ? 
_citation.country                   US 
_citation.journal_id_ISSN           1554-8929 
_citation.journal_id_CSD            ? 
_citation.book_publisher            ? 
_citation.pdbx_database_id_PubMed   22670809 
_citation.pdbx_database_id_DOI      10.1021/cb3000887 
# 
loop_
_citation_author.citation_id 
_citation_author.name 
_citation_author.ordinal 
_citation_author.identifier_ORCID 
primary 'Zhang, M.'       1 ? 
primary 'Wang, X.J.'      2 ? 
primary 'Chen, X.'        3 ? 
primary 'Bowman, M.E.'    4 ? 
primary 'Luo, Y.'         5 ? 
primary 'Noel, J.P.'      6 ? 
primary 'Ellington, A.D.' 7 ? 
primary 'Etzkorn, F.A.'   8 ? 
primary 'Zhang, Y.'       9 ? 
# 
loop_
_entity.id 
_entity.type 
_entity.src_method 
_entity.pdbx_description 
_entity.formula_weight 
_entity.pdbx_number_of_molecules 
_entity.pdbx_ec 
_entity.pdbx_mutation 
_entity.pdbx_fragment 
_entity.details 
1 polymer     man 'Peptidyl-prolyl cis-trans isomerase NIMA-interacting 1'                                                  
17609.605 1  5.2.1.8 R14A 'UNP residues 6-163' ? 
2 non-polymer syn 'N~2~-({(1R,2Z)-2-[(2R)-2-(formylamino)-3-(phosphonooxy)propylidene]cyclopentyl}carbonyl)-L-argininamide' 
448.411   1  ?       ?    ?                    ? 
3 non-polymer syn '2-{2-[2-(2-{2-[2-(2-ETHOXY-ETHOXY)-ETHOXY]-ETHOXY}-ETHOXY)-ETHOXY]-ETHOXY}-ETHANOL'                      
354.436   1  ?       ?    ?                    ? 
4 water       nat water                                                                                                     18.015 
87 ?       ?    ?                    ? 
# 
_entity_name_com.entity_id   1 
_entity_name_com.name        'Peptidyl-prolyl cis-trans isomerase Pin1, PPIase Pin1, Rotamase Pin1' 
# 
_entity_poly.entity_id                      1 
_entity_poly.type                           'polypeptide(L)' 
_entity_poly.nstd_linkage                   no 
_entity_poly.nstd_monomer                   no 
_entity_poly.pdbx_seq_one_letter_code       
;KLPPGWEKAMSRSSGRVYYFNHITNASQWERPSGNSSSGGKNGQGEPARVRCSHLLVKHSQSRRPSSWRQEKITRTKEEA
LELINGYIQKIKSGEEDFESLASQFSDCSSAKARGDLGAFSRGQMQKPFEDASFALRTGEMSGPVFTDSGIHIILRTE
;
_entity_poly.pdbx_seq_one_letter_code_can   
;KLPPGWEKAMSRSSGRVYYFNHITNASQWERPSGNSSSGGKNGQGEPARVRCSHLLVKHSQSRRPSSWRQEKITRTKEEA
LELINGYIQKIKSGEEDFESLASQFSDCSSAKARGDLGAFSRGQMQKPFEDASFALRTGEMSGPVFTDSGIHIILRTE
;
_entity_poly.pdbx_strand_id                 A 
_entity_poly.pdbx_target_identifier         ? 
# 
loop_
_pdbx_entity_nonpoly.entity_id 
_pdbx_entity_nonpoly.name 
_pdbx_entity_nonpoly.comp_id 
2 'N~2~-({(1R,2Z)-2-[(2R)-2-(formylamino)-3-(phosphonooxy)propylidene]cyclopentyl}carbonyl)-L-argininamide' R2Z 
3 '2-{2-[2-(2-{2-[2-(2-ETHOXY-ETHOXY)-ETHOXY]-ETHOXY}-ETHOXY)-ETHOXY]-ETHOXY}-ETHANOL'                      PE4 
4 water                                                                                                     HOH 
# 
loop_
_entity_poly_seq.entity_id 
_entity_poly_seq.num 
_entity_poly_seq.mon_id 
_entity_poly_seq.hetero 
1 1   LYS n 
1 2   LEU n 
1 3   PRO n 
1 4   PRO n 
1 5   GLY n 
1 6   TRP n 
1 7   GLU n 
1 8   LYS n 
1 9   ALA n 
1 10  MET n 
1 11  SER n 
1 12  ARG n 
1 13  SER n 
1 14  SER n 
1 15  GLY n 
1 16  ARG n 
1 17  VAL n 
1 18  TYR n 
1 19  TYR n 
1 20  PHE n 
1 21  ASN n 
1 22  HIS n 
1 23  ILE n 
1 24  THR n 
1 25  ASN n 
1 26  ALA n 
1 27  SER n 
1 28  GLN n 
1 29  TRP n 
1 30  GLU n 
1 31  ARG n 
1 32  PRO n 
1 33  SER n 
1 34  GLY n 
1 35  ASN n 
1 36  SER n 
1 37  SER n 
1 38  SER n 
1 39  GLY n 
1 40  GLY n 
1 41  LYS n 
1 42  ASN n 
1 43  GLY n 
1 44  GLN n 
1 45  GLY n 
1 46  GLU n 
1 47  PRO n 
1 48  ALA n 
1 49  ARG n 
1 50  VAL n 
1 51  ARG n 
1 52  CYS n 
1 53  SER n 
1 54  HIS n 
1 55  LEU n 
1 56  LEU n 
1 57  VAL n 
1 58  LYS n 
1 59  HIS n 
1 60  SER n 
1 61  GLN n 
1 62  SER n 
1 63  ARG n 
1 64  ARG n 
1 65  PRO n 
1 66  SER n 
1 67  SER n 
1 68  TRP n 
1 69  ARG n 
1 70  GLN n 
1 71  GLU n 
1 72  LYS n 
1 73  ILE n 
1 74  THR n 
1 75  ARG n 
1 76  THR n 
1 77  LYS n 
1 78  GLU n 
1 79  GLU n 
1 80  ALA n 
1 81  LEU n 
1 82  GLU n 
1 83  LEU n 
1 84  ILE n 
1 85  ASN n 
1 86  GLY n 
1 87  TYR n 
1 88  ILE n 
1 89  GLN n 
1 90  LYS n 
1 91  ILE n 
1 92  LYS n 
1 93  SER n 
1 94  GLY n 
1 95  GLU n 
1 96  GLU n 
1 97  ASP n 
1 98  PHE n 
1 99  GLU n 
1 100 SER n 
1 101 LEU n 
1 102 ALA n 
1 103 SER n 
1 104 GLN n 
1 105 PHE n 
1 106 SER n 
1 107 ASP n 
1 108 CYS n 
1 109 SER n 
1 110 SER n 
1 111 ALA n 
1 112 LYS n 
1 113 ALA n 
1 114 ARG n 
1 115 GLY n 
1 116 ASP n 
1 117 LEU n 
1 118 GLY n 
1 119 ALA n 
1 120 PHE n 
1 121 SER n 
1 122 ARG n 
1 123 GLY n 
1 124 GLN n 
1 125 MET n 
1 126 GLN n 
1 127 LYS n 
1 128 PRO n 
1 129 PHE n 
1 130 GLU n 
1 131 ASP n 
1 132 ALA n 
1 133 SER n 
1 134 PHE n 
1 135 ALA n 
1 136 LEU n 
1 137 ARG n 
1 138 THR n 
1 139 GLY n 
1 140 GLU n 
1 141 MET n 
1 142 SER n 
1 143 GLY n 
1 144 PRO n 
1 145 VAL n 
1 146 PHE n 
1 147 THR n 
1 148 ASP n 
1 149 SER n 
1 150 GLY n 
1 151 ILE n 
1 152 HIS n 
1 153 ILE n 
1 154 ILE n 
1 155 LEU n 
1 156 ARG n 
1 157 THR n 
1 158 GLU n 
# 
_entity_src_gen.entity_id                          1 
_entity_src_gen.pdbx_src_id                        1 
_entity_src_gen.pdbx_alt_source_flag               sample 
_entity_src_gen.pdbx_seq_type                      ? 
_entity_src_gen.pdbx_beg_seq_num                   ? 
_entity_src_gen.pdbx_end_seq_num                   ? 
_entity_src_gen.gene_src_common_name               human 
_entity_src_gen.gene_src_genus                     ? 
_entity_src_gen.pdbx_gene_src_gene                 PIN1 
_entity_src_gen.gene_src_species                   ? 
_entity_src_gen.gene_src_strain                    ? 
_entity_src_gen.gene_src_tissue                    ? 
_entity_src_gen.gene_src_tissue_fraction           ? 
_entity_src_gen.gene_src_details                   ? 
_entity_src_gen.pdbx_gene_src_fragment             ? 
_entity_src_gen.pdbx_gene_src_scientific_name      'Homo sapiens' 
_entity_src_gen.pdbx_gene_src_ncbi_taxonomy_id     9606 
_entity_src_gen.pdbx_gene_src_variant              ? 
_entity_src_gen.pdbx_gene_src_cell_line            ? 
_entity_src_gen.pdbx_gene_src_atcc                 ? 
_entity_src_gen.pdbx_gene_src_organ                ? 
_entity_src_gen.pdbx_gene_src_organelle            ? 
_entity_src_gen.pdbx_gene_src_cell                 ? 
_entity_src_gen.pdbx_gene_src_cellular_location    ? 
_entity_src_gen.host_org_common_name               ? 
_entity_src_gen.pdbx_host_org_scientific_name      'Escherichia coli' 
_entity_src_gen.pdbx_host_org_ncbi_taxonomy_id     562 
_entity_src_gen.host_org_genus                     ? 
_entity_src_gen.pdbx_host_org_gene                 ? 
_entity_src_gen.pdbx_host_org_organ                ? 
_entity_src_gen.host_org_species                   ? 
_entity_src_gen.pdbx_host_org_tissue               ? 
_entity_src_gen.pdbx_host_org_tissue_fraction      ? 
_entity_src_gen.pdbx_host_org_strain               ? 
_entity_src_gen.pdbx_host_org_variant              ? 
_entity_src_gen.pdbx_host_org_cell_line            ? 
_entity_src_gen.pdbx_host_org_atcc                 ? 
_entity_src_gen.pdbx_host_org_culture_collection   ? 
_entity_src_gen.pdbx_host_org_cell                 ? 
_entity_src_gen.pdbx_host_org_organelle            ? 
_entity_src_gen.pdbx_host_org_cellular_location    ? 
_entity_src_gen.pdbx_host_org_vector_type          ? 
_entity_src_gen.pdbx_host_org_vector               ? 
_entity_src_gen.host_org_details                   ? 
_entity_src_gen.expression_system_id               ? 
_entity_src_gen.plasmid_name                       ? 
_entity_src_gen.plasmid_details                    ? 
_entity_src_gen.pdbx_description                   ? 
# 
loop_
_chem_comp.id 
_chem_comp.type 
_chem_comp.mon_nstd_flag 
_chem_comp.name 
_chem_comp.pdbx_synonyms 
_chem_comp.formula 
_chem_comp.formula_weight 
ALA 'L-peptide linking' y ALANINE ?                             'C3 H7 N O2'      89.093  
ARG 'L-peptide linking' y ARGININE ?                             'C6 H15 N4 O2 1'  175.209 
ASN 'L-peptide linking' y ASPARAGINE ?                             'C4 H8 N2 O3'     132.118 
ASP 'L-peptide linking' y 'ASPARTIC ACID' ?                             'C4 H7 N O4'      133.103 
CYS 'L-peptide linking' y CYSTEINE ?                             'C3 H7 N O2 S'    121.158 
GLN 'L-peptide linking' y GLUTAMINE ?                             'C5 H10 N2 O3'    146.144 
GLU 'L-peptide linking' y 'GLUTAMIC ACID' ?                             'C5 H9 N O4'      147.129 
GLY 'peptide linking'   y GLYCINE ?                             'C2 H5 N O2'      75.067  
HIS 'L-peptide linking' y HISTIDINE ?                             'C6 H10 N3 O2 1'  156.162 
HOH non-polymer         . WATER ?                             'H2 O'            18.015  
ILE 'L-peptide linking' y ISOLEUCINE ?                             'C6 H13 N O2'     131.173 
LEU 'L-peptide linking' y LEUCINE ?                             'C6 H13 N O2'     131.173 
LYS 'L-peptide linking' y LYSINE ?                             'C6 H15 N2 O2 1'  147.195 
MET 'L-peptide linking' y METHIONINE ?                             'C5 H11 N O2 S'   149.211 
PE4 non-polymer         . '2-{2-[2-(2-{2-[2-(2-ETHOXY-ETHOXY)-ETHOXY]-ETHOXY}-ETHOXY)-ETHOXY]-ETHOXY}-ETHANOL' 
'POLYETHYLENE GLYCOL PEG4000' 'C16 H34 O8'      354.436 
PHE 'L-peptide linking' y PHENYLALANINE ?                             'C9 H11 N O2'     165.189 
PRO 'L-peptide linking' y PROLINE ?                             'C5 H9 N O2'      115.130 
R2Z non-polymer         . 
'N~2~-({(1R,2Z)-2-[(2R)-2-(formylamino)-3-(phosphonooxy)propylidene]cyclopentyl}carbonyl)-L-argininamide' ? 'C16 H29 N6 O7 P' 
448.411 
SER 'L-peptide linking' y SERINE ?                             'C3 H7 N O3'      105.093 
THR 'L-peptide linking' y THREONINE ?                             'C4 H9 N O3'      119.119 
TRP 'L-peptide linking' y TRYPTOPHAN ?                             'C11 H12 N2 O2'   204.225 
TYR 'L-peptide linking' y TYROSINE ?                             'C9 H11 N O3'     181.189 
VAL 'L-peptide linking' y VALINE ?                             'C5 H11 N O2'     117.146 
# 
loop_
_pdbx_poly_seq_scheme.asym_id 
_pdbx_poly_seq_scheme.entity_id 
_pdbx_poly_seq_scheme.seq_id 
_pdbx_poly_seq_scheme.mon_id 
_pdbx_poly_seq_scheme.ndb_seq_num 
_pdbx_poly_seq_scheme.pdb_seq_num 
_pdbx_poly_seq_scheme.auth_seq_num 
_pdbx_poly_seq_scheme.pdb_mon_id 
_pdbx_poly_seq_scheme.auth_mon_id 
_pdbx_poly_seq_scheme.pdb_strand_id 
_pdbx_poly_seq_scheme.pdb_ins_code 
_pdbx_poly_seq_scheme.hetero 
A 1 1   LYS 1   6   6   LYS LYS A . n 
A 1 2   LEU 2   7   7   LEU LEU A . n 
A 1 3   PRO 3   8   8   PRO PRO A . n 
A 1 4   PRO 4   9   9   PRO PRO A . n 
A 1 5   GLY 5   10  10  GLY GLY A . n 
A 1 6   TRP 6   11  11  TRP TRP A . n 
A 1 7   GLU 7   12  12  GLU GLU A . n 
A 1 8   LYS 8   13  13  LYS LYS A . n 
A 1 9   ALA 9   14  14  ALA ALA A . n 
A 1 10  MET 10  15  15  MET MET A . n 
A 1 11  SER 11  16  16  SER SER A . n 
A 1 12  ARG 12  17  17  ARG ARG A . n 
A 1 13  SER 13  18  18  SER SER A . n 
A 1 14  SER 14  19  19  SER SER A . n 
A 1 15  GLY 15  20  20  GLY GLY A . n 
A 1 16  ARG 16  21  21  ARG ARG A . n 
A 1 17  VAL 17  22  22  VAL VAL A . n 
A 1 18  TYR 18  23  23  TYR TYR A . n 
A 1 19  TYR 19  24  24  TYR TYR A . n 
A 1 20  PHE 20  25  25  PHE PHE A . n 
A 1 21  ASN 21  26  26  ASN ASN A . n 
A 1 22  HIS 22  27  27  HIS HIS A . n 
A 1 23  ILE 23  28  28  ILE ILE A . n 
A 1 24  THR 24  29  29  THR THR A . n 
A 1 25  ASN 25  30  30  ASN ASN A . n 
A 1 26  ALA 26  31  31  ALA ALA A . n 
A 1 27  SER 27  32  32  SER SER A . n 
A 1 28  GLN 28  33  33  GLN GLN A . n 
A 1 29  TRP 29  34  34  TRP TRP A . n 
A 1 30  GLU 30  35  35  GLU GLU A . n 
A 1 31  ARG 31  36  36  ARG ARG A . n 
A 1 32  PRO 32  37  37  PRO PRO A . n 
A 1 33  SER 33  38  38  SER SER A . n 
A 1 34  GLY 34  39  ?   ?   ?   A . n 
A 1 35  ASN 35  40  ?   ?   ?   A . n 
A 1 36  SER 36  41  ?   ?   ?   A . n 
A 1 37  SER 37  42  ?   ?   ?   A . n 
A 1 38  SER 38  43  ?   ?   ?   A . n 
A 1 39  GLY 39  44  ?   ?   ?   A . n 
A 1 40  GLY 40  45  ?   ?   ?   A . n 
A 1 41  LYS 41  46  ?   ?   ?   A . n 
A 1 42  ASN 42  47  ?   ?   ?   A . n 
A 1 43  GLY 43  48  ?   ?   ?   A . n 
A 1 44  GLN 44  49  ?   ?   ?   A . n 
A 1 45  GLY 45  50  ?   ?   ?   A . n 
A 1 46  GLU 46  51  51  GLU GLU A . n 
A 1 47  PRO 47  52  52  PRO PRO A . n 
A 1 48  ALA 48  53  53  ALA ALA A . n 
A 1 49  ARG 49  54  54  ARG ARG A . n 
A 1 50  VAL 50  55  55  VAL VAL A . n 
A 1 51  ARG 51  56  56  ARG ARG A . n 
A 1 52  CYS 52  57  57  CYS CYS A . n 
A 1 53  SER 53  58  58  SER SER A . n 
A 1 54  HIS 54  59  59  HIS HIS A . n 
A 1 55  LEU 55  60  60  LEU LEU A . n 
A 1 56  LEU 56  61  61  LEU LEU A . n 
A 1 57  VAL 57  62  62  VAL VAL A . n 
A 1 58  LYS 58  63  63  LYS LYS A . n 
A 1 59  HIS 59  64  64  HIS HIS A . n 
A 1 60  SER 60  65  65  SER SER A . n 
A 1 61  GLN 61  66  66  GLN GLN A . n 
A 1 62  SER 62  67  67  SER SER A . n 
A 1 63  ARG 63  68  68  ARG ARG A . n 
A 1 64  ARG 64  69  69  ARG ARG A . n 
A 1 65  PRO 65  70  70  PRO PRO A . n 
A 1 66  SER 66  71  71  SER SER A . n 
A 1 67  SER 67  72  72  SER SER A . n 
A 1 68  TRP 68  73  73  TRP TRP A . n 
A 1 69  ARG 69  74  74  ARG ARG A . n 
A 1 70  GLN 70  75  75  GLN GLN A . n 
A 1 71  GLU 71  76  76  GLU GLU A . n 
A 1 72  LYS 72  77  77  LYS LYS A . n 
A 1 73  ILE 73  78  78  ILE ILE A . n 
A 1 74  THR 74  79  79  THR THR A . n 
A 1 75  ARG 75  80  80  ARG ARG A . n 
A 1 76  THR 76  81  81  THR THR A . n 
A 1 77  LYS 77  82  82  LYS LYS A . n 
A 1 78  GLU 78  83  83  GLU GLU A . n 
A 1 79  GLU 79  84  84  GLU GLU A . n 
A 1 80  ALA 80  85  85  ALA ALA A . n 
A 1 81  LEU 81  86  86  LEU LEU A . n 
A 1 82  GLU 82  87  87  GLU GLU A . n 
A 1 83  LEU 83  88  88  LEU LEU A . n 
A 1 84  ILE 84  89  89  ILE ILE A . n 
A 1 85  ASN 85  90  90  ASN ASN A . n 
A 1 86  GLY 86  91  91  GLY GLY A . n 
A 1 87  TYR 87  92  92  TYR TYR A . n 
A 1 88  ILE 88  93  93  ILE ILE A . n 
A 1 89  GLN 89  94  94  GLN GLN A . n 
A 1 90  LYS 90  95  95  LYS LYS A . n 
A 1 91  ILE 91  96  96  ILE ILE A . n 
A 1 92  LYS 92  97  97  LYS LYS A . n 
A 1 93  SER 93  98  98  SER SER A . n 
A 1 94  GLY 94  99  99  GLY GLY A . n 
A 1 95  GLU 95  100 100 GLU GLU A . n 
A 1 96  GLU 96  101 101 GLU GLU A . n 
A 1 97  ASP 97  102 102 ASP ASP A . n 
A 1 98  PHE 98  103 103 PHE PHE A . n 
A 1 99  GLU 99  104 104 GLU GLU A . n 
A 1 100 SER 100 105 105 SER SER A . n 
A 1 101 LEU 101 106 106 LEU LEU A . n 
A 1 102 ALA 102 107 107 ALA ALA A . n 
A 1 103 SER 103 108 108 SER SER A . n 
A 1 104 GLN 104 109 109 GLN GLN A . n 
A 1 105 PHE 105 110 110 PHE PHE A . n 
A 1 106 SER 106 111 111 SER SER A . n 
A 1 107 ASP 107 112 112 ASP ASP A . n 
A 1 108 CYS 108 113 113 CYS CYS A . n 
A 1 109 SER 109 114 114 SER SER A . n 
A 1 110 SER 110 115 115 SER SER A . n 
A 1 111 ALA 111 116 116 ALA ALA A . n 
A 1 112 LYS 112 117 117 LYS LYS A . n 
A 1 113 ALA 113 118 118 ALA ALA A . n 
A 1 114 ARG 114 119 119 ARG ARG A . n 
A 1 115 GLY 115 120 120 GLY GLY A . n 
A 1 116 ASP 116 121 121 ASP ASP A . n 
A 1 117 LEU 117 122 122 LEU LEU A . n 
A 1 118 GLY 118 123 123 GLY GLY A . n 
A 1 119 ALA 119 124 124 ALA ALA A . n 
A 1 120 PHE 120 125 125 PHE PHE A . n 
A 1 121 SER 121 126 126 SER SER A . n 
A 1 122 ARG 122 127 127 ARG ARG A . n 
A 1 123 GLY 123 128 128 GLY GLY A . n 
A 1 124 GLN 124 129 129 GLN GLN A . n 
A 1 125 MET 125 130 130 MET MET A . n 
A 1 126 GLN 126 131 131 GLN GLN A . n 
A 1 127 LYS 127 132 132 LYS LYS A . n 
A 1 128 PRO 128 133 133 PRO PRO A . n 
A 1 129 PHE 129 134 134 PHE PHE A . n 
A 1 130 GLU 130 135 135 GLU GLU A . n 
A 1 131 ASP 131 136 136 ASP ASP A . n 
A 1 132 ALA 132 137 137 ALA ALA A . n 
A 1 133 SER 133 138 138 SER SER A . n 
A 1 134 PHE 134 139 139 PHE PHE A . n 
A 1 135 ALA 135 140 140 ALA ALA A . n 
A 1 136 LEU 136 141 141 LEU LEU A . n 
A 1 137 ARG 137 142 142 ARG ARG A . n 
A 1 138 THR 138 143 143 THR THR A . n 
A 1 139 GLY 139 144 144 GLY GLY A . n 
A 1 140 GLU 140 145 145 GLU GLU A . n 
A 1 141 MET 141 146 146 MET MET A . n 
A 1 142 SER 142 147 147 SER SER A . n 
A 1 143 GLY 143 148 148 GLY GLY A . n 
A 1 144 PRO 144 149 149 PRO PRO A . n 
A 1 145 VAL 145 150 150 VAL VAL A . n 
A 1 146 PHE 146 151 151 PHE PHE A . n 
A 1 147 THR 147 152 152 THR THR A . n 
A 1 148 ASP 148 153 153 ASP ASP A . n 
A 1 149 SER 149 154 154 SER SER A . n 
A 1 150 GLY 150 155 155 GLY GLY A . n 
A 1 151 ILE 151 156 156 ILE ILE A . n 
A 1 152 HIS 152 157 157 HIS HIS A . n 
A 1 153 ILE 153 158 158 ILE ILE A . n 
A 1 154 ILE 154 159 159 ILE ILE A . n 
A 1 155 LEU 155 160 160 LEU LEU A . n 
A 1 156 ARG 156 161 161 ARG ARG A . n 
A 1 157 THR 157 162 162 THR THR A . n 
A 1 158 GLU 158 163 163 GLU GLU A . n 
# 
loop_
_pdbx_nonpoly_scheme.asym_id 
_pdbx_nonpoly_scheme.entity_id 
_pdbx_nonpoly_scheme.mon_id 
_pdbx_nonpoly_scheme.ndb_seq_num 
_pdbx_nonpoly_scheme.pdb_seq_num 
_pdbx_nonpoly_scheme.auth_seq_num 
_pdbx_nonpoly_scheme.pdb_mon_id 
_pdbx_nonpoly_scheme.auth_mon_id 
_pdbx_nonpoly_scheme.pdb_strand_id 
_pdbx_nonpoly_scheme.pdb_ins_code 
B 2 R2Z 1  1   1   R2Z R2Z A . 
C 3 PE4 1  300 300 PE4 PE4 A . 
D 4 HOH 1  2   2   HOH HOH A . 
D 4 HOH 2  3   3   HOH HOH A . 
D 4 HOH 3  4   4   HOH HOH A . 
D 4 HOH 4  5   5   HOH HOH A . 
D 4 HOH 5  164 1   HOH HOH A . 
D 4 HOH 6  165 6   HOH HOH A . 
D 4 HOH 7  166 7   HOH HOH A . 
D 4 HOH 8  167 8   HOH HOH A . 
D 4 HOH 9  168 9   HOH HOH A . 
D 4 HOH 10 169 10  HOH HOH A . 
D 4 HOH 11 170 11  HOH HOH A . 
D 4 HOH 12 171 12  HOH HOH A . 
D 4 HOH 13 172 13  HOH HOH A . 
D 4 HOH 14 173 14  HOH HOH A . 
D 4 HOH 15 174 15  HOH HOH A . 
D 4 HOH 16 175 16  HOH HOH A . 
D 4 HOH 17 176 17  HOH HOH A . 
D 4 HOH 18 177 18  HOH HOH A . 
D 4 HOH 19 178 19  HOH HOH A . 
D 4 HOH 20 179 20  HOH HOH A . 
D 4 HOH 21 180 21  HOH HOH A . 
D 4 HOH 22 181 22  HOH HOH A . 
D 4 HOH 23 182 23  HOH HOH A . 
D 4 HOH 24 183 24  HOH HOH A . 
D 4 HOH 25 184 25  HOH HOH A . 
D 4 HOH 26 185 26  HOH HOH A . 
D 4 HOH 27 186 27  HOH HOH A . 
D 4 HOH 28 187 28  HOH HOH A . 
D 4 HOH 29 188 29  HOH HOH A . 
D 4 HOH 30 189 30  HOH HOH A . 
D 4 HOH 31 190 31  HOH HOH A . 
D 4 HOH 32 191 32  HOH HOH A . 
D 4 HOH 33 192 33  HOH HOH A . 
D 4 HOH 34 193 34  HOH HOH A . 
D 4 HOH 35 194 35  HOH HOH A . 
D 4 HOH 36 195 36  HOH HOH A . 
D 4 HOH 37 196 37  HOH HOH A . 
D 4 HOH 38 197 38  HOH HOH A . 
D 4 HOH 39 198 39  HOH HOH A . 
D 4 HOH 40 199 40  HOH HOH A . 
D 4 HOH 41 200 41  HOH HOH A . 
D 4 HOH 42 201 42  HOH HOH A . 
D 4 HOH 43 202 43  HOH HOH A . 
D 4 HOH 44 203 44  HOH HOH A . 
D 4 HOH 45 204 45  HOH HOH A . 
D 4 HOH 46 205 46  HOH HOH A . 
D 4 HOH 47 206 47  HOH HOH A . 
D 4 HOH 48 207 48  HOH HOH A . 
D 4 HOH 49 208 49  HOH HOH A . 
D 4 HOH 50 209 50  HOH HOH A . 
D 4 HOH 51 210 51  HOH HOH A . 
D 4 HOH 52 211 52  HOH HOH A . 
D 4 HOH 53 212 53  HOH HOH A . 
D 4 HOH 54 213 54  HOH HOH A . 
D 4 HOH 55 214 55  HOH HOH A . 
D 4 HOH 56 215 56  HOH HOH A . 
D 4 HOH 57 216 57  HOH HOH A . 
D 4 HOH 58 217 58  HOH HOH A . 
D 4 HOH 59 218 59  HOH HOH A . 
D 4 HOH 60 219 60  HOH HOH A . 
D 4 HOH 61 220 61  HOH HOH A . 
D 4 HOH 62 221 62  HOH HOH A . 
D 4 HOH 63 222 63  HOH HOH A . 
D 4 HOH 64 223 64  HOH HOH A . 
D 4 HOH 65 224 65  HOH HOH A . 
D 4 HOH 66 225 66  HOH HOH A . 
D 4 HOH 67 226 67  HOH HOH A . 
D 4 HOH 68 227 68  HOH HOH A . 
D 4 HOH 69 228 69  HOH HOH A . 
D 4 HOH 70 229 70  HOH HOH A . 
D 4 HOH 71 230 71  HOH HOH A . 
D 4 HOH 72 231 72  HOH HOH A . 
D 4 HOH 73 232 73  HOH HOH A . 
D 4 HOH 74 233 74  HOH HOH A . 
D 4 HOH 75 234 75  HOH HOH A . 
D 4 HOH 76 235 76  HOH HOH A . 
D 4 HOH 77 236 77  HOH HOH A . 
D 4 HOH 78 237 78  HOH HOH A . 
D 4 HOH 79 238 79  HOH HOH A . 
D 4 HOH 80 239 80  HOH HOH A . 
D 4 HOH 81 240 81  HOH HOH A . 
D 4 HOH 82 241 82  HOH HOH A . 
D 4 HOH 83 242 83  HOH HOH A . 
D 4 HOH 84 243 84  HOH HOH A . 
D 4 HOH 85 244 85  HOH HOH A . 
D 4 HOH 86 245 86  HOH HOH A . 
D 4 HOH 87 246 87  HOH HOH A . 
# 
loop_
_software.pdbx_ordinal 
_software.name 
_software.version 
_software.date 
_software.type 
_software.contact_author 
_software.contact_author_email 
_software.classification 
_software.location 
_software.language 
_software.citation_id 
1 PHASER      .        ?               program 'Randy J. Read'      cimr-phaser@lists.cam.ac.uk phasing           
http://www-structmed.cimr.cam.ac.uk/phaser/  ?          ? 
2 REFMAC      5.2.0019 ?               program 'Garib N. Murshudov' garib@ysbl.york.ac.uk       refinement        
http://www.ccp4.ac.uk/dist/html/refmac5.html Fortran_77 ? 
3 PDB_EXTRACT 3.10     'June 10, 2010' package PDB                  deposit@deposit.rcsb.org    'data extraction' 
http://sw-tools.pdb.org/apps/PDB_EXTRACT/    C++        ? 
4 DENZO       .        ?               ?       ?                    ?                           'data reduction'  ? ?          ? 
5 SCALA       .        ?               ?       ?                    ?                           'data scaling'    ? ?          ? 
# 
_cell.length_a           69.389 
_cell.length_b           69.389 
_cell.length_c           79.607 
_cell.angle_alpha        90.000 
_cell.angle_beta         90.000 
_cell.angle_gamma        120.000 
_cell.entry_id           3TCZ 
_cell.pdbx_unique_axis   ? 
_cell.Z_PDB              6 
_cell.length_a_esd       ? 
_cell.length_b_esd       ? 
_cell.length_c_esd       ? 
_cell.angle_alpha_esd    ? 
_cell.angle_beta_esd     ? 
_cell.angle_gamma_esd    ? 
# 
_symmetry.space_group_name_H-M             'P 31 2 1' 
_symmetry.entry_id                         3TCZ 
_symmetry.Int_Tables_number                152 
_symmetry.pdbx_full_space_group_name_H-M   ? 
_symmetry.cell_setting                     ? 
_symmetry.space_group_name_Hall            ? 
# 
_exptl.crystals_number   1 
_exptl.entry_id          3TCZ 
_exptl.method            'X-RAY DIFFRACTION' 
# 
_exptl_crystal.id                    1 
_exptl_crystal.density_Matthews      3.14 
_exptl_crystal.density_meas          ? 
_exptl_crystal.density_percent_sol   60.85 
_exptl_crystal.description           ? 
_exptl_crystal.F_000                 ? 
_exptl_crystal.preparation           ? 
# 
_exptl_crystal_grow.crystal_id      1 
_exptl_crystal_grow.method          'VAPOR DIFFUSION, HANGING DROP' 
_exptl_crystal_grow.pH              7.5 
_exptl_crystal_grow.temp            277 
_exptl_crystal_grow.temp_details    ? 
_exptl_crystal_grow.pdbx_details    
'1.9-2.2 M ammonium sulfate, 1% PEG400 at pH 7.5 in 50 mM HEPES buffer, VAPOR DIFFUSION, HANGING DROP, temperature 277K' 
_exptl_crystal_grow.pdbx_pH_range   ? 
# 
_diffrn.id                     1 
_diffrn.ambient_temp           100 
_diffrn.ambient_temp_details   ? 
_diffrn.crystal_id             1 
# 
_diffrn_detector.diffrn_id              1 
_diffrn_detector.detector               'IMAGE PLATE' 
_diffrn_detector.type                   'MACSCIENCE DIP100' 
_diffrn_detector.pdbx_collection_date   2004-04-22 
_diffrn_detector.details                ? 
# 
_diffrn_radiation.diffrn_id                        1 
_diffrn_radiation.wavelength_id                    1 
_diffrn_radiation.pdbx_diffrn_protocol             'SINGLE WAVELENGTH' 
_diffrn_radiation.monochromator                    GRAPHITE 
_diffrn_radiation.pdbx_monochromatic_or_laue_m_l   M 
_diffrn_radiation.pdbx_scattering_type             x-ray 
# 
_diffrn_radiation_wavelength.id           1 
_diffrn_radiation_wavelength.wavelength   1.5418 
_diffrn_radiation_wavelength.wt           1.0 
# 
_diffrn_source.diffrn_id                   1 
_diffrn_source.source                      'ROTATING ANODE' 
_diffrn_source.type                        MACSCIENCE 
_diffrn_source.pdbx_wavelength             ? 
_diffrn_source.pdbx_wavelength_list        1.5418 
_diffrn_source.pdbx_synchrotron_site       ? 
_diffrn_source.pdbx_synchrotron_beamline   ? 
# 
_reflns.entry_id                     3TCZ 
_reflns.observed_criterion_sigma_F   -3 
_reflns.observed_criterion_sigma_I   -3 
_reflns.d_resolution_high            2.1 
_reflns.d_resolution_low             50 
_reflns.number_all                   12458 
_reflns.number_obs                   11618 
_reflns.percent_possible_obs         93.2 
_reflns.pdbx_Rsym_value              0.054 
_reflns.pdbx_netI_over_sigmaI        26.4 
_reflns.B_iso_Wilson_estimate        ? 
_reflns.pdbx_redundancy              ? 
_reflns.R_free_details               ? 
_reflns.limit_h_max                  ? 
_reflns.limit_h_min                  ? 
_reflns.limit_k_max                  ? 
_reflns.limit_k_min                  ? 
_reflns.limit_l_max                  ? 
_reflns.limit_l_min                  ? 
_reflns.observed_criterion_F_max     ? 
_reflns.observed_criterion_F_min     ? 
_reflns.pdbx_chi_squared             ? 
_reflns.pdbx_scaling_rejects         ? 
_reflns.pdbx_Rmerge_I_obs            ? 
_reflns.pdbx_ordinal                 1 
_reflns.pdbx_diffrn_id               1 
# 
_reflns_shell.d_res_high             2.10 
_reflns_shell.d_res_low              2.18 
_reflns_shell.percent_possible_obs   ? 
_reflns_shell.percent_possible_all   84.8 
_reflns_shell.Rmerge_I_obs           ? 
_reflns_shell.meanI_over_sigI_obs    2.5 
_reflns_shell.pdbx_Rsym_value        0.476 
_reflns_shell.pdbx_redundancy        ? 
_reflns_shell.number_unique_all      ? 
_reflns_shell.number_measured_all    ? 
_reflns_shell.number_measured_obs    ? 
_reflns_shell.number_unique_obs      ? 
_reflns_shell.pdbx_chi_squared       ? 
_reflns_shell.pdbx_ordinal           1 
_reflns_shell.pdbx_diffrn_id         1 
# 
_refine.entry_id                                 3TCZ 
_refine.ls_d_res_high                            2.1000 
_refine.ls_d_res_low                             33.1900 
_refine.pdbx_ls_sigma_F                          0.000 
_refine.pdbx_data_cutoff_high_absF               ? 
_refine.pdbx_data_cutoff_low_absF                ? 
_refine.ls_percent_reflns_obs                    93.4500 
_refine.ls_number_reflns_obs                     11618 
_refine.ls_number_reflns_all                     12432 
_refine.pdbx_ls_cross_valid_method               THROUGHOUT 
_refine.pdbx_R_Free_selection_details            RANDOM 
_refine.details                                  'HYDROGENS HAVE BEEN ADDED IN THE RIDING POSITIONS' 
_refine.ls_R_factor_obs                          0.2277 
_refine.ls_R_factor_R_work                       0.2234 
_refine.ls_wR_factor_R_work                      ? 
_refine.ls_R_factor_R_free                       0.2648 
_refine.ls_wR_factor_R_free                      ? 
_refine.ls_percent_reflns_R_free                 10.2000 
_refine.ls_number_reflns_R_free                  1187 
_refine.ls_R_factor_R_free_error                 ? 
_refine.B_iso_mean                               33.3096 
_refine.solvent_model_param_bsol                 ? 
_refine.solvent_model_param_ksol                 ? 
_refine.pdbx_isotropic_thermal_model             ? 
_refine.aniso_B[1][1]                            1.3400 
_refine.aniso_B[2][2]                            1.3400 
_refine.aniso_B[3][3]                            -2.0000 
_refine.aniso_B[1][2]                            0.6700 
_refine.aniso_B[1][3]                            0.0000 
_refine.aniso_B[2][3]                            0.0000 
_refine.correlation_coeff_Fo_to_Fc               0.9390 
_refine.correlation_coeff_Fo_to_Fc_free          0.9160 
_refine.overall_SU_R_Cruickshank_DPI             ? 
_refine.overall_SU_R_free                        ? 
_refine.pdbx_overall_ESU_R_Free                  0.2090 
_refine.overall_SU_ML                            0.1510 
_refine.overall_SU_B                             5.6980 
_refine.solvent_model_details                    MASK 
_refine.pdbx_solvent_vdw_probe_radii             1.4000 
_refine.pdbx_solvent_ion_probe_radii             0.8000 
_refine.pdbx_solvent_shrinkage_radii             0.8000 
_refine.ls_number_parameters                     ? 
_refine.ls_number_restraints                     ? 
_refine.pdbx_starting_model                      ? 
_refine.pdbx_method_to_determine_struct          'MOLECULAR REPLACEMENT' 
_refine.pdbx_stereochemistry_target_values       'MAXIMUM LIKELIHOOD' 
_refine.pdbx_stereochem_target_val_spec_case     ? 
_refine.overall_FOM_work_R_set                   ? 
_refine.B_iso_max                                77.720 
_refine.B_iso_min                                17.880 
_refine.pdbx_overall_phase_error                 ? 
_refine.occupancy_max                            1.000 
_refine.occupancy_min                            1.000 
_refine.pdbx_ls_sigma_I                          ? 
_refine.ls_redundancy_reflns_obs                 ? 
_refine.ls_R_factor_R_free_error_details         ? 
_refine.pdbx_data_cutoff_high_rms_absF           ? 
_refine.overall_FOM_free_R_set                   ? 
_refine.ls_R_factor_all                          ? 
_refine.pdbx_diffrn_id                           1 
_refine.pdbx_refine_id                           'X-RAY DIFFRACTION' 
_refine.pdbx_overall_ESU_R                       ? 
_refine.pdbx_TLS_residual_ADP_flag               ? 
_refine.pdbx_overall_SU_R_free_Cruickshank_DPI   ? 
_refine.pdbx_overall_SU_R_Blow_DPI               ? 
_refine.pdbx_overall_SU_R_free_Blow_DPI          ? 
# 
_refine_hist.pdbx_refine_id                   'X-RAY DIFFRACTION' 
_refine_hist.cycle_id                         LAST 
_refine_hist.pdbx_number_atoms_protein        1164 
_refine_hist.pdbx_number_atoms_nucleic_acid   0 
_refine_hist.pdbx_number_atoms_ligand         54 
_refine_hist.number_atoms_solvent             87 
_refine_hist.number_atoms_total               1305 
_refine_hist.d_res_high                       2.1000 
_refine_hist.d_res_low                        33.1900 
# 
loop_
_refine_ls_restr.type 
_refine_ls_restr.number 
_refine_ls_restr.dev_ideal 
_refine_ls_restr.dev_ideal_target 
_refine_ls_restr.weight 
_refine_ls_restr.pdbx_restraint_function 
_refine_ls_restr.pdbx_refine_id 
r_bond_refined_d         1242 0.011  0.021  ? ? 'X-RAY DIFFRACTION' 
r_angle_refined_deg      1657 1.411  1.984  ? ? 'X-RAY DIFFRACTION' 
r_dihedral_angle_1_deg   144  6.208  5.000  ? ? 'X-RAY DIFFRACTION' 
r_dihedral_angle_2_deg   58   36.810 22.586 ? ? 'X-RAY DIFFRACTION' 
r_dihedral_angle_3_deg   215  15.418 15.000 ? ? 'X-RAY DIFFRACTION' 
r_dihedral_angle_4_deg   13   18.301 15.000 ? ? 'X-RAY DIFFRACTION' 
r_chiral_restr           166  0.092  0.200  ? ? 'X-RAY DIFFRACTION' 
r_gen_planes_refined     925  0.004  0.020  ? ? 'X-RAY DIFFRACTION' 
r_nbd_refined            579  0.213  0.200  ? ? 'X-RAY DIFFRACTION' 
r_nbtor_refined          823  0.290  0.200  ? ? 'X-RAY DIFFRACTION' 
r_xyhbond_nbd_refined    88   0.170  0.200  ? ? 'X-RAY DIFFRACTION' 
r_symmetry_vdw_refined   41   0.166  0.200  ? ? 'X-RAY DIFFRACTION' 
r_symmetry_hbond_refined 18   0.214  0.200  ? ? 'X-RAY DIFFRACTION' 
r_mcbond_it              753  0.756  1.500  ? ? 'X-RAY DIFFRACTION' 
r_mcangle_it             1161 1.288  2.000  ? ? 'X-RAY DIFFRACTION' 
r_scbond_it              559  1.825  3.000  ? ? 'X-RAY DIFFRACTION' 
r_scangle_it             496  2.894  4.500  ? ? 'X-RAY DIFFRACTION' 
# 
_refine_ls_shell.d_res_high                       2.1000 
_refine_ls_shell.d_res_low                        2.1540 
_refine_ls_shell.pdbx_total_number_of_bins_used   20 
_refine_ls_shell.percent_reflns_obs               82.7500 
_refine_ls_shell.number_reflns_R_work             585 
_refine_ls_shell.R_factor_all                     ? 
_refine_ls_shell.R_factor_R_work                  0.2960 
_refine_ls_shell.R_factor_R_free                  0.3730 
_refine_ls_shell.percent_reflns_R_free            ? 
_refine_ls_shell.number_reflns_R_free             72 
_refine_ls_shell.R_factor_R_free_error            ? 
_refine_ls_shell.number_reflns_all                657 
_refine_ls_shell.number_reflns_obs                ? 
_refine_ls_shell.redundancy_reflns_obs            ? 
_refine_ls_shell.pdbx_refine_id                   'X-RAY DIFFRACTION' 
# 
_struct.entry_id                  3TCZ 
_struct.title                     'Human Pin1 bound to cis peptidomimetic inhibitor' 
_struct.pdbx_model_details        ? 
_struct.pdbx_CASP_flag            ? 
_struct.pdbx_model_type_details   ? 
# 
_struct_keywords.entry_id        3TCZ 
_struct_keywords.pdbx_keywords   ISOMERASE/Inhibitor 
_struct_keywords.text            'PPIase domain, WW domain, Peptidyl-prolyl isomerase, ISOMERASE-Inhibitor complex' 
# 
loop_
_struct_asym.id 
_struct_asym.pdbx_blank_PDB_chainid_flag 
_struct_asym.pdbx_modified 
_struct_asym.entity_id 
_struct_asym.details 
A N N 1 ? 
B N N 2 ? 
C N N 3 ? 
D N N 4 ? 
# 
_struct_ref.id                         1 
_struct_ref.db_name                    UNP 
_struct_ref.db_code                    PIN1_HUMAN 
_struct_ref.pdbx_db_accession          Q13526 
_struct_ref.entity_id                  1 
_struct_ref.pdbx_seq_one_letter_code   
;KLPPGWEKRMSRSSGRVYYFNHITNASQWERPSGNSSSGGKNGQGEPARVRCSHLLVKHSQSRRPSSWRQEKITRTKEEA
LELINGYIQKIKSGEEDFESLASQFSDCSSAKARGDLGAFSRGQMQKPFEDASFALRTGEMSGPVFTDSGIHIILRTE
;
_struct_ref.pdbx_align_begin           6 
_struct_ref.pdbx_db_isoform            ? 
# 
_struct_ref_seq.align_id                      1 
_struct_ref_seq.ref_id                        1 
_struct_ref_seq.pdbx_PDB_id_code              3TCZ 
_struct_ref_seq.pdbx_strand_id                A 
_struct_ref_seq.seq_align_beg                 1 
_struct_ref_seq.pdbx_seq_align_beg_ins_code   ? 
_struct_ref_seq.seq_align_end                 158 
_struct_ref_seq.pdbx_seq_align_end_ins_code   ? 
_struct_ref_seq.pdbx_db_accession             Q13526 
_struct_ref_seq.db_align_beg                  6 
_struct_ref_seq.pdbx_db_align_beg_ins_code    ? 
_struct_ref_seq.db_align_end                  163 
_struct_ref_seq.pdbx_db_align_end_ins_code    ? 
_struct_ref_seq.pdbx_auth_seq_align_beg       6 
_struct_ref_seq.pdbx_auth_seq_align_end       163 
# 
_struct_ref_seq_dif.align_id                     1 
_struct_ref_seq_dif.pdbx_pdb_id_code             3TCZ 
_struct_ref_seq_dif.mon_id                       ALA 
_struct_ref_seq_dif.pdbx_pdb_strand_id           A 
_struct_ref_seq_dif.seq_num                      9 
_struct_ref_seq_dif.pdbx_pdb_ins_code            ? 
_struct_ref_seq_dif.pdbx_seq_db_name             UNP 
_struct_ref_seq_dif.pdbx_seq_db_accession_code   Q13526 
_struct_ref_seq_dif.db_mon_id                    ARG 
_struct_ref_seq_dif.pdbx_seq_db_seq_num          14 
_struct_ref_seq_dif.details                      'engineered mutation' 
_struct_ref_seq_dif.pdbx_auth_seq_num            14 
_struct_ref_seq_dif.pdbx_ordinal                 1 
# 
_pdbx_struct_assembly.id                   1 
_pdbx_struct_assembly.details              author_and_software_defined_assembly 
_pdbx_struct_assembly.method_details       PISA 
_pdbx_struct_assembly.oligomeric_details   monomeric 
_pdbx_struct_assembly.oligomeric_count     1 
# 
_pdbx_struct_assembly_gen.assembly_id       1 
_pdbx_struct_assembly_gen.oper_expression   1 
_pdbx_struct_assembly_gen.asym_id_list      A,B,C,D 
# 
_pdbx_struct_oper_list.id                   1 
_pdbx_struct_oper_list.type                 'identity operation' 
_pdbx_struct_oper_list.name                 1_555 
_pdbx_struct_oper_list.symmetry_operation   x,y,z 
_pdbx_struct_oper_list.matrix[1][1]         1.0000000000 
_pdbx_struct_oper_list.matrix[1][2]         0.0000000000 
_pdbx_struct_oper_list.matrix[1][3]         0.0000000000 
_pdbx_struct_oper_list.vector[1]            0.0000000000 
_pdbx_struct_oper_list.matrix[2][1]         0.0000000000 
_pdbx_struct_oper_list.matrix[2][2]         1.0000000000 
_pdbx_struct_oper_list.matrix[2][3]         0.0000000000 
_pdbx_struct_oper_list.vector[2]            0.0000000000 
_pdbx_struct_oper_list.matrix[3][1]         0.0000000000 
_pdbx_struct_oper_list.matrix[3][2]         0.0000000000 
_pdbx_struct_oper_list.matrix[3][3]         1.0000000000 
_pdbx_struct_oper_list.vector[3]            0.0000000000 
# 
loop_
_struct_conf.conf_type_id 
_struct_conf.id 
_struct_conf.pdbx_PDB_helix_id 
_struct_conf.beg_label_comp_id 
_struct_conf.beg_label_asym_id 
_struct_conf.beg_label_seq_id 
_struct_conf.pdbx_beg_PDB_ins_code 
_struct_conf.end_label_comp_id 
_struct_conf.end_label_asym_id 
_struct_conf.end_label_seq_id 
_struct_conf.pdbx_end_PDB_ins_code 
_struct_conf.beg_auth_comp_id 
_struct_conf.beg_auth_asym_id 
_struct_conf.beg_auth_seq_id 
_struct_conf.end_auth_comp_id 
_struct_conf.end_auth_asym_id 
_struct_conf.end_auth_seq_id 
_struct_conf.pdbx_PDB_helix_class 
_struct_conf.details 
_struct_conf.pdbx_PDB_helix_length 
HELX_P HELX_P1 1 THR A 76  ? SER A 93  ? THR A 81  SER A 98  1 ? 18 
HELX_P HELX_P2 2 ASP A 97  ? SER A 106 ? ASP A 102 SER A 111 1 ? 10 
HELX_P HELX_P3 3 CYS A 108 ? ARG A 114 ? CYS A 113 ARG A 119 5 ? 7  
HELX_P HELX_P4 4 GLN A 126 ? LEU A 136 ? GLN A 131 LEU A 141 1 ? 11 
# 
_struct_conf_type.id          HELX_P 
_struct_conf_type.criteria    ? 
_struct_conf_type.reference   ? 
# 
loop_
_struct_sheet.id 
_struct_sheet.type 
_struct_sheet.number_strands 
_struct_sheet.details 
A ? 3 ? 
B ? 4 ? 
# 
loop_
_struct_sheet_order.sheet_id 
_struct_sheet_order.range_id_1 
_struct_sheet_order.range_id_2 
_struct_sheet_order.offset 
_struct_sheet_order.sense 
A 1 2 ? anti-parallel 
A 2 3 ? anti-parallel 
B 1 2 ? anti-parallel 
B 2 3 ? anti-parallel 
B 3 4 ? anti-parallel 
# 
loop_
_struct_sheet_range.sheet_id 
_struct_sheet_range.id 
_struct_sheet_range.beg_label_comp_id 
_struct_sheet_range.beg_label_asym_id 
_struct_sheet_range.beg_label_seq_id 
_struct_sheet_range.pdbx_beg_PDB_ins_code 
_struct_sheet_range.end_label_comp_id 
_struct_sheet_range.end_label_asym_id 
_struct_sheet_range.end_label_seq_id 
_struct_sheet_range.pdbx_end_PDB_ins_code 
_struct_sheet_range.beg_auth_comp_id 
_struct_sheet_range.beg_auth_asym_id 
_struct_sheet_range.beg_auth_seq_id 
_struct_sheet_range.end_auth_comp_id 
_struct_sheet_range.end_auth_asym_id 
_struct_sheet_range.end_auth_seq_id 
A 1 TRP A 6   ? MET A 10  ? TRP A 11  MET A 15  
A 2 VAL A 17  ? ASN A 21  ? VAL A 22  ASN A 26  
A 3 SER A 27  ? GLN A 28  ? SER A 32  GLN A 33  
B 1 ASP A 116 ? PHE A 120 ? ASP A 121 PHE A 125 
B 2 VAL A 50  ? VAL A 57  ? VAL A 55  VAL A 62  
B 3 GLY A 150 ? ARG A 156 ? GLY A 155 ARG A 161 
B 4 VAL A 145 ? THR A 147 ? VAL A 150 THR A 152 
# 
loop_
_pdbx_struct_sheet_hbond.sheet_id 
_pdbx_struct_sheet_hbond.range_id_1 
_pdbx_struct_sheet_hbond.range_id_2 
_pdbx_struct_sheet_hbond.range_1_label_atom_id 
_pdbx_struct_sheet_hbond.range_1_label_comp_id 
_pdbx_struct_sheet_hbond.range_1_label_asym_id 
_pdbx_struct_sheet_hbond.range_1_label_seq_id 
_pdbx_struct_sheet_hbond.range_1_PDB_ins_code 
_pdbx_struct_sheet_hbond.range_1_auth_atom_id 
_pdbx_struct_sheet_hbond.range_1_auth_comp_id 
_pdbx_struct_sheet_hbond.range_1_auth_asym_id 
_pdbx_struct_sheet_hbond.range_1_auth_seq_id 
_pdbx_struct_sheet_hbond.range_2_label_atom_id 
_pdbx_struct_sheet_hbond.range_2_label_comp_id 
_pdbx_struct_sheet_hbond.range_2_label_asym_id 
_pdbx_struct_sheet_hbond.range_2_label_seq_id 
_pdbx_struct_sheet_hbond.range_2_PDB_ins_code 
_pdbx_struct_sheet_hbond.range_2_auth_atom_id 
_pdbx_struct_sheet_hbond.range_2_auth_comp_id 
_pdbx_struct_sheet_hbond.range_2_auth_asym_id 
_pdbx_struct_sheet_hbond.range_2_auth_seq_id 
A 1 2 N ALA A 9   ? N ALA A 14  O TYR A 18  ? O TYR A 23  
A 2 3 N TYR A 19  ? N TYR A 24  O GLN A 28  ? O GLN A 33  
B 1 2 O LEU A 117 ? O LEU A 122 N CYS A 52  ? N CYS A 57  
B 2 3 N SER A 53  ? N SER A 58  O LEU A 155 ? O LEU A 160 
B 3 4 O HIS A 152 ? O HIS A 157 N VAL A 145 ? N VAL A 150 
# 
loop_
_struct_site.id 
_struct_site.pdbx_evidence_code 
_struct_site.pdbx_auth_asym_id 
_struct_site.pdbx_auth_comp_id 
_struct_site.pdbx_auth_seq_id 
_struct_site.pdbx_auth_ins_code 
_struct_site.pdbx_num_residues 
_struct_site.details 
AC1 Software A R2Z 1   ? 11 'BINDING SITE FOR RESIDUE R2Z A 1'   
AC2 Software A PE4 300 ? 13 'BINDING SITE FOR RESIDUE PE4 A 300' 
# 
loop_
_struct_site_gen.id 
_struct_site_gen.site_id 
_struct_site_gen.pdbx_num_res 
_struct_site_gen.label_comp_id 
_struct_site_gen.label_asym_id 
_struct_site_gen.label_seq_id 
_struct_site_gen.pdbx_auth_ins_code 
_struct_site_gen.auth_comp_id 
_struct_site_gen.auth_asym_id 
_struct_site_gen.auth_seq_id 
_struct_site_gen.label_atom_id 
_struct_site_gen.label_alt_id 
_struct_site_gen.symmetry 
_struct_site_gen.details 
1  AC1 11 LYS A 58  ? LYS A 63  . ? 1_555 ? 
2  AC1 11 ARG A 63  ? ARG A 68  . ? 1_555 ? 
3  AC1 11 ARG A 64  ? ARG A 69  . ? 1_555 ? 
4  AC1 11 GLN A 124 ? GLN A 129 . ? 1_555 ? 
5  AC1 11 MET A 125 ? MET A 130 . ? 1_555 ? 
6  AC1 11 GLN A 126 ? GLN A 131 . ? 1_555 ? 
7  AC1 11 PHE A 129 ? PHE A 134 . ? 1_555 ? 
8  AC1 11 SER A 149 ? SER A 154 . ? 1_555 ? 
9  AC1 11 HOH D .   ? HOH A 169 . ? 1_555 ? 
10 AC1 11 HOH D .   ? HOH A 198 . ? 1_555 ? 
11 AC1 11 HOH D .   ? HOH A 234 . ? 1_555 ? 
12 AC2 13 HOH D .   ? HOH A 2   . ? 1_555 ? 
13 AC2 13 TYR A 18  ? TYR A 23  . ? 1_555 ? 
14 AC2 13 ALA A 26  ? ALA A 31  . ? 1_555 ? 
15 AC2 13 SER A 27  ? SER A 32  . ? 1_555 ? 
16 AC2 13 GLN A 28  ? GLN A 33  . ? 1_555 ? 
17 AC2 13 TRP A 29  ? TRP A 34  . ? 1_555 ? 
18 AC2 13 ILE A 88  ? ILE A 93  . ? 1_555 ? 
19 AC2 13 LYS A 92  ? LYS A 97  . ? 1_555 ? 
20 AC2 13 LYS A 92  ? LYS A 97  . ? 6_555 ? 
21 AC2 13 SER A 93  ? SER A 98  . ? 6_555 ? 
22 AC2 13 MET A 141 ? MET A 146 . ? 1_555 ? 
23 AC2 13 SER A 142 ? SER A 147 . ? 1_555 ? 
24 AC2 13 HOH D .   ? HOH A 209 . ? 1_555 ? 
# 
loop_
_pdbx_validate_close_contact.id 
_pdbx_validate_close_contact.PDB_model_num 
_pdbx_validate_close_contact.auth_atom_id_1 
_pdbx_validate_close_contact.auth_asym_id_1 
_pdbx_validate_close_contact.auth_comp_id_1 
_pdbx_validate_close_contact.auth_seq_id_1 
_pdbx_validate_close_contact.PDB_ins_code_1 
_pdbx_validate_close_contact.label_alt_id_1 
_pdbx_validate_close_contact.auth_atom_id_2 
_pdbx_validate_close_contact.auth_asym_id_2 
_pdbx_validate_close_contact.auth_comp_id_2 
_pdbx_validate_close_contact.auth_seq_id_2 
_pdbx_validate_close_contact.PDB_ins_code_2 
_pdbx_validate_close_contact.label_alt_id_2 
_pdbx_validate_close_contact.dist 
1 1 C  A GLU 163 ? ? O A HOH 237 ? ? 1.69 
2 1 NE A ARG 80  ? ? O A HOH 219 ? ? 2.07 
# 
_pdbx_validate_torsion.id              1 
_pdbx_validate_torsion.PDB_model_num   1 
_pdbx_validate_torsion.auth_comp_id    LEU 
_pdbx_validate_torsion.auth_asym_id    A 
_pdbx_validate_torsion.auth_seq_id     7 
_pdbx_validate_torsion.PDB_ins_code    ? 
_pdbx_validate_torsion.label_alt_id    ? 
_pdbx_validate_torsion.phi             84.34 
_pdbx_validate_torsion.psi             123.02 
# 
_diffrn_reflns.diffrn_id                   1 
_diffrn_reflns.pdbx_d_res_high             2.100 
_diffrn_reflns.pdbx_d_res_low              50.000 
_diffrn_reflns.pdbx_number_obs             12458 
_diffrn_reflns.pdbx_Rmerge_I_obs           0.054 
_diffrn_reflns.pdbx_Rsym_value             ? 
_diffrn_reflns.pdbx_chi_squared            0.94 
_diffrn_reflns.av_sigmaI_over_netI         ? 
_diffrn_reflns.pdbx_redundancy             ? 
_diffrn_reflns.pdbx_percent_possible_obs   93.20 
_diffrn_reflns.number                      68383 
_diffrn_reflns.pdbx_observed_criterion     ? 
_diffrn_reflns.limit_h_max                 ? 
_diffrn_reflns.limit_h_min                 ? 
_diffrn_reflns.limit_k_max                 ? 
_diffrn_reflns.limit_k_min                 ? 
_diffrn_reflns.limit_l_max                 ? 
_diffrn_reflns.limit_l_min                 ? 
# 
loop_
_pdbx_diffrn_reflns_shell.diffrn_id 
_pdbx_diffrn_reflns_shell.d_res_high 
_pdbx_diffrn_reflns_shell.d_res_low 
_pdbx_diffrn_reflns_shell.number_obs 
_pdbx_diffrn_reflns_shell.rejects 
_pdbx_diffrn_reflns_shell.Rmerge_I_obs 
_pdbx_diffrn_reflns_shell.Rsym_value 
_pdbx_diffrn_reflns_shell.chi_squared 
_pdbx_diffrn_reflns_shell.redundancy 
_pdbx_diffrn_reflns_shell.percent_possible_obs 
1 4.52 50.00 ? ? 0.023 ? 0.822 ? 92.80 
1 3.59 4.52  ? ? 0.024 ? 0.805 ? 95.30 
1 3.14 3.59  ? ? 0.040 ? 0.915 ? 94.50 
1 2.85 3.14  ? ? 0.064 ? 0.892 ? 94.80 
1 2.65 2.85  ? ? 0.114 ? 0.971 ? 94.50 
1 2.49 2.65  ? ? 0.151 ? 0.947 ? 94.60 
1 2.37 2.49  ? ? 0.235 ? 0.975 ? 94.40 
1 2.26 2.37  ? ? 0.330 ? 0.991 ? 94.10 
1 2.18 2.26  ? ? 0.405 ? 1.037 ? 91.70 
1 2.10 2.18  ? ? 0.476 ? 1.091 ? 84.80 
# 
_phasing.method   MR 
# 
loop_
_pdbx_unobs_or_zero_occ_residues.id 
_pdbx_unobs_or_zero_occ_residues.PDB_model_num 
_pdbx_unobs_or_zero_occ_residues.polymer_flag 
_pdbx_unobs_or_zero_occ_residues.occupancy_flag 
_pdbx_unobs_or_zero_occ_residues.auth_asym_id 
_pdbx_unobs_or_zero_occ_residues.auth_comp_id 
_pdbx_unobs_or_zero_occ_residues.auth_seq_id 
_pdbx_unobs_or_zero_occ_residues.PDB_ins_code 
_pdbx_unobs_or_zero_occ_residues.label_asym_id 
_pdbx_unobs_or_zero_occ_residues.label_comp_id 
_pdbx_unobs_or_zero_occ_residues.label_seq_id 
1  1 Y 1 A GLY 39 ? A GLY 34 
2  1 Y 1 A ASN 40 ? A ASN 35 
3  1 Y 1 A SER 41 ? A SER 36 
4  1 Y 1 A SER 42 ? A SER 37 
5  1 Y 1 A SER 43 ? A SER 38 
6  1 Y 1 A GLY 44 ? A GLY 39 
7  1 Y 1 A GLY 45 ? A GLY 40 
8  1 Y 1 A LYS 46 ? A LYS 41 
9  1 Y 1 A ASN 47 ? A ASN 42 
10 1 Y 1 A GLY 48 ? A GLY 43 
11 1 Y 1 A GLN 49 ? A GLN 44 
12 1 Y 1 A GLY 50 ? A GLY 45 
# 
loop_
_chem_comp_atom.comp_id 
_chem_comp_atom.atom_id 
_chem_comp_atom.type_symbol 
_chem_comp_atom.pdbx_aromatic_flag 
_chem_comp_atom.pdbx_stereo_config 
_chem_comp_atom.pdbx_ordinal 
ALA N    N N N 1   
ALA CA   C N S 2   
ALA C    C N N 3   
ALA O    O N N 4   
ALA CB   C N N 5   
ALA OXT  O N N 6   
ALA H    H N N 7   
ALA H2   H N N 8   
ALA HA   H N N 9   
ALA HB1  H N N 10  
ALA HB2  H N N 11  
ALA HB3  H N N 12  
ALA HXT  H N N 13  
ARG N    N N N 14  
ARG CA   C N S 15  
ARG C    C N N 16  
ARG O    O N N 17  
ARG CB   C N N 18  
ARG CG   C N N 19  
ARG CD   C N N 20  
ARG NE   N N N 21  
ARG CZ   C N N 22  
ARG NH1  N N N 23  
ARG NH2  N N N 24  
ARG OXT  O N N 25  
ARG H    H N N 26  
ARG H2   H N N 27  
ARG HA   H N N 28  
ARG HB2  H N N 29  
ARG HB3  H N N 30  
ARG HG2  H N N 31  
ARG HG3  H N N 32  
ARG HD2  H N N 33  
ARG HD3  H N N 34  
ARG HE   H N N 35  
ARG HH11 H N N 36  
ARG HH12 H N N 37  
ARG HH21 H N N 38  
ARG HH22 H N N 39  
ARG HXT  H N N 40  
ASN N    N N N 41  
ASN CA   C N S 42  
ASN C    C N N 43  
ASN O    O N N 44  
ASN CB   C N N 45  
ASN CG   C N N 46  
ASN OD1  O N N 47  
ASN ND2  N N N 48  
ASN OXT  O N N 49  
ASN H    H N N 50  
ASN H2   H N N 51  
ASN HA   H N N 52  
ASN HB2  H N N 53  
ASN HB3  H N N 54  
ASN HD21 H N N 55  
ASN HD22 H N N 56  
ASN HXT  H N N 57  
ASP N    N N N 58  
ASP CA   C N S 59  
ASP C    C N N 60  
ASP O    O N N 61  
ASP CB   C N N 62  
ASP CG   C N N 63  
ASP OD1  O N N 64  
ASP OD2  O N N 65  
ASP OXT  O N N 66  
ASP H    H N N 67  
ASP H2   H N N 68  
ASP HA   H N N 69  
ASP HB2  H N N 70  
ASP HB3  H N N 71  
ASP HD2  H N N 72  
ASP HXT  H N N 73  
CYS N    N N N 74  
CYS CA   C N R 75  
CYS C    C N N 76  
CYS O    O N N 77  
CYS CB   C N N 78  
CYS SG   S N N 79  
CYS OXT  O N N 80  
CYS H    H N N 81  
CYS H2   H N N 82  
CYS HA   H N N 83  
CYS HB2  H N N 84  
CYS HB3  H N N 85  
CYS HG   H N N 86  
CYS HXT  H N N 87  
GLN N    N N N 88  
GLN CA   C N S 89  
GLN C    C N N 90  
GLN O    O N N 91  
GLN CB   C N N 92  
GLN CG   C N N 93  
GLN CD   C N N 94  
GLN OE1  O N N 95  
GLN NE2  N N N 96  
GLN OXT  O N N 97  
GLN H    H N N 98  
GLN H2   H N N 99  
GLN HA   H N N 100 
GLN HB2  H N N 101 
GLN HB3  H N N 102 
GLN HG2  H N N 103 
GLN HG3  H N N 104 
GLN HE21 H N N 105 
GLN HE22 H N N 106 
GLN HXT  H N N 107 
GLU N    N N N 108 
GLU CA   C N S 109 
GLU C    C N N 110 
GLU O    O N N 111 
GLU CB   C N N 112 
GLU CG   C N N 113 
GLU CD   C N N 114 
GLU OE1  O N N 115 
GLU OE2  O N N 116 
GLU OXT  O N N 117 
GLU H    H N N 118 
GLU H2   H N N 119 
GLU HA   H N N 120 
GLU HB2  H N N 121 
GLU HB3  H N N 122 
GLU HG2  H N N 123 
GLU HG3  H N N 124 
GLU HE2  H N N 125 
GLU HXT  H N N 126 
GLY N    N N N 127 
GLY CA   C N N 128 
GLY C    C N N 129 
GLY O    O N N 130 
GLY OXT  O N N 131 
GLY H    H N N 132 
GLY H2   H N N 133 
GLY HA2  H N N 134 
GLY HA3  H N N 135 
GLY HXT  H N N 136 
HIS N    N N N 137 
HIS CA   C N S 138 
HIS C    C N N 139 
HIS O    O N N 140 
HIS CB   C N N 141 
HIS CG   C Y N 142 
HIS ND1  N Y N 143 
HIS CD2  C Y N 144 
HIS CE1  C Y N 145 
HIS NE2  N Y N 146 
HIS OXT  O N N 147 
HIS H    H N N 148 
HIS H2   H N N 149 
HIS HA   H N N 150 
HIS HB2  H N N 151 
HIS HB3  H N N 152 
HIS HD1  H N N 153 
HIS HD2  H N N 154 
HIS HE1  H N N 155 
HIS HE2  H N N 156 
HIS HXT  H N N 157 
HOH O    O N N 158 
HOH H1   H N N 159 
HOH H2   H N N 160 
ILE N    N N N 161 
ILE CA   C N S 162 
ILE C    C N N 163 
ILE O    O N N 164 
ILE CB   C N S 165 
ILE CG1  C N N 166 
ILE CG2  C N N 167 
ILE CD1  C N N 168 
ILE OXT  O N N 169 
ILE H    H N N 170 
ILE H2   H N N 171 
ILE HA   H N N 172 
ILE HB   H N N 173 
ILE HG12 H N N 174 
ILE HG13 H N N 175 
ILE HG21 H N N 176 
ILE HG22 H N N 177 
ILE HG23 H N N 178 
ILE HD11 H N N 179 
ILE HD12 H N N 180 
ILE HD13 H N N 181 
ILE HXT  H N N 182 
LEU N    N N N 183 
LEU CA   C N S 184 
LEU C    C N N 185 
LEU O    O N N 186 
LEU CB   C N N 187 
LEU CG   C N N 188 
LEU CD1  C N N 189 
LEU CD2  C N N 190 
LEU OXT  O N N 191 
LEU H    H N N 192 
LEU H2   H N N 193 
LEU HA   H N N 194 
LEU HB2  H N N 195 
LEU HB3  H N N 196 
LEU HG   H N N 197 
LEU HD11 H N N 198 
LEU HD12 H N N 199 
LEU HD13 H N N 200 
LEU HD21 H N N 201 
LEU HD22 H N N 202 
LEU HD23 H N N 203 
LEU HXT  H N N 204 
LYS N    N N N 205 
LYS CA   C N S 206 
LYS C    C N N 207 
LYS O    O N N 208 
LYS CB   C N N 209 
LYS CG   C N N 210 
LYS CD   C N N 211 
LYS CE   C N N 212 
LYS NZ   N N N 213 
LYS OXT  O N N 214 
LYS H    H N N 215 
LYS H2   H N N 216 
LYS HA   H N N 217 
LYS HB2  H N N 218 
LYS HB3  H N N 219 
LYS HG2  H N N 220 
LYS HG3  H N N 221 
LYS HD2  H N N 222 
LYS HD3  H N N 223 
LYS HE2  H N N 224 
LYS HE3  H N N 225 
LYS HZ1  H N N 226 
LYS HZ2  H N N 227 
LYS HZ3  H N N 228 
LYS HXT  H N N 229 
MET N    N N N 230 
MET CA   C N S 231 
MET C    C N N 232 
MET O    O N N 233 
MET CB   C N N 234 
MET CG   C N N 235 
MET SD   S N N 236 
MET CE   C N N 237 
MET OXT  O N N 238 
MET H    H N N 239 
MET H2   H N N 240 
MET HA   H N N 241 
MET HB2  H N N 242 
MET HB3  H N N 243 
MET HG2  H N N 244 
MET HG3  H N N 245 
MET HE1  H N N 246 
MET HE2  H N N 247 
MET HE3  H N N 248 
MET HXT  H N N 249 
PE4 O1   O N N 250 
PE4 C1   C N N 251 
PE4 C2   C N N 252 
PE4 O2   O N N 253 
PE4 C3   C N N 254 
PE4 C4   C N N 255 
PE4 O3   O N N 256 
PE4 C5   C N N 257 
PE4 C6   C N N 258 
PE4 O4   O N N 259 
PE4 C7   C N N 260 
PE4 C8   C N N 261 
PE4 O5   O N N 262 
PE4 C9   C N N 263 
PE4 C10  C N N 264 
PE4 O6   O N N 265 
PE4 C11  C N N 266 
PE4 C12  C N N 267 
PE4 O7   O N N 268 
PE4 C13  C N N 269 
PE4 C14  C N N 270 
PE4 O8   O N N 271 
PE4 C15  C N N 272 
PE4 C16  C N N 273 
PE4 HO1  H N N 274 
PE4 H11  H N N 275 
PE4 H12  H N N 276 
PE4 H21  H N N 277 
PE4 H22  H N N 278 
PE4 H31  H N N 279 
PE4 H32  H N N 280 
PE4 H41  H N N 281 
PE4 H42  H N N 282 
PE4 H51  H N N 283 
PE4 H52  H N N 284 
PE4 H61  H N N 285 
PE4 H62  H N N 286 
PE4 H71  H N N 287 
PE4 H72  H N N 288 
PE4 H81  H N N 289 
PE4 H82  H N N 290 
PE4 H91  H N N 291 
PE4 H92  H N N 292 
PE4 H101 H N N 293 
PE4 H102 H N N 294 
PE4 H111 H N N 295 
PE4 H112 H N N 296 
PE4 H121 H N N 297 
PE4 H122 H N N 298 
PE4 H131 H N N 299 
PE4 H132 H N N 300 
PE4 H141 H N N 301 
PE4 H142 H N N 302 
PE4 H151 H N N 303 
PE4 H152 H N N 304 
PE4 H161 H N N 305 
PE4 H162 H N N 306 
PE4 H163 H N N 307 
PHE N    N N N 308 
PHE CA   C N S 309 
PHE C    C N N 310 
PHE O    O N N 311 
PHE CB   C N N 312 
PHE CG   C Y N 313 
PHE CD1  C Y N 314 
PHE CD2  C Y N 315 
PHE CE1  C Y N 316 
PHE CE2  C Y N 317 
PHE CZ   C Y N 318 
PHE OXT  O N N 319 
PHE H    H N N 320 
PHE H2   H N N 321 
PHE HA   H N N 322 
PHE HB2  H N N 323 
PHE HB3  H N N 324 
PHE HD1  H N N 325 
PHE HD2  H N N 326 
PHE HE1  H N N 327 
PHE HE2  H N N 328 
PHE HZ   H N N 329 
PHE HXT  H N N 330 
PRO N    N N N 331 
PRO CA   C N S 332 
PRO C    C N N 333 
PRO O    O N N 334 
PRO CB   C N N 335 
PRO CG   C N N 336 
PRO CD   C N N 337 
PRO OXT  O N N 338 
PRO H    H N N 339 
PRO HA   H N N 340 
PRO HB2  H N N 341 
PRO HB3  H N N 342 
PRO HG2  H N N 343 
PRO HG3  H N N 344 
PRO HD2  H N N 345 
PRO HD3  H N N 346 
PRO HXT  H N N 347 
R2Z P    P N N 348 
R2Z N0   N N N 349 
R2Z O0   O N N 350 
R2Z C1   C N N 351 
R2Z N1   N N N 352 
R2Z C2   C N N 353 
R2Z N2   N N N 354 
R2Z O2   O N N 355 
R2Z C3   C N R 356 
R2Z N3   N N N 357 
R2Z O3   O N N 358 
R2Z C4   C N N 359 
R2Z N4   N N N 360 
R2Z C5   C N N 361 
R2Z N5   N N N 362 
R2Z C6   C N N 363 
R2Z C7   C N N 364 
R2Z C9   C N S 365 
R2Z C10  C N N 366 
R2Z C11  C N N 367 
R2Z C12  C N N 368 
R2Z C13  C N N 369 
R2Z C14  C N N 370 
R2Z O1P  O N N 371 
R2Z C20  C N R 372 
R2Z C21  C N N 373 
R2Z C22  C N N 374 
R2Z O2P  O N N 375 
R2Z O3P  O N N 376 
R2Z O4P  O N N 377 
R2Z HN0  H N N 378 
R2Z H1   H N N 379 
R2Z HN1  H N N 380 
R2Z HN2  H N N 381 
R2Z HN2A H N N 382 
R2Z H3   H N N 383 
R2Z HN3  H N N 384 
R2Z H4   H N N 385 
R2Z H4A  H N N 386 
R2Z HN4  H N N 387 
R2Z H5   H N N 388 
R2Z H5A  H N N 389 
R2Z HN5  H N N 390 
R2Z HN5A H N N 391 
R2Z H6   H N N 392 
R2Z H6A  H N N 393 
R2Z H9   H N N 394 
R2Z H11  H N N 395 
R2Z H11A H N N 396 
R2Z H12  H N N 397 
R2Z H12A H N N 398 
R2Z H13  H N N 399 
R2Z H13A H N N 400 
R2Z HO1P H N N 401 
R2Z H20  H N N 402 
R2Z H21  H N N 403 
R2Z H21A H N N 404 
R2Z H22  H N N 405 
R2Z HO3P H N N 406 
SER N    N N N 407 
SER CA   C N S 408 
SER C    C N N 409 
SER O    O N N 410 
SER CB   C N N 411 
SER OG   O N N 412 
SER OXT  O N N 413 
SER H    H N N 414 
SER H2   H N N 415 
SER HA   H N N 416 
SER HB2  H N N 417 
SER HB3  H N N 418 
SER HG   H N N 419 
SER HXT  H N N 420 
THR N    N N N 421 
THR CA   C N S 422 
THR C    C N N 423 
THR O    O N N 424 
THR CB   C N R 425 
THR OG1  O N N 426 
THR CG2  C N N 427 
THR OXT  O N N 428 
THR H    H N N 429 
THR H2   H N N 430 
THR HA   H N N 431 
THR HB   H N N 432 
THR HG1  H N N 433 
THR HG21 H N N 434 
THR HG22 H N N 435 
THR HG23 H N N 436 
THR HXT  H N N 437 
TRP N    N N N 438 
TRP CA   C N S 439 
TRP C    C N N 440 
TRP O    O N N 441 
TRP CB   C N N 442 
TRP CG   C Y N 443 
TRP CD1  C Y N 444 
TRP CD2  C Y N 445 
TRP NE1  N Y N 446 
TRP CE2  C Y N 447 
TRP CE3  C Y N 448 
TRP CZ2  C Y N 449 
TRP CZ3  C Y N 450 
TRP CH2  C Y N 451 
TRP OXT  O N N 452 
TRP H    H N N 453 
TRP H2   H N N 454 
TRP HA   H N N 455 
TRP HB2  H N N 456 
TRP HB3  H N N 457 
TRP HD1  H N N 458 
TRP HE1  H N N 459 
TRP HE3  H N N 460 
TRP HZ2  H N N 461 
TRP HZ3  H N N 462 
TRP HH2  H N N 463 
TRP HXT  H N N 464 
TYR N    N N N 465 
TYR CA   C N S 466 
TYR C    C N N 467 
TYR O    O N N 468 
TYR CB   C N N 469 
TYR CG   C Y N 470 
TYR CD1  C Y N 471 
TYR CD2  C Y N 472 
TYR CE1  C Y N 473 
TYR CE2  C Y N 474 
TYR CZ   C Y N 475 
TYR OH   O N N 476 
TYR OXT  O N N 477 
TYR H    H N N 478 
TYR H2   H N N 479 
TYR HA   H N N 480 
TYR HB2  H N N 481 
TYR HB3  H N N 482 
TYR HD1  H N N 483 
TYR HD2  H N N 484 
TYR HE1  H N N 485 
TYR HE2  H N N 486 
TYR HH   H N N 487 
TYR HXT  H N N 488 
VAL N    N N N 489 
VAL CA   C N S 490 
VAL C    C N N 491 
VAL O    O N N 492 
VAL CB   C N N 493 
VAL CG1  C N N 494 
VAL CG2  C N N 495 
VAL OXT  O N N 496 
VAL H    H N N 497 
VAL H2   H N N 498 
VAL HA   H N N 499 
VAL HB   H N N 500 
VAL HG11 H N N 501 
VAL HG12 H N N 502 
VAL HG13 H N N 503 
VAL HG21 H N N 504 
VAL HG22 H N N 505 
VAL HG23 H N N 506 
VAL HXT  H N N 507 
# 
loop_
_chem_comp_bond.comp_id 
_chem_comp_bond.atom_id_1 
_chem_comp_bond.atom_id_2 
_chem_comp_bond.value_order 
_chem_comp_bond.pdbx_aromatic_flag 
_chem_comp_bond.pdbx_stereo_config 
_chem_comp_bond.pdbx_ordinal 
ALA N   CA   sing N N 1   
ALA N   H    sing N N 2   
ALA N   H2   sing N N 3   
ALA CA  C    sing N N 4   
ALA CA  CB   sing N N 5   
ALA CA  HA   sing N N 6   
ALA C   O    doub N N 7   
ALA C   OXT  sing N N 8   
ALA CB  HB1  sing N N 9   
ALA CB  HB2  sing N N 10  
ALA CB  HB3  sing N N 11  
ALA OXT HXT  sing N N 12  
ARG N   CA   sing N N 13  
ARG N   H    sing N N 14  
ARG N   H2   sing N N 15  
ARG CA  C    sing N N 16  
ARG CA  CB   sing N N 17  
ARG CA  HA   sing N N 18  
ARG C   O    doub N N 19  
ARG C   OXT  sing N N 20  
ARG CB  CG   sing N N 21  
ARG CB  HB2  sing N N 22  
ARG CB  HB3  sing N N 23  
ARG CG  CD   sing N N 24  
ARG CG  HG2  sing N N 25  
ARG CG  HG3  sing N N 26  
ARG CD  NE   sing N N 27  
ARG CD  HD2  sing N N 28  
ARG CD  HD3  sing N N 29  
ARG NE  CZ   sing N N 30  
ARG NE  HE   sing N N 31  
ARG CZ  NH1  sing N N 32  
ARG CZ  NH2  doub N N 33  
ARG NH1 HH11 sing N N 34  
ARG NH1 HH12 sing N N 35  
ARG NH2 HH21 sing N N 36  
ARG NH2 HH22 sing N N 37  
ARG OXT HXT  sing N N 38  
ASN N   CA   sing N N 39  
ASN N   H    sing N N 40  
ASN N   H2   sing N N 41  
ASN CA  C    sing N N 42  
ASN CA  CB   sing N N 43  
ASN CA  HA   sing N N 44  
ASN C   O    doub N N 45  
ASN C   OXT  sing N N 46  
ASN CB  CG   sing N N 47  
ASN CB  HB2  sing N N 48  
ASN CB  HB3  sing N N 49  
ASN CG  OD1  doub N N 50  
ASN CG  ND2  sing N N 51  
ASN ND2 HD21 sing N N 52  
ASN ND2 HD22 sing N N 53  
ASN OXT HXT  sing N N 54  
ASP N   CA   sing N N 55  
ASP N   H    sing N N 56  
ASP N   H2   sing N N 57  
ASP CA  C    sing N N 58  
ASP CA  CB   sing N N 59  
ASP CA  HA   sing N N 60  
ASP C   O    doub N N 61  
ASP C   OXT  sing N N 62  
ASP CB  CG   sing N N 63  
ASP CB  HB2  sing N N 64  
ASP CB  HB3  sing N N 65  
ASP CG  OD1  doub N N 66  
ASP CG  OD2  sing N N 67  
ASP OD2 HD2  sing N N 68  
ASP OXT HXT  sing N N 69  
CYS N   CA   sing N N 70  
CYS N   H    sing N N 71  
CYS N   H2   sing N N 72  
CYS CA  C    sing N N 73  
CYS CA  CB   sing N N 74  
CYS CA  HA   sing N N 75  
CYS C   O    doub N N 76  
CYS C   OXT  sing N N 77  
CYS CB  SG   sing N N 78  
CYS CB  HB2  sing N N 79  
CYS CB  HB3  sing N N 80  
CYS SG  HG   sing N N 81  
CYS OXT HXT  sing N N 82  
GLN N   CA   sing N N 83  
GLN N   H    sing N N 84  
GLN N   H2   sing N N 85  
GLN CA  C    sing N N 86  
GLN CA  CB   sing N N 87  
GLN CA  HA   sing N N 88  
GLN C   O    doub N N 89  
GLN C   OXT  sing N N 90  
GLN CB  CG   sing N N 91  
GLN CB  HB2  sing N N 92  
GLN CB  HB3  sing N N 93  
GLN CG  CD   sing N N 94  
GLN CG  HG2  sing N N 95  
GLN CG  HG3  sing N N 96  
GLN CD  OE1  doub N N 97  
GLN CD  NE2  sing N N 98  
GLN NE2 HE21 sing N N 99  
GLN NE2 HE22 sing N N 100 
GLN OXT HXT  sing N N 101 
GLU N   CA   sing N N 102 
GLU N   H    sing N N 103 
GLU N   H2   sing N N 104 
GLU CA  C    sing N N 105 
GLU CA  CB   sing N N 106 
GLU CA  HA   sing N N 107 
GLU C   O    doub N N 108 
GLU C   OXT  sing N N 109 
GLU CB  CG   sing N N 110 
GLU CB  HB2  sing N N 111 
GLU CB  HB3  sing N N 112 
GLU CG  CD   sing N N 113 
GLU CG  HG2  sing N N 114 
GLU CG  HG3  sing N N 115 
GLU CD  OE1  doub N N 116 
GLU CD  OE2  sing N N 117 
GLU OE2 HE2  sing N N 118 
GLU OXT HXT  sing N N 119 
GLY N   CA   sing N N 120 
GLY N   H    sing N N 121 
GLY N   H2   sing N N 122 
GLY CA  C    sing N N 123 
GLY CA  HA2  sing N N 124 
GLY CA  HA3  sing N N 125 
GLY C   O    doub N N 126 
GLY C   OXT  sing N N 127 
GLY OXT HXT  sing N N 128 
HIS N   CA   sing N N 129 
HIS N   H    sing N N 130 
HIS N   H2   sing N N 131 
HIS CA  C    sing N N 132 
HIS CA  CB   sing N N 133 
HIS CA  HA   sing N N 134 
HIS C   O    doub N N 135 
HIS C   OXT  sing N N 136 
HIS CB  CG   sing N N 137 
HIS CB  HB2  sing N N 138 
HIS CB  HB3  sing N N 139 
HIS CG  ND1  sing Y N 140 
HIS CG  CD2  doub Y N 141 
HIS ND1 CE1  doub Y N 142 
HIS ND1 HD1  sing N N 143 
HIS CD2 NE2  sing Y N 144 
HIS CD2 HD2  sing N N 145 
HIS CE1 NE2  sing Y N 146 
HIS CE1 HE1  sing N N 147 
HIS NE2 HE2  sing N N 148 
HIS OXT HXT  sing N N 149 
HOH O   H1   sing N N 150 
HOH O   H2   sing N N 151 
ILE N   CA   sing N N 152 
ILE N   H    sing N N 153 
ILE N   H2   sing N N 154 
ILE CA  C    sing N N 155 
ILE CA  CB   sing N N 156 
ILE CA  HA   sing N N 157 
ILE C   O    doub N N 158 
ILE C   OXT  sing N N 159 
ILE CB  CG1  sing N N 160 
ILE CB  CG2  sing N N 161 
ILE CB  HB   sing N N 162 
ILE CG1 CD1  sing N N 163 
ILE CG1 HG12 sing N N 164 
ILE CG1 HG13 sing N N 165 
ILE CG2 HG21 sing N N 166 
ILE CG2 HG22 sing N N 167 
ILE CG2 HG23 sing N N 168 
ILE CD1 HD11 sing N N 169 
ILE CD1 HD12 sing N N 170 
ILE CD1 HD13 sing N N 171 
ILE OXT HXT  sing N N 172 
LEU N   CA   sing N N 173 
LEU N   H    sing N N 174 
LEU N   H2   sing N N 175 
LEU CA  C    sing N N 176 
LEU CA  CB   sing N N 177 
LEU CA  HA   sing N N 178 
LEU C   O    doub N N 179 
LEU C   OXT  sing N N 180 
LEU CB  CG   sing N N 181 
LEU CB  HB2  sing N N 182 
LEU CB  HB3  sing N N 183 
LEU CG  CD1  sing N N 184 
LEU CG  CD2  sing N N 185 
LEU CG  HG   sing N N 186 
LEU CD1 HD11 sing N N 187 
LEU CD1 HD12 sing N N 188 
LEU CD1 HD13 sing N N 189 
LEU CD2 HD21 sing N N 190 
LEU CD2 HD22 sing N N 191 
LEU CD2 HD23 sing N N 192 
LEU OXT HXT  sing N N 193 
LYS N   CA   sing N N 194 
LYS N   H    sing N N 195 
LYS N   H2   sing N N 196 
LYS CA  C    sing N N 197 
LYS CA  CB   sing N N 198 
LYS CA  HA   sing N N 199 
LYS C   O    doub N N 200 
LYS C   OXT  sing N N 201 
LYS CB  CG   sing N N 202 
LYS CB  HB2  sing N N 203 
LYS CB  HB3  sing N N 204 
LYS CG  CD   sing N N 205 
LYS CG  HG2  sing N N 206 
LYS CG  HG3  sing N N 207 
LYS CD  CE   sing N N 208 
LYS CD  HD2  sing N N 209 
LYS CD  HD3  sing N N 210 
LYS CE  NZ   sing N N 211 
LYS CE  HE2  sing N N 212 
LYS CE  HE3  sing N N 213 
LYS NZ  HZ1  sing N N 214 
LYS NZ  HZ2  sing N N 215 
LYS NZ  HZ3  sing N N 216 
LYS OXT HXT  sing N N 217 
MET N   CA   sing N N 218 
MET N   H    sing N N 219 
MET N   H2   sing N N 220 
MET CA  C    sing N N 221 
MET CA  CB   sing N N 222 
MET CA  HA   sing N N 223 
MET C   O    doub N N 224 
MET C   OXT  sing N N 225 
MET CB  CG   sing N N 226 
MET CB  HB2  sing N N 227 
MET CB  HB3  sing N N 228 
MET CG  SD   sing N N 229 
MET CG  HG2  sing N N 230 
MET CG  HG3  sing N N 231 
MET SD  CE   sing N N 232 
MET CE  HE1  sing N N 233 
MET CE  HE2  sing N N 234 
MET CE  HE3  sing N N 235 
MET OXT HXT  sing N N 236 
PE4 O1  C1   sing N N 237 
PE4 O1  HO1  sing N N 238 
PE4 C1  C2   sing N N 239 
PE4 C1  H11  sing N N 240 
PE4 C1  H12  sing N N 241 
PE4 C2  O2   sing N N 242 
PE4 C2  H21  sing N N 243 
PE4 C2  H22  sing N N 244 
PE4 O2  C3   sing N N 245 
PE4 C3  C4   sing N N 246 
PE4 C3  H31  sing N N 247 
PE4 C3  H32  sing N N 248 
PE4 C4  O3   sing N N 249 
PE4 C4  H41  sing N N 250 
PE4 C4  H42  sing N N 251 
PE4 O3  C5   sing N N 252 
PE4 C5  C6   sing N N 253 
PE4 C5  H51  sing N N 254 
PE4 C5  H52  sing N N 255 
PE4 C6  O4   sing N N 256 
PE4 C6  H61  sing N N 257 
PE4 C6  H62  sing N N 258 
PE4 O4  C7   sing N N 259 
PE4 C7  C8   sing N N 260 
PE4 C7  H71  sing N N 261 
PE4 C7  H72  sing N N 262 
PE4 C8  O5   sing N N 263 
PE4 C8  H81  sing N N 264 
PE4 C8  H82  sing N N 265 
PE4 O5  C9   sing N N 266 
PE4 C9  C10  sing N N 267 
PE4 C9  H91  sing N N 268 
PE4 C9  H92  sing N N 269 
PE4 C10 O6   sing N N 270 
PE4 C10 H101 sing N N 271 
PE4 C10 H102 sing N N 272 
PE4 O6  C11  sing N N 273 
PE4 C11 C12  sing N N 274 
PE4 C11 H111 sing N N 275 
PE4 C11 H112 sing N N 276 
PE4 C12 O7   sing N N 277 
PE4 C12 H121 sing N N 278 
PE4 C12 H122 sing N N 279 
PE4 O7  C13  sing N N 280 
PE4 C13 C14  sing N N 281 
PE4 C13 H131 sing N N 282 
PE4 C13 H132 sing N N 283 
PE4 C14 O8   sing N N 284 
PE4 C14 H141 sing N N 285 
PE4 C14 H142 sing N N 286 
PE4 O8  C15  sing N N 287 
PE4 C15 C16  sing N N 288 
PE4 C15 H151 sing N N 289 
PE4 C15 H152 sing N N 290 
PE4 C16 H161 sing N N 291 
PE4 C16 H162 sing N N 292 
PE4 C16 H163 sing N N 293 
PHE N   CA   sing N N 294 
PHE N   H    sing N N 295 
PHE N   H2   sing N N 296 
PHE CA  C    sing N N 297 
PHE CA  CB   sing N N 298 
PHE CA  HA   sing N N 299 
PHE C   O    doub N N 300 
PHE C   OXT  sing N N 301 
PHE CB  CG   sing N N 302 
PHE CB  HB2  sing N N 303 
PHE CB  HB3  sing N N 304 
PHE CG  CD1  doub Y N 305 
PHE CG  CD2  sing Y N 306 
PHE CD1 CE1  sing Y N 307 
PHE CD1 HD1  sing N N 308 
PHE CD2 CE2  doub Y N 309 
PHE CD2 HD2  sing N N 310 
PHE CE1 CZ   doub Y N 311 
PHE CE1 HE1  sing N N 312 
PHE CE2 CZ   sing Y N 313 
PHE CE2 HE2  sing N N 314 
PHE CZ  HZ   sing N N 315 
PHE OXT HXT  sing N N 316 
PRO N   CA   sing N N 317 
PRO N   CD   sing N N 318 
PRO N   H    sing N N 319 
PRO CA  C    sing N N 320 
PRO CA  CB   sing N N 321 
PRO CA  HA   sing N N 322 
PRO C   O    doub N N 323 
PRO C   OXT  sing N N 324 
PRO CB  CG   sing N N 325 
PRO CB  HB2  sing N N 326 
PRO CB  HB3  sing N N 327 
PRO CG  CD   sing N N 328 
PRO CG  HG2  sing N N 329 
PRO CG  HG3  sing N N 330 
PRO CD  HD2  sing N N 331 
PRO CD  HD3  sing N N 332 
PRO OXT HXT  sing N N 333 
R2Z O4P P    sing N N 334 
R2Z O2P P    doub N N 335 
R2Z O1P P    sing N N 336 
R2Z P   O3P  sing N N 337 
R2Z C22 N0   sing N N 338 
R2Z N0  C20  sing N N 339 
R2Z N0  HN0  sing N N 340 
R2Z O0  C22  doub N N 341 
R2Z C1  C20  sing N N 342 
R2Z C1  C2   doub N Z 343 
R2Z C1  H1   sing N N 344 
R2Z C9  N1   sing N N 345 
R2Z N1  C7   sing N N 346 
R2Z N1  HN1  sing N N 347 
R2Z C6  C2   sing N N 348 
R2Z C2  C3   sing N N 349 
R2Z C10 N2   sing N N 350 
R2Z N2  HN2  sing N N 351 
R2Z N2  HN2A sing N N 352 
R2Z C7  O2   doub N N 353 
R2Z C7  C3   sing N N 354 
R2Z C3  C4   sing N N 355 
R2Z C3  H3   sing N N 356 
R2Z C14 N3   sing N N 357 
R2Z N3  C13  sing N N 358 
R2Z N3  HN3  sing N N 359 
R2Z C10 O3   doub N N 360 
R2Z C5  C4   sing N N 361 
R2Z C4  H4   sing N N 362 
R2Z C4  H4A  sing N N 363 
R2Z N4  C14  doub N N 364 
R2Z N4  HN4  sing N N 365 
R2Z C6  C5   sing N N 366 
R2Z C5  H5   sing N N 367 
R2Z C5  H5A  sing N N 368 
R2Z N5  C14  sing N N 369 
R2Z N5  HN5  sing N N 370 
R2Z N5  HN5A sing N N 371 
R2Z C6  H6   sing N N 372 
R2Z C6  H6A  sing N N 373 
R2Z C11 C9   sing N N 374 
R2Z C9  C10  sing N N 375 
R2Z C9  H9   sing N N 376 
R2Z C12 C11  sing N N 377 
R2Z C11 H11  sing N N 378 
R2Z C11 H11A sing N N 379 
R2Z C13 C12  sing N N 380 
R2Z C12 H12  sing N N 381 
R2Z C12 H12A sing N N 382 
R2Z C13 H13  sing N N 383 
R2Z C13 H13A sing N N 384 
R2Z O1P HO1P sing N N 385 
R2Z C20 C21  sing N N 386 
R2Z C20 H20  sing N N 387 
R2Z O4P C21  sing N N 388 
R2Z C21 H21  sing N N 389 
R2Z C21 H21A sing N N 390 
R2Z C22 H22  sing N N 391 
R2Z O3P HO3P sing N N 392 
SER N   CA   sing N N 393 
SER N   H    sing N N 394 
SER N   H2   sing N N 395 
SER CA  C    sing N N 396 
SER CA  CB   sing N N 397 
SER CA  HA   sing N N 398 
SER C   O    doub N N 399 
SER C   OXT  sing N N 400 
SER CB  OG   sing N N 401 
SER CB  HB2  sing N N 402 
SER CB  HB3  sing N N 403 
SER OG  HG   sing N N 404 
SER OXT HXT  sing N N 405 
THR N   CA   sing N N 406 
THR N   H    sing N N 407 
THR N   H2   sing N N 408 
THR CA  C    sing N N 409 
THR CA  CB   sing N N 410 
THR CA  HA   sing N N 411 
THR C   O    doub N N 412 
THR C   OXT  sing N N 413 
THR CB  OG1  sing N N 414 
THR CB  CG2  sing N N 415 
THR CB  HB   sing N N 416 
THR OG1 HG1  sing N N 417 
THR CG2 HG21 sing N N 418 
THR CG2 HG22 sing N N 419 
THR CG2 HG23 sing N N 420 
THR OXT HXT  sing N N 421 
TRP N   CA   sing N N 422 
TRP N   H    sing N N 423 
TRP N   H2   sing N N 424 
TRP CA  C    sing N N 425 
TRP CA  CB   sing N N 426 
TRP CA  HA   sing N N 427 
TRP C   O    doub N N 428 
TRP C   OXT  sing N N 429 
TRP CB  CG   sing N N 430 
TRP CB  HB2  sing N N 431 
TRP CB  HB3  sing N N 432 
TRP CG  CD1  doub Y N 433 
TRP CG  CD2  sing Y N 434 
TRP CD1 NE1  sing Y N 435 
TRP CD1 HD1  sing N N 436 
TRP CD2 CE2  doub Y N 437 
TRP CD2 CE3  sing Y N 438 
TRP NE1 CE2  sing Y N 439 
TRP NE1 HE1  sing N N 440 
TRP CE2 CZ2  sing Y N 441 
TRP CE3 CZ3  doub Y N 442 
TRP CE3 HE3  sing N N 443 
TRP CZ2 CH2  doub Y N 444 
TRP CZ2 HZ2  sing N N 445 
TRP CZ3 CH2  sing Y N 446 
TRP CZ3 HZ3  sing N N 447 
TRP CH2 HH2  sing N N 448 
TRP OXT HXT  sing N N 449 
TYR N   CA   sing N N 450 
TYR N   H    sing N N 451 
TYR N   H2   sing N N 452 
TYR CA  C    sing N N 453 
TYR CA  CB   sing N N 454 
TYR CA  HA   sing N N 455 
TYR C   O    doub N N 456 
TYR C   OXT  sing N N 457 
TYR CB  CG   sing N N 458 
TYR CB  HB2  sing N N 459 
TYR CB  HB3  sing N N 460 
TYR CG  CD1  doub Y N 461 
TYR CG  CD2  sing Y N 462 
TYR CD1 CE1  sing Y N 463 
TYR CD1 HD1  sing N N 464 
TYR CD2 CE2  doub Y N 465 
TYR CD2 HD2  sing N N 466 
TYR CE1 CZ   doub Y N 467 
TYR CE1 HE1  sing N N 468 
TYR CE2 CZ   sing Y N 469 
TYR CE2 HE2  sing N N 470 
TYR CZ  OH   sing N N 471 
TYR OH  HH   sing N N 472 
TYR OXT HXT  sing N N 473 
VAL N   CA   sing N N 474 
VAL N   H    sing N N 475 
VAL N   H2   sing N N 476 
VAL CA  C    sing N N 477 
VAL CA  CB   sing N N 478 
VAL CA  HA   sing N N 479 
VAL C   O    doub N N 480 
VAL C   OXT  sing N N 481 
VAL CB  CG1  sing N N 482 
VAL CB  CG2  sing N N 483 
VAL CB  HB   sing N N 484 
VAL CG1 HG11 sing N N 485 
VAL CG1 HG12 sing N N 486 
VAL CG1 HG13 sing N N 487 
VAL CG2 HG21 sing N N 488 
VAL CG2 HG22 sing N N 489 
VAL CG2 HG23 sing N N 490 
VAL OXT HXT  sing N N 491 
# 
_atom_sites.entry_id                    3TCZ 
_atom_sites.fract_transf_matrix[1][1]   0.00336199 
_atom_sites.fract_transf_matrix[1][2]   -0.01392161 
_atom_sites.fract_transf_matrix[1][3]   0.00847431 
_atom_sites.fract_transf_matrix[2][1]   0.01575041 
_atom_sites.fract_transf_matrix[2][2]   -0.00388233 
_atom_sites.fract_transf_matrix[2][3]   0.00371147 
_atom_sites.fract_transf_matrix[3][1]   -0.00098313 
_atom_sites.fract_transf_matrix[3][2]   0.00633762 
_atom_sites.fract_transf_matrix[3][3]   0.01080148 
_atom_sites.fract_transf_vector[1]      0.238588 
_atom_sites.fract_transf_vector[2]      0.607975 
_atom_sites.fract_transf_vector[3]      0.185748 
# 
loop_
_atom_type.symbol 
C 
N 
O 
P 
S 
# 
loop_
_atom_site.group_PDB 
_atom_site.id 
_atom_site.type_symbol 
_atom_site.label_atom_id 
_atom_site.label_alt_id 
_atom_site.label_comp_id 
_atom_site.label_asym_id 
_atom_site.label_entity_id 
_atom_site.label_seq_id 
_atom_site.pdbx_PDB_ins_code 
_atom_site.Cartn_x 
_atom_site.Cartn_y 
_atom_site.Cartn_z 
_atom_site.occupancy 
_atom_site.B_iso_or_equiv 
_atom_site.pdbx_formal_charge 
_atom_site.auth_seq_id 
_atom_site.auth_comp_id 
_atom_site.auth_asym_id 
_atom_site.auth_atom_id 
_atom_site.pdbx_PDB_model_num 
ATOM   1    N N   . LYS A 1 1   ? -22.418 9.874   0.286   1.00 52.83 ? 6   LYS A N   1 
ATOM   2    C CA  . LYS A 1 1   ? -22.071 10.047  1.730   1.00 52.56 ? 6   LYS A CA  1 
ATOM   3    C C   . LYS A 1 1   ? -20.624 9.605   2.047   1.00 51.80 ? 6   LYS A C   1 
ATOM   4    O O   . LYS A 1 1   ? -20.181 9.660   3.207   1.00 52.05 ? 6   LYS A O   1 
ATOM   5    C CB  . LYS A 1 1   ? -23.078 9.306   2.623   1.00 53.14 ? 6   LYS A CB  1 
ATOM   6    C CG  . LYS A 1 1   ? -23.319 10.000  3.967   1.00 54.38 ? 6   LYS A CG  1 
ATOM   7    C CD  . LYS A 1 1   ? -23.920 9.061   5.009   1.00 56.23 ? 6   LYS A CD  1 
ATOM   8    C CE  . LYS A 1 1   ? -24.302 9.817   6.293   1.00 56.24 ? 6   LYS A CE  1 
ATOM   9    N NZ  . LYS A 1 1   ? -23.127 10.177  7.158   1.00 57.82 ? 6   LYS A NZ  1 
ATOM   10   N N   . LEU A 1 2   ? -19.893 9.202   1.004   1.00 50.19 ? 7   LEU A N   1 
ATOM   11   C CA  . LEU A 1 2   ? -18.492 8.751   1.099   1.00 48.26 ? 7   LEU A CA  1 
ATOM   12   C C   . LEU A 1 2   ? -18.367 7.275   1.477   1.00 46.99 ? 7   LEU A C   1 
ATOM   13   O O   . LEU A 1 2   ? -18.880 6.844   2.511   1.00 46.91 ? 7   LEU A O   1 
ATOM   14   C CB  . LEU A 1 2   ? -17.638 9.623   2.041   1.00 48.08 ? 7   LEU A CB  1 
ATOM   15   C CG  . LEU A 1 2   ? -17.389 11.118  1.779   1.00 47.49 ? 7   LEU A CG  1 
ATOM   16   C CD1 . LEU A 1 2   ? -16.246 11.594  2.660   1.00 46.31 ? 7   LEU A CD1 1 
ATOM   17   C CD2 . LEU A 1 2   ? -17.097 11.440  0.311   1.00 46.76 ? 7   LEU A CD2 1 
ATOM   18   N N   . PRO A 1 3   ? -17.679 6.499   0.625   1.00 45.61 ? 8   PRO A N   1 
ATOM   19   C CA  . PRO A 1 3   ? -17.387 5.073   0.815   1.00 44.18 ? 8   PRO A CA  1 
ATOM   20   C C   . PRO A 1 3   ? -16.673 4.775   2.144   1.00 42.73 ? 8   PRO A C   1 
ATOM   21   O O   . PRO A 1 3   ? -16.124 5.698   2.762   1.00 42.48 ? 8   PRO A O   1 
ATOM   22   C CB  . PRO A 1 3   ? -16.483 4.730   -0.386  1.00 44.34 ? 8   PRO A CB  1 
ATOM   23   C CG  . PRO A 1 3   ? -16.052 6.032   -0.958  1.00 44.64 ? 8   PRO A CG  1 
ATOM   24   C CD  . PRO A 1 3   ? -17.138 7.003   -0.651  1.00 45.55 ? 8   PRO A CD  1 
ATOM   25   N N   . PRO A 1 4   ? -16.715 3.502   2.604   1.00 41.07 ? 9   PRO A N   1 
ATOM   26   C CA  . PRO A 1 4   ? -16.104 3.091   3.883   1.00 39.93 ? 9   PRO A CA  1 
ATOM   27   C C   . PRO A 1 4   ? -14.649 3.534   4.089   1.00 38.61 ? 9   PRO A C   1 
ATOM   28   O O   . PRO A 1 4   ? -13.776 3.238   3.263   1.00 38.16 ? 9   PRO A O   1 
ATOM   29   C CB  . PRO A 1 4   ? -16.194 1.557   3.842   1.00 39.67 ? 9   PRO A CB  1 
ATOM   30   C CG  . PRO A 1 4   ? -17.359 1.288   2.991   1.00 40.68 ? 9   PRO A CG  1 
ATOM   31   C CD  . PRO A 1 4   ? -17.399 2.376   1.947   1.00 40.87 ? 9   PRO A CD  1 
ATOM   32   N N   . GLY A 1 5   ? -14.403 4.226   5.197   1.00 37.44 ? 10  GLY A N   1 
ATOM   33   C CA  . GLY A 1 5   ? -13.052 4.663   5.552   1.00 36.34 ? 10  GLY A CA  1 
ATOM   34   C C   . GLY A 1 5   ? -12.744 6.106   5.194   1.00 35.75 ? 10  GLY A C   1 
ATOM   35   O O   . GLY A 1 5   ? -11.816 6.682   5.732   1.00 35.16 ? 10  GLY A O   1 
ATOM   36   N N   . TRP A 1 6   ? -13.524 6.686   4.283   1.00 35.68 ? 11  TRP A N   1 
ATOM   37   C CA  . TRP A 1 6   ? -13.256 8.031   3.769   1.00 36.01 ? 11  TRP A CA  1 
ATOM   38   C C   . TRP A 1 6   ? -13.773 9.132   4.690   1.00 36.91 ? 11  TRP A C   1 
ATOM   39   O O   . TRP A 1 6   ? -14.877 9.036   5.237   1.00 37.18 ? 11  TRP A O   1 
ATOM   40   C CB  . TRP A 1 6   ? -13.835 8.216   2.359   1.00 34.56 ? 11  TRP A CB  1 
ATOM   41   C CG  . TRP A 1 6   ? -13.110 7.453   1.287   1.00 33.67 ? 11  TRP A CG  1 
ATOM   42   C CD1 . TRP A 1 6   ? -13.488 6.265   0.745   1.00 32.10 ? 11  TRP A CD1 1 
ATOM   43   C CD2 . TRP A 1 6   ? -11.885 7.817   0.626   1.00 32.43 ? 11  TRP A CD2 1 
ATOM   44   N NE1 . TRP A 1 6   ? -12.595 5.866   -0.208  1.00 31.44 ? 11  TRP A NE1 1 
ATOM   45   C CE2 . TRP A 1 6   ? -11.597 6.795   -0.307  1.00 31.50 ? 11  TRP A CE2 1 
ATOM   46   C CE3 . TRP A 1 6   ? -11.007 8.908   0.727   1.00 31.11 ? 11  TRP A CE3 1 
ATOM   47   C CZ2 . TRP A 1 6   ? -10.463 6.820   -1.132  1.00 31.80 ? 11  TRP A CZ2 1 
ATOM   48   C CZ3 . TRP A 1 6   ? -9.873  8.940   -0.100  1.00 31.54 ? 11  TRP A CZ3 1 
ATOM   49   C CH2 . TRP A 1 6   ? -9.615  7.901   -1.018  1.00 32.43 ? 11  TRP A CH2 1 
ATOM   50   N N   . GLU A 1 7   ? -12.953 10.166  4.857   1.00 38.09 ? 12  GLU A N   1 
ATOM   51   C CA  . GLU A 1 7   ? -13.325 11.366  5.605   1.00 39.44 ? 12  GLU A CA  1 
ATOM   52   C C   . GLU A 1 7   ? -12.864 12.598  4.843   1.00 39.49 ? 12  GLU A C   1 
ATOM   53   O O   . GLU A 1 7   ? -11.950 12.526  4.023   1.00 39.34 ? 12  GLU A O   1 
ATOM   54   C CB  . GLU A 1 7   ? -12.716 11.356  7.016   1.00 39.31 ? 12  GLU A CB  1 
ATOM   55   C CG  . GLU A 1 7   ? -11.201 11.504  7.064   1.00 40.63 ? 12  GLU A CG  1 
ATOM   56   C CD  . GLU A 1 7   ? -10.618 11.389  8.471   1.00 41.68 ? 12  GLU A CD  1 
ATOM   57   O OE1 . GLU A 1 7   ? -10.103 12.422  8.977   1.00 43.79 ? 12  GLU A OE1 1 
ATOM   58   O OE2 . GLU A 1 7   ? -10.672 10.276  9.065   1.00 43.59 ? 12  GLU A OE2 1 
ATOM   59   N N   . LYS A 1 8   ? -13.503 13.727  5.115   1.00 40.18 ? 13  LYS A N   1 
ATOM   60   C CA  . LYS A 1 8   ? -13.087 14.990  4.529   1.00 40.49 ? 13  LYS A CA  1 
ATOM   61   C C   . LYS A 1 8   ? -11.974 15.578  5.381   1.00 39.80 ? 13  LYS A C   1 
ATOM   62   O O   . LYS A 1 8   ? -12.010 15.518  6.615   1.00 40.11 ? 13  LYS A O   1 
ATOM   63   C CB  . LYS A 1 8   ? -14.272 15.950  4.417   1.00 40.77 ? 13  LYS A CB  1 
ATOM   64   C CG  . LYS A 1 8   ? -14.201 16.876  3.220   1.00 41.56 ? 13  LYS A CG  1 
ATOM   65   C CD  . LYS A 1 8   ? -15.526 17.617  2.976   1.00 42.40 ? 13  LYS A CD  1 
ATOM   66   C CE  . LYS A 1 8   ? -16.605 16.707  2.374   1.00 46.23 ? 13  LYS A CE  1 
ATOM   67   N NZ  . LYS A 1 8   ? -17.758 17.487  1.805   1.00 47.42 ? 13  LYS A NZ  1 
ATOM   68   N N   . ALA A 1 9   ? -10.966 16.111  4.712   1.00 39.06 ? 14  ALA A N   1 
ATOM   69   C CA  . ALA A 1 9   ? -9.855  16.741  5.385   1.00 38.78 ? 14  ALA A CA  1 
ATOM   70   C C   . ALA A 1 9   ? -9.543  18.098  4.760   1.00 38.65 ? 14  ALA A C   1 
ATOM   71   O O   . ALA A 1 9   ? -10.015 18.431  3.678   1.00 38.36 ? 14  ALA A O   1 
ATOM   72   C CB  . ALA A 1 9   ? -8.636  15.837  5.358   1.00 38.69 ? 14  ALA A CB  1 
ATOM   73   N N   . MET A 1 10  ? -8.744  18.877  5.465   1.00 38.95 ? 15  MET A N   1 
ATOM   74   C CA  . MET A 1 10  ? -8.409  20.226  5.049   1.00 39.16 ? 15  MET A CA  1 
ATOM   75   C C   . MET A 1 10  ? -6.908  20.325  4.837   1.00 38.48 ? 15  MET A C   1 
ATOM   76   O O   . MET A 1 10  ? -6.134  20.020  5.744   1.00 38.17 ? 15  MET A O   1 
ATOM   77   C CB  . MET A 1 10  ? -8.907  21.218  6.118   1.00 39.81 ? 15  MET A CB  1 
ATOM   78   C CG  . MET A 1 10  ? -8.220  22.570  6.131   1.00 42.75 ? 15  MET A CG  1 
ATOM   79   S SD  . MET A 1 10  ? -8.465  23.431  4.582   1.00 48.56 ? 15  MET A SD  1 
ATOM   80   C CE  . MET A 1 10  ? -10.235 23.777  4.684   1.00 48.94 ? 15  MET A CE  1 
ATOM   81   N N   . SER A 1 11  ? -6.505  20.739  3.632   1.00 37.92 ? 16  SER A N   1 
ATOM   82   C CA  . SER A 1 11  ? -5.085  20.856  3.284   1.00 37.49 ? 16  SER A CA  1 
ATOM   83   C C   . SER A 1 11  ? -4.380  21.990  4.024   1.00 38.05 ? 16  SER A C   1 
ATOM   84   O O   . SER A 1 11  ? -4.869  23.125  4.036   1.00 37.66 ? 16  SER A O   1 
ATOM   85   C CB  . SER A 1 11  ? -4.913  21.059  1.781   1.00 37.22 ? 16  SER A CB  1 
ATOM   86   O OG  . SER A 1 11  ? -3.651  21.639  1.488   1.00 36.80 ? 16  SER A OG  1 
ATOM   87   N N   . ARG A 1 12  ? -3.213  21.693  4.597   1.00 38.38 ? 17  ARG A N   1 
ATOM   88   C CA  . ARG A 1 12  ? -2.468  22.691  5.369   1.00 39.68 ? 17  ARG A CA  1 
ATOM   89   C C   . ARG A 1 12  ? -1.815  23.767  4.502   1.00 39.86 ? 17  ARG A C   1 
ATOM   90   O O   . ARG A 1 12  ? -1.720  24.923  4.908   1.00 39.76 ? 17  ARG A O   1 
ATOM   91   C CB  . ARG A 1 12  ? -1.400  22.032  6.231   1.00 40.00 ? 17  ARG A CB  1 
ATOM   92   C CG  . ARG A 1 12  ? -1.732  21.941  7.700   1.00 41.93 ? 17  ARG A CG  1 
ATOM   93   C CD  . ARG A 1 12  ? -0.755  20.965  8.330   1.00 46.25 ? 17  ARG A CD  1 
ATOM   94   N NE  . ARG A 1 12  ? -0.594  21.099  9.777   1.00 49.07 ? 17  ARG A NE  1 
ATOM   95   C CZ  . ARG A 1 12  ? -1.240  20.364  10.683  1.00 50.45 ? 17  ARG A CZ  1 
ATOM   96   N NH1 . ARG A 1 12  ? -2.135  19.446  10.314  1.00 49.79 ? 17  ARG A NH1 1 
ATOM   97   N NH2 . ARG A 1 12  ? -0.985  20.553  11.971  1.00 51.84 ? 17  ARG A NH2 1 
ATOM   98   N N   . SER A 1 13  ? -1.369  23.380  3.311   1.00 39.89 ? 18  SER A N   1 
ATOM   99   C CA  . SER A 1 13  ? -0.617  24.295  2.462   1.00 39.70 ? 18  SER A CA  1 
ATOM   100  C C   . SER A 1 13  ? -1.471  25.130  1.495   1.00 39.12 ? 18  SER A C   1 
ATOM   101  O O   . SER A 1 13  ? -1.059  26.222  1.095   1.00 39.74 ? 18  SER A O   1 
ATOM   102  C CB  . SER A 1 13  ? 0.519   23.550  1.741   1.00 40.10 ? 18  SER A CB  1 
ATOM   103  O OG  . SER A 1 13  ? 0.049   22.396  1.065   1.00 40.77 ? 18  SER A OG  1 
ATOM   104  N N   . SER A 1 14  ? -2.664  24.647  1.151   1.00 38.06 ? 19  SER A N   1 
ATOM   105  C CA  . SER A 1 14  ? -3.495  25.304  0.136   1.00 36.88 ? 19  SER A CA  1 
ATOM   106  C C   . SER A 1 14  ? -4.870  25.723  0.626   1.00 36.47 ? 19  SER A C   1 
ATOM   107  O O   . SER A 1 14  ? -5.567  26.472  -0.056  1.00 36.15 ? 19  SER A O   1 
ATOM   108  C CB  . SER A 1 14  ? -3.660  24.395  -1.087  1.00 37.00 ? 19  SER A CB  1 
ATOM   109  O OG  . SER A 1 14  ? -4.557  23.322  -0.836  1.00 36.98 ? 19  SER A OG  1 
ATOM   110  N N   . GLY A 1 15  ? -5.267  25.223  1.794   1.00 35.99 ? 20  GLY A N   1 
ATOM   111  C CA  . GLY A 1 15  ? -6.602  25.482  2.327   1.00 35.38 ? 20  GLY A CA  1 
ATOM   112  C C   . GLY A 1 15  ? -7.712  24.727  1.614   1.00 34.88 ? 20  GLY A C   1 
ATOM   113  O O   . GLY A 1 15  ? -8.877  24.835  1.976   1.00 35.37 ? 20  GLY A O   1 
ATOM   114  N N   . ARG A 1 16  ? -7.361  23.955  0.597   1.00 34.12 ? 21  ARG A N   1 
ATOM   115  C CA  . ARG A 1 16  ? -8.364  23.229  -0.165  1.00 33.14 ? 21  ARG A CA  1 
ATOM   116  C C   . ARG A 1 16  ? -8.757  21.949  0.570   1.00 32.33 ? 21  ARG A C   1 
ATOM   117  O O   . ARG A 1 16  ? -7.919  21.310  1.197   1.00 32.06 ? 21  ARG A O   1 
ATOM   118  C CB  . ARG A 1 16  ? -7.808  22.907  -1.553  1.00 33.39 ? 21  ARG A CB  1 
ATOM   119  C CG  . ARG A 1 16  ? -8.868  22.613  -2.590  1.00 32.88 ? 21  ARG A CG  1 
ATOM   120  C CD  . ARG A 1 16  ? -8.488  23.165  -3.953  1.00 33.04 ? 21  ARG A CD  1 
ATOM   121  N NE  . ARG A 1 16  ? -7.047  23.151  -4.171  1.00 31.30 ? 21  ARG A NE  1 
ATOM   122  C CZ  . ARG A 1 16  ? -6.361  22.159  -4.729  1.00 32.04 ? 21  ARG A CZ  1 
ATOM   123  N NH1 . ARG A 1 16  ? -6.960  21.039  -5.161  1.00 28.76 ? 21  ARG A NH1 1 
ATOM   124  N NH2 . ARG A 1 16  ? -5.055  22.299  -4.867  1.00 33.76 ? 21  ARG A NH2 1 
ATOM   125  N N   . VAL A 1 17  ? -10.034 21.597  0.514   1.00 31.80 ? 22  VAL A N   1 
ATOM   126  C CA  . VAL A 1 17  ? -10.490 20.311  1.038   1.00 31.73 ? 22  VAL A CA  1 
ATOM   127  C C   . VAL A 1 17  ? -9.880  19.132  0.234   1.00 31.11 ? 22  VAL A C   1 
ATOM   128  O O   . VAL A 1 17  ? -9.620  19.253  -0.967  1.00 30.91 ? 22  VAL A O   1 
ATOM   129  C CB  . VAL A 1 17  ? -12.051 20.194  1.081   1.00 31.67 ? 22  VAL A CB  1 
ATOM   130  C CG1 . VAL A 1 17  ? -12.673 21.360  1.855   1.00 33.43 ? 22  VAL A CG1 1 
ATOM   131  C CG2 . VAL A 1 17  ? -12.645 20.117  -0.302  1.00 32.58 ? 22  VAL A CG2 1 
ATOM   132  N N   . TYR A 1 18  ? -9.628  18.020  0.911   1.00 30.51 ? 23  TYR A N   1 
ATOM   133  C CA  . TYR A 1 18  ? -9.274  16.777  0.233   1.00 30.21 ? 23  TYR A CA  1 
ATOM   134  C C   . TYR A 1 18  ? -9.882  15.612  0.977   1.00 30.34 ? 23  TYR A C   1 
ATOM   135  O O   . TYR A 1 18  ? -10.537 15.811  2.000   1.00 29.77 ? 23  TYR A O   1 
ATOM   136  C CB  . TYR A 1 18  ? -7.771  16.613  0.108   1.00 29.77 ? 23  TYR A CB  1 
ATOM   137  C CG  . TYR A 1 18  ? -7.030  16.349  1.397   1.00 30.57 ? 23  TYR A CG  1 
ATOM   138  C CD1 . TYR A 1 18  ? -6.614  15.060  1.731   1.00 29.95 ? 23  TYR A CD1 1 
ATOM   139  C CD2 . TYR A 1 18  ? -6.709  17.396  2.260   1.00 30.67 ? 23  TYR A CD2 1 
ATOM   140  C CE1 . TYR A 1 18  ? -5.921  14.818  2.903   1.00 31.35 ? 23  TYR A CE1 1 
ATOM   141  C CE2 . TYR A 1 18  ? -6.029  17.169  3.425   1.00 32.09 ? 23  TYR A CE2 1 
ATOM   142  C CZ  . TYR A 1 18  ? -5.629  15.876  3.740   1.00 31.36 ? 23  TYR A CZ  1 
ATOM   143  O OH  . TYR A 1 18  ? -4.937  15.663  4.891   1.00 30.81 ? 23  TYR A OH  1 
ATOM   144  N N   . TYR A 1 19  ? -9.688  14.401  0.448   1.00 30.21 ? 24  TYR A N   1 
ATOM   145  C CA  . TYR A 1 19  ? -10.296 13.211  1.042   1.00 30.47 ? 24  TYR A CA  1 
ATOM   146  C C   . TYR A 1 19  ? -9.222  12.236  1.464   1.00 29.85 ? 24  TYR A C   1 
ATOM   147  O O   . TYR A 1 19  ? -8.225  12.046  0.776   1.00 29.28 ? 24  TYR A O   1 
ATOM   148  C CB  . TYR A 1 19  ? -11.343 12.589  0.112   1.00 31.14 ? 24  TYR A CB  1 
ATOM   149  C CG  . TYR A 1 19  ? -12.413 13.597  -0.248  1.00 32.76 ? 24  TYR A CG  1 
ATOM   150  C CD1 . TYR A 1 19  ? -12.184 14.561  -1.242  1.00 35.24 ? 24  TYR A CD1 1 
ATOM   151  C CD2 . TYR A 1 19  ? -13.626 13.639  0.441   1.00 34.16 ? 24  TYR A CD2 1 
ATOM   152  C CE1 . TYR A 1 19  ? -13.139 15.523  -1.559  1.00 34.78 ? 24  TYR A CE1 1 
ATOM   153  C CE2 . TYR A 1 19  ? -14.597 14.595  0.130   1.00 34.96 ? 24  TYR A CE2 1 
ATOM   154  C CZ  . TYR A 1 19  ? -14.345 15.533  -0.875  1.00 35.42 ? 24  TYR A CZ  1 
ATOM   155  O OH  . TYR A 1 19  ? -15.298 16.484  -1.203  1.00 35.75 ? 24  TYR A OH  1 
ATOM   156  N N   . PHE A 1 20  ? -9.432  11.670  2.637   1.00 29.45 ? 25  PHE A N   1 
ATOM   157  C CA  . PHE A 1 20  ? -8.508  10.752  3.250   1.00 29.65 ? 25  PHE A CA  1 
ATOM   158  C C   . PHE A 1 20  ? -9.300  9.530   3.731   1.00 29.46 ? 25  PHE A C   1 
ATOM   159  O O   . PHE A 1 20  ? -10.434 9.657   4.212   1.00 29.66 ? 25  PHE A O   1 
ATOM   160  C CB  . PHE A 1 20  ? -7.765  11.447  4.399   1.00 29.73 ? 25  PHE A CB  1 
ATOM   161  C CG  . PHE A 1 20  ? -6.954  10.517  5.247   1.00 30.54 ? 25  PHE A CG  1 
ATOM   162  C CD1 . PHE A 1 20  ? -5.774  9.956   4.753   1.00 29.48 ? 25  PHE A CD1 1 
ATOM   163  C CD2 . PHE A 1 20  ? -7.390  10.159  6.534   1.00 30.54 ? 25  PHE A CD2 1 
ATOM   164  C CE1 . PHE A 1 20  ? -5.032  9.061   5.535   1.00 30.63 ? 25  PHE A CE1 1 
ATOM   165  C CE2 . PHE A 1 20  ? -6.649  9.268   7.320   1.00 30.60 ? 25  PHE A CE2 1 
ATOM   166  C CZ  . PHE A 1 20  ? -5.469  8.718   6.813   1.00 30.14 ? 25  PHE A CZ  1 
ATOM   167  N N   . ASN A 1 21  ? -8.705  8.354   3.543   1.00 28.81 ? 26  ASN A N   1 
ATOM   168  C CA  . ASN A 1 21  ? -9.271  7.086   3.981   1.00 27.64 ? 26  ASN A CA  1 
ATOM   169  C C   . ASN A 1 21  ? -8.433  6.534   5.128   1.00 27.25 ? 26  ASN A C   1 
ATOM   170  O O   . ASN A 1 21  ? -7.236  6.286   4.957   1.00 27.34 ? 26  ASN A O   1 
ATOM   171  C CB  . ASN A 1 21  ? -9.319  6.084   2.825   1.00 27.51 ? 26  ASN A CB  1 
ATOM   172  C CG  . ASN A 1 21  ? -10.170 4.861   3.146   1.00 27.00 ? 26  ASN A CG  1 
ATOM   173  O OD1 . ASN A 1 21  ? -9.912  4.148   4.107   1.00 26.96 ? 26  ASN A OD1 1 
ATOM   174  N ND2 . ASN A 1 21  ? -11.175 4.615   2.335   1.00 27.88 ? 26  ASN A ND2 1 
ATOM   175  N N   . HIS A 1 22  ? -9.044  6.362   6.301   1.00 26.54 ? 27  HIS A N   1 
ATOM   176  C CA  . HIS A 1 22  ? -8.259  5.974   7.504   1.00 26.72 ? 27  HIS A CA  1 
ATOM   177  C C   . HIS A 1 22  ? -7.981  4.455   7.606   1.00 26.42 ? 27  HIS A C   1 
ATOM   178  O O   . HIS A 1 22  ? -7.271  4.001   8.509   1.00 26.78 ? 27  HIS A O   1 
ATOM   179  C CB  . HIS A 1 22  ? -8.913  6.510   8.805   1.00 25.94 ? 27  HIS A CB  1 
ATOM   180  C CG  . HIS A 1 22  ? -10.326 6.066   9.001   1.00 25.87 ? 27  HIS A CG  1 
ATOM   181  N ND1 . HIS A 1 22  ? -10.655 4.795   9.432   1.00 28.05 ? 27  HIS A ND1 1 
ATOM   182  C CD2 . HIS A 1 22  ? -11.498 6.722   8.831   1.00 24.90 ? 27  HIS A CD2 1 
ATOM   183  C CE1 . HIS A 1 22  ? -11.970 4.690   9.512   1.00 28.03 ? 27  HIS A CE1 1 
ATOM   184  N NE2 . HIS A 1 22  ? -12.505 5.843   9.147   1.00 28.30 ? 27  HIS A NE2 1 
ATOM   185  N N   . ILE A 1 23  ? -8.553  3.688   6.685   1.00 26.74 ? 28  ILE A N   1 
ATOM   186  C CA  . ILE A 1 23  ? -8.300  2.251   6.577   1.00 27.06 ? 28  ILE A CA  1 
ATOM   187  C C   . ILE A 1 23  ? -7.144  2.015   5.597   1.00 27.19 ? 28  ILE A C   1 
ATOM   188  O O   . ILE A 1 23  ? -6.176  1.334   5.951   1.00 28.14 ? 28  ILE A O   1 
ATOM   189  C CB  . ILE A 1 23  ? -9.561  1.448   6.158   1.00 27.08 ? 28  ILE A CB  1 
ATOM   190  C CG1 . ILE A 1 23  ? -10.798 1.901   6.954   1.00 27.74 ? 28  ILE A CG1 1 
ATOM   191  C CG2 . ILE A 1 23  ? -9.306  -0.065  6.327   1.00 28.38 ? 28  ILE A CG2 1 
ATOM   192  C CD1 . ILE A 1 23  ? -12.117 1.245   6.549   1.00 26.73 ? 28  ILE A CD1 1 
ATOM   193  N N   . THR A 1 24  ? -7.217  2.618   4.402   1.00 26.45 ? 29  THR A N   1 
ATOM   194  C CA  . THR A 1 24  ? -6.192  2.410   3.353   1.00 25.27 ? 29  THR A CA  1 
ATOM   195  C C   . THR A 1 24  ? -5.015  3.378   3.380   1.00 25.48 ? 29  THR A C   1 
ATOM   196  O O   . THR A 1 24  ? -3.978  3.106   2.754   1.00 25.43 ? 29  THR A O   1 
ATOM   197  C CB  . THR A 1 24  ? -6.791  2.443   1.934   1.00 25.11 ? 29  THR A CB  1 
ATOM   198  O OG1 . THR A 1 24  ? -7.288  3.751   1.645   1.00 25.40 ? 29  THR A OG1 1 
ATOM   199  C CG2 . THR A 1 24  ? -7.911  1.456   1.765   1.00 21.77 ? 29  THR A CG2 1 
ATOM   200  N N   . ASN A 1 25  ? -5.170  4.500   4.101   1.00 25.29 ? 30  ASN A N   1 
ATOM   201  C CA  . ASN A 1 25  ? -4.220  5.647   4.077   1.00 24.42 ? 30  ASN A CA  1 
ATOM   202  C C   . ASN A 1 25  ? -4.109  6.360   2.707   1.00 24.18 ? 30  ASN A C   1 
ATOM   203  O O   . ASN A 1 25  ? -3.126  7.050   2.418   1.00 23.77 ? 30  ASN A O   1 
ATOM   204  C CB  . ASN A 1 25  ? -2.843  5.287   4.671   1.00 23.97 ? 30  ASN A CB  1 
ATOM   205  C CG  . ASN A 1 25  ? -2.910  5.012   6.185   1.00 24.39 ? 30  ASN A CG  1 
ATOM   206  O OD1 . ASN A 1 25  ? -2.250  4.091   6.723   1.00 22.42 ? 30  ASN A OD1 1 
ATOM   207  N ND2 . ASN A 1 25  ? -3.735  5.780   6.861   1.00 19.51 ? 30  ASN A ND2 1 
ATOM   208  N N   . ALA A 1 26  ? -5.129  6.186   1.874   1.00 23.87 ? 31  ALA A N   1 
ATOM   209  C CA  . ALA A 1 26  ? -5.199  6.888   0.603   1.00 24.15 ? 31  ALA A CA  1 
ATOM   210  C C   . ALA A 1 26  ? -5.582  8.345   0.860   1.00 24.38 ? 31  ALA A C   1 
ATOM   211  O O   . ALA A 1 26  ? -6.316  8.657   1.804   1.00 24.48 ? 31  ALA A O   1 
ATOM   212  C CB  . ALA A 1 26  ? -6.190  6.231   -0.308  1.00 23.49 ? 31  ALA A CB  1 
ATOM   213  N N   . SER A 1 27  ? -5.041  9.233   0.047   1.00 24.41 ? 32  SER A N   1 
ATOM   214  C CA  . SER A 1 27  ? -5.449  10.618  0.083   1.00 24.85 ? 32  SER A CA  1 
ATOM   215  C C   . SER A 1 27  ? -5.438  11.189  -1.327  1.00 25.17 ? 32  SER A C   1 
ATOM   216  O O   . SER A 1 27  ? -4.554  10.890  -2.131  1.00 25.31 ? 32  SER A O   1 
ATOM   217  C CB  . SER A 1 27  ? -4.590  11.433  1.048   1.00 24.37 ? 32  SER A CB  1 
ATOM   218  O OG  . SER A 1 27  ? -3.226  11.365  0.705   1.00 24.97 ? 32  SER A OG  1 
ATOM   219  N N   . GLN A 1 28  ? -6.449  11.990  -1.621  1.00 25.50 ? 33  GLN A N   1 
ATOM   220  C CA  . GLN A 1 28  ? -6.640  12.547  -2.943  1.00 26.21 ? 33  GLN A CA  1 
ATOM   221  C C   . GLN A 1 28  ? -7.473  13.820  -2.858  1.00 26.43 ? 33  GLN A C   1 
ATOM   222  O O   . GLN A 1 28  ? -8.177  14.044  -1.869  1.00 25.81 ? 33  GLN A O   1 
ATOM   223  C CB  . GLN A 1 28  ? -7.314  11.522  -3.869  1.00 25.93 ? 33  GLN A CB  1 
ATOM   224  C CG  . GLN A 1 28  ? -8.707  11.073  -3.407  1.00 26.16 ? 33  GLN A CG  1 
ATOM   225  C CD  . GLN A 1 28  ? -9.160  9.785   -4.064  1.00 26.48 ? 33  GLN A CD  1 
ATOM   226  O OE1 . GLN A 1 28  ? -10.352 9.591   -4.323  1.00 26.94 ? 33  GLN A OE1 1 
ATOM   227  N NE2 . GLN A 1 28  ? -8.210  8.890   -4.328  1.00 24.36 ? 33  GLN A NE2 1 
ATOM   228  N N   . TRP A 1 29  ? -7.386  14.649  -3.899  1.00 26.91 ? 34  TRP A N   1 
ATOM   229  C CA  . TRP A 1 29  ? -8.189  15.881  -3.985  1.00 27.61 ? 34  TRP A CA  1 
ATOM   230  C C   . TRP A 1 29  ? -9.630  15.551  -4.327  1.00 28.93 ? 34  TRP A C   1 
ATOM   231  O O   . TRP A 1 29  ? -10.571 16.170  -3.826  1.00 29.18 ? 34  TRP A O   1 
ATOM   232  C CB  . TRP A 1 29  ? -7.623  16.819  -5.060  1.00 26.07 ? 34  TRP A CB  1 
ATOM   233  C CG  . TRP A 1 29  ? -6.299  17.358  -4.712  1.00 25.58 ? 34  TRP A CG  1 
ATOM   234  C CD1 . TRP A 1 29  ? -5.130  17.154  -5.374  1.00 23.64 ? 34  TRP A CD1 1 
ATOM   235  C CD2 . TRP A 1 29  ? -5.991  18.201  -3.589  1.00 24.83 ? 34  TRP A CD2 1 
ATOM   236  N NE1 . TRP A 1 29  ? -4.118  17.824  -4.752  1.00 24.32 ? 34  TRP A NE1 1 
ATOM   237  C CE2 . TRP A 1 29  ? -4.613  18.466  -3.646  1.00 23.91 ? 34  TRP A CE2 1 
ATOM   238  C CE3 . TRP A 1 29  ? -6.761  18.767  -2.553  1.00 22.84 ? 34  TRP A CE3 1 
ATOM   239  C CZ2 . TRP A 1 29  ? -3.962  19.262  -2.699  1.00 24.24 ? 34  TRP A CZ2 1 
ATOM   240  C CZ3 . TRP A 1 29  ? -6.121  19.553  -1.607  1.00 24.10 ? 34  TRP A CZ3 1 
ATOM   241  C CH2 . TRP A 1 29  ? -4.731  19.794  -1.688  1.00 25.69 ? 34  TRP A CH2 1 
ATOM   242  N N   . GLU A 1 30  ? -9.779  14.546  -5.181  1.00 30.89 ? 35  GLU A N   1 
ATOM   243  C CA  . GLU A 1 30  ? -11.048 14.173  -5.790  1.00 32.56 ? 35  GLU A CA  1 
ATOM   244  C C   . GLU A 1 30  ? -11.972 13.472  -4.805  1.00 34.26 ? 35  GLU A C   1 
ATOM   245  O O   . GLU A 1 30  ? -11.517 12.659  -3.996  1.00 33.87 ? 35  GLU A O   1 
ATOM   246  C CB  . GLU A 1 30  ? -10.767 13.253  -6.996  1.00 32.42 ? 35  GLU A CB  1 
ATOM   247  C CG  . GLU A 1 30  ? -9.997  13.925  -8.156  1.00 32.07 ? 35  GLU A CG  1 
ATOM   248  C CD  . GLU A 1 30  ? -8.493  14.041  -7.929  1.00 32.48 ? 35  GLU A CD  1 
ATOM   249  O OE1 . GLU A 1 30  ? -7.849  14.896  -8.594  1.00 32.59 ? 35  GLU A OE1 1 
ATOM   250  O OE2 . GLU A 1 30  ? -7.940  13.278  -7.103  1.00 32.43 ? 35  GLU A OE2 1 
ATOM   251  N N   . ARG A 1 31  ? -13.267 13.768  -4.891  1.00 36.89 ? 36  ARG A N   1 
ATOM   252  C CA  . ARG A 1 31  ? -14.279 13.110  -4.058  1.00 39.99 ? 36  ARG A CA  1 
ATOM   253  C C   . ARG A 1 31  ? -14.448 11.656  -4.504  1.00 41.53 ? 36  ARG A C   1 
ATOM   254  O O   . ARG A 1 31  ? -14.767 11.405  -5.666  1.00 41.82 ? 36  ARG A O   1 
ATOM   255  C CB  . ARG A 1 31  ? -15.613 13.855  -4.113  1.00 40.23 ? 36  ARG A CB  1 
ATOM   256  C CG  . ARG A 1 31  ? -16.554 13.515  -2.957  1.00 43.87 ? 36  ARG A CG  1 
ATOM   257  C CD  . ARG A 1 31  ? -17.991 13.883  -3.286  1.00 49.37 ? 36  ARG A CD  1 
ATOM   258  N NE  . ARG A 1 31  ? -18.940 12.818  -2.935  1.00 53.53 ? 36  ARG A NE  1 
ATOM   259  C CZ  . ARG A 1 31  ? -19.828 12.886  -1.943  1.00 55.94 ? 36  ARG A CZ  1 
ATOM   260  N NH1 . ARG A 1 31  ? -19.907 13.977  -1.176  1.00 56.28 ? 36  ARG A NH1 1 
ATOM   261  N NH2 . ARG A 1 31  ? -20.646 11.859  -1.714  1.00 57.29 ? 36  ARG A NH2 1 
ATOM   262  N N   . PRO A 1 32  ? -14.221 10.693  -3.585  1.00 43.15 ? 37  PRO A N   1 
ATOM   263  C CA  . PRO A 1 32  ? -14.247 9.262   -3.938  1.00 44.59 ? 37  PRO A CA  1 
ATOM   264  C C   . PRO A 1 32  ? -15.605 8.755   -4.449  1.00 45.84 ? 37  PRO A C   1 
ATOM   265  O O   . PRO A 1 32  ? -16.657 9.180   -3.951  1.00 45.93 ? 37  PRO A O   1 
ATOM   266  C CB  . PRO A 1 32  ? -13.903 8.568   -2.611  1.00 44.75 ? 37  PRO A CB  1 
ATOM   267  C CG  . PRO A 1 32  ? -14.289 9.567   -1.543  1.00 43.85 ? 37  PRO A CG  1 
ATOM   268  C CD  . PRO A 1 32  ? -13.932 10.894  -2.153  1.00 43.14 ? 37  PRO A CD  1 
ATOM   269  N N   . SER A 1 33  ? -15.551 7.868   -5.451  1.00 47.56 ? 38  SER A N   1 
ATOM   270  C CA  . SER A 1 33  ? -16.707 7.085   -5.934  1.00 48.71 ? 38  SER A CA  1 
ATOM   271  C C   . SER A 1 33  ? -16.346 6.205   -7.140  1.00 49.14 ? 38  SER A C   1 
ATOM   272  O O   . SER A 1 33  ? -15.286 6.357   -7.757  1.00 49.23 ? 38  SER A O   1 
ATOM   273  C CB  . SER A 1 33  ? -17.928 7.971   -6.252  1.00 49.24 ? 38  SER A CB  1 
ATOM   274  O OG  . SER A 1 33  ? -19.006 7.203   -6.785  1.00 50.09 ? 38  SER A OG  1 
ATOM   275  N N   . GLU A 1 46  ? -19.886 -6.114  0.524   1.00 51.10 ? 51  GLU A N   1 
ATOM   276  C CA  . GLU A 1 46  ? -18.509 -6.290  0.061   1.00 50.92 ? 51  GLU A CA  1 
ATOM   277  C C   . GLU A 1 46  ? -18.281 -7.636  -0.677  1.00 50.43 ? 51  GLU A C   1 
ATOM   278  O O   . GLU A 1 46  ? -19.108 -8.552  -0.554  1.00 50.68 ? 51  GLU A O   1 
ATOM   279  C CB  . GLU A 1 46  ? -17.516 -6.069  1.218   1.00 51.08 ? 51  GLU A CB  1 
ATOM   280  C CG  . GLU A 1 46  ? -17.389 -7.206  2.232   1.00 51.45 ? 51  GLU A CG  1 
ATOM   281  C CD  . GLU A 1 46  ? -16.153 -7.064  3.118   1.00 51.13 ? 51  GLU A CD  1 
ATOM   282  O OE1 . GLU A 1 46  ? -15.583 -8.101  3.532   1.00 51.61 ? 51  GLU A OE1 1 
ATOM   283  O OE2 . GLU A 1 46  ? -15.745 -5.919  3.400   1.00 50.97 ? 51  GLU A OE2 1 
ATOM   284  N N   . PRO A 1 47  ? -17.171 -7.751  -1.460  1.00 49.43 ? 52  PRO A N   1 
ATOM   285  C CA  . PRO A 1 47  ? -16.929 -9.000  -2.203  1.00 48.23 ? 52  PRO A CA  1 
ATOM   286  C C   . PRO A 1 47  ? -16.380 -10.120 -1.318  1.00 46.88 ? 52  PRO A C   1 
ATOM   287  O O   . PRO A 1 47  ? -15.857 -9.855  -0.238  1.00 46.64 ? 52  PRO A O   1 
ATOM   288  C CB  . PRO A 1 47  ? -15.878 -8.592  -3.239  1.00 48.53 ? 52  PRO A CB  1 
ATOM   289  C CG  . PRO A 1 47  ? -15.118 -7.467  -2.581  1.00 48.62 ? 52  PRO A CG  1 
ATOM   290  C CD  . PRO A 1 47  ? -16.105 -6.750  -1.694  1.00 49.38 ? 52  PRO A CD  1 
ATOM   291  N N   . ALA A 1 48  ? -16.502 -11.358 -1.793  1.00 45.28 ? 53  ALA A N   1 
ATOM   292  C CA  . ALA A 1 48  ? -15.973 -12.525 -1.091  1.00 43.40 ? 53  ALA A CA  1 
ATOM   293  C C   . ALA A 1 48  ? -14.451 -12.554 -1.166  1.00 41.95 ? 53  ALA A C   1 
ATOM   294  O O   . ALA A 1 48  ? -13.763 -12.973 -0.220  1.00 41.30 ? 53  ALA A O   1 
ATOM   295  C CB  . ALA A 1 48  ? -16.565 -13.816 -1.688  1.00 43.54 ? 53  ALA A CB  1 
ATOM   296  N N   . ARG A 1 49  ? -13.934 -12.115 -2.309  1.00 40.08 ? 54  ARG A N   1 
ATOM   297  C CA  . ARG A 1 49  ? -12.513 -12.165 -2.586  1.00 38.26 ? 54  ARG A CA  1 
ATOM   298  C C   . ARG A 1 49  ? -12.088 -10.910 -3.318  1.00 36.38 ? 54  ARG A C   1 
ATOM   299  O O   . ARG A 1 49  ? -12.846 -10.339 -4.098  1.00 35.86 ? 54  ARG A O   1 
ATOM   300  C CB  . ARG A 1 49  ? -12.187 -13.377 -3.464  1.00 38.83 ? 54  ARG A CB  1 
ATOM   301  C CG  . ARG A 1 49  ? -12.144 -14.709 -2.736  1.00 41.27 ? 54  ARG A CG  1 
ATOM   302  C CD  . ARG A 1 49  ? -12.329 -15.895 -3.693  1.00 45.68 ? 54  ARG A CD  1 
ATOM   303  N NE  . ARG A 1 49  ? -11.078 -16.421 -4.250  1.00 48.26 ? 54  ARG A NE  1 
ATOM   304  C CZ  . ARG A 1 49  ? -10.116 -17.031 -3.549  1.00 50.53 ? 54  ARG A CZ  1 
ATOM   305  N NH1 . ARG A 1 49  ? -10.214 -17.181 -2.223  1.00 50.96 ? 54  ARG A NH1 1 
ATOM   306  N NH2 . ARG A 1 49  ? -9.033  -17.488 -4.173  1.00 50.62 ? 54  ARG A NH2 1 
ATOM   307  N N   . VAL A 1 50  ? -10.852 -10.505 -3.066  1.00 33.91 ? 55  VAL A N   1 
ATOM   308  C CA  . VAL A 1 50  ? -10.216 -9.455  -3.827  1.00 31.50 ? 55  VAL A CA  1 
ATOM   309  C C   . VAL A 1 50  ? -8.875  -10.000 -4.301  1.00 30.17 ? 55  VAL A C   1 
ATOM   310  O O   . VAL A 1 50  ? -8.321  -10.942 -3.715  1.00 29.67 ? 55  VAL A O   1 
ATOM   311  C CB  . VAL A 1 50  ? -10.015 -8.150  -2.984  1.00 31.41 ? 55  VAL A CB  1 
ATOM   312  C CG1 . VAL A 1 50  ? -11.356 -7.549  -2.625  1.00 30.99 ? 55  VAL A CG1 1 
ATOM   313  C CG2 . VAL A 1 50  ? -9.192  -8.425  -1.710  1.00 30.06 ? 55  VAL A CG2 1 
ATOM   314  N N   . ARG A 1 51  ? -8.365  -9.392  -5.361  1.00 27.65 ? 56  ARG A N   1 
ATOM   315  C CA  . ARG A 1 51  ? -7.039  -9.677  -5.828  1.00 26.25 ? 56  ARG A CA  1 
ATOM   316  C C   . ARG A 1 51  ? -6.249  -8.384  -5.695  1.00 24.86 ? 56  ARG A C   1 
ATOM   317  O O   . ARG A 1 51  ? -6.731  -7.329  -6.085  1.00 24.85 ? 56  ARG A O   1 
ATOM   318  C CB  . ARG A 1 51  ? -7.107  -10.144 -7.280  1.00 25.42 ? 56  ARG A CB  1 
ATOM   319  C CG  . ARG A 1 51  ? -5.807  -10.616 -7.824  1.00 26.96 ? 56  ARG A CG  1 
ATOM   320  C CD  . ARG A 1 51  ? -5.880  -10.762 -9.323  1.00 26.62 ? 56  ARG A CD  1 
ATOM   321  N NE  . ARG A 1 51  ? -4.626  -11.295 -9.836  1.00 26.60 ? 56  ARG A NE  1 
ATOM   322  C CZ  . ARG A 1 51  ? -4.468  -11.825 -11.047 1.00 25.64 ? 56  ARG A CZ  1 
ATOM   323  N NH1 . ARG A 1 51  ? -5.500  -11.909 -11.874 1.00 21.35 ? 56  ARG A NH1 1 
ATOM   324  N NH2 . ARG A 1 51  ? -3.275  -12.290 -11.415 1.00 25.24 ? 56  ARG A NH2 1 
ATOM   325  N N   . CYS A 1 52  ? -5.052  -8.473  -5.132  1.00 24.18 ? 57  CYS A N   1 
ATOM   326  C CA  . CYS A 1 52  ? -4.214  -7.308  -4.921  1.00 24.41 ? 57  CYS A CA  1 
ATOM   327  C C   . CYS A 1 52  ? -2.782  -7.603  -5.326  1.00 24.60 ? 57  CYS A C   1 
ATOM   328  O O   . CYS A 1 52  ? -2.320  -8.756  -5.247  1.00 24.80 ? 57  CYS A O   1 
ATOM   329  C CB  . CYS A 1 52  ? -4.277  -6.844  -3.439  1.00 23.86 ? 57  CYS A CB  1 
ATOM   330  S SG  . CYS A 1 52  ? -5.913  -6.176  -2.951  1.00 25.33 ? 57  CYS A SG  1 
ATOM   331  N N   . SER A 1 53  ? -2.086  -6.558  -5.768  1.00 23.69 ? 58  SER A N   1 
ATOM   332  C CA  . SER A 1 53  ? -0.642  -6.559  -5.778  1.00 23.60 ? 58  SER A CA  1 
ATOM   333  C C   . SER A 1 53  ? -0.166  -5.659  -4.633  1.00 23.91 ? 58  SER A C   1 
ATOM   334  O O   . SER A 1 53  ? -0.935  -4.848  -4.096  1.00 24.98 ? 58  SER A O   1 
ATOM   335  C CB  . SER A 1 53  ? -0.097  -6.095  -7.137  1.00 23.38 ? 58  SER A CB  1 
ATOM   336  O OG  . SER A 1 53  ? -0.619  -6.897  -8.193  1.00 22.36 ? 58  SER A OG  1 
ATOM   337  N N   . HIS A 1 54  ? 1.087   -5.812  -4.239  1.00 23.98 ? 59  HIS A N   1 
ATOM   338  C CA  . HIS A 1 54  ? 1.660   -4.932  -3.230  1.00 24.19 ? 59  HIS A CA  1 
ATOM   339  C C   . HIS A 1 54  ? 3.148   -4.781  -3.434  1.00 23.71 ? 59  HIS A C   1 
ATOM   340  O O   . HIS A 1 54  ? 3.771   -5.562  -4.152  1.00 23.40 ? 59  HIS A O   1 
ATOM   341  C CB  . HIS A 1 54  ? 1.291   -5.388  -1.796  1.00 24.34 ? 59  HIS A CB  1 
ATOM   342  C CG  . HIS A 1 54  ? 2.172   -6.470  -1.233  1.00 26.71 ? 59  HIS A CG  1 
ATOM   343  N ND1 . HIS A 1 54  ? 2.420   -7.661  -1.888  1.00 28.66 ? 59  HIS A ND1 1 
ATOM   344  C CD2 . HIS A 1 54  ? 2.816   -6.557  -0.047  1.00 27.22 ? 59  HIS A CD2 1 
ATOM   345  C CE1 . HIS A 1 54  ? 3.204   -8.418  -1.144  1.00 29.04 ? 59  HIS A CE1 1 
ATOM   346  N NE2 . HIS A 1 54  ? 3.465   -7.769  -0.023  1.00 30.58 ? 59  HIS A NE2 1 
ATOM   347  N N   . LEU A 1 55  ? 3.692   -3.732  -2.837  1.00 23.71 ? 60  LEU A N   1 
ATOM   348  C CA  . LEU A 1 55  ? 5.111   -3.461  -2.803  1.00 24.16 ? 60  LEU A CA  1 
ATOM   349  C C   . LEU A 1 55  ? 5.382   -3.425  -1.312  1.00 25.25 ? 60  LEU A C   1 
ATOM   350  O O   . LEU A 1 55  ? 4.722   -2.679  -0.584  1.00 25.50 ? 60  LEU A O   1 
ATOM   351  C CB  . LEU A 1 55  ? 5.429   -2.094  -3.444  1.00 22.74 ? 60  LEU A CB  1 
ATOM   352  C CG  . LEU A 1 55  ? 6.878   -1.713  -3.797  1.00 22.63 ? 60  LEU A CG  1 
ATOM   353  C CD1 . LEU A 1 55  ? 6.956   -0.567  -4.849  1.00 22.41 ? 60  LEU A CD1 1 
ATOM   354  C CD2 . LEU A 1 55  ? 7.752   -1.345  -2.598  1.00 20.14 ? 60  LEU A CD2 1 
ATOM   355  N N   . LEU A 1 56  ? 6.333   -4.236  -0.856  1.00 26.22 ? 61  LEU A N   1 
ATOM   356  C CA  . LEU A 1 56  ? 6.672   -4.278  0.551   1.00 26.62 ? 61  LEU A CA  1 
ATOM   357  C C   . LEU A 1 56  ? 8.068   -3.712  0.767   1.00 27.01 ? 61  LEU A C   1 
ATOM   358  O O   . LEU A 1 56  ? 9.005   -4.048  0.059   1.00 27.05 ? 61  LEU A O   1 
ATOM   359  C CB  . LEU A 1 56  ? 6.536   -5.711  1.102   1.00 27.21 ? 61  LEU A CB  1 
ATOM   360  C CG  . LEU A 1 56  ? 7.022   -6.062  2.528   1.00 27.11 ? 61  LEU A CG  1 
ATOM   361  C CD1 . LEU A 1 56  ? 6.171   -5.422  3.624   1.00 27.74 ? 61  LEU A CD1 1 
ATOM   362  C CD2 . LEU A 1 56  ? 6.989   -7.547  2.694   1.00 26.15 ? 61  LEU A CD2 1 
ATOM   363  N N   . VAL A 1 57  ? 8.191   -2.805  1.727   1.00 27.55 ? 62  VAL A N   1 
ATOM   364  C CA  . VAL A 1 57  ? 9.496   -2.371  2.203   1.00 28.24 ? 62  VAL A CA  1 
ATOM   365  C C   . VAL A 1 57  ? 9.572   -2.843  3.650   1.00 29.11 ? 62  VAL A C   1 
ATOM   366  O O   . VAL A 1 57  ? 8.776   -2.440  4.506   1.00 29.01 ? 62  VAL A O   1 
ATOM   367  C CB  . VAL A 1 57  ? 9.696   -0.836  2.084   1.00 28.24 ? 62  VAL A CB  1 
ATOM   368  C CG1 . VAL A 1 57  ? 11.095  -0.423  2.562   1.00 27.18 ? 62  VAL A CG1 1 
ATOM   369  C CG2 . VAL A 1 57  ? 9.464   -0.382  0.651   1.00 27.24 ? 62  VAL A CG2 1 
ATOM   370  N N   . LYS A 1 58  ? 10.504  -3.749  3.898   1.00 30.60 ? 63  LYS A N   1 
ATOM   371  C CA  . LYS A 1 58  ? 10.689  -4.293  5.230   1.00 31.64 ? 63  LYS A CA  1 
ATOM   372  C C   . LYS A 1 58  ? 11.615  -3.370  6.010   1.00 32.42 ? 63  LYS A C   1 
ATOM   373  O O   . LYS A 1 58  ? 12.322  -2.535  5.421   1.00 32.38 ? 63  LYS A O   1 
ATOM   374  C CB  . LYS A 1 58  ? 11.260  -5.712  5.158   1.00 31.54 ? 63  LYS A CB  1 
ATOM   375  C CG  . LYS A 1 58  ? 10.216  -6.777  4.820   1.00 31.66 ? 63  LYS A CG  1 
ATOM   376  C CD  . LYS A 1 58  ? 10.843  -8.173  4.614   1.00 31.74 ? 63  LYS A CD  1 
ATOM   377  C CE  . LYS A 1 58  ? 9.752   -9.238  4.536   1.00 30.64 ? 63  LYS A CE  1 
ATOM   378  N NZ  . LYS A 1 58  ? 10.278  -10.611 4.701   1.00 30.43 ? 63  LYS A NZ  1 
ATOM   379  N N   . HIS A 1 59  ? 11.591  -3.519  7.333   1.00 33.29 ? 64  HIS A N   1 
ATOM   380  C CA  . HIS A 1 59  ? 12.490  -2.788  8.221   1.00 34.02 ? 64  HIS A CA  1 
ATOM   381  C C   . HIS A 1 59  ? 12.987  -3.694  9.360   1.00 35.17 ? 64  HIS A C   1 
ATOM   382  O O   . HIS A 1 59  ? 12.526  -4.844  9.515   1.00 34.65 ? 64  HIS A O   1 
ATOM   383  C CB  . HIS A 1 59  ? 11.802  -1.533  8.783   1.00 33.59 ? 64  HIS A CB  1 
ATOM   384  C CG  . HIS A 1 59  ? 10.415  -1.780  9.287   1.00 31.75 ? 64  HIS A CG  1 
ATOM   385  N ND1 . HIS A 1 59  ? 10.156  -2.478  10.447  1.00 31.99 ? 64  HIS A ND1 1 
ATOM   386  C CD2 . HIS A 1 59  ? 9.212   -1.434  8.780   1.00 31.35 ? 64  HIS A CD2 1 
ATOM   387  C CE1 . HIS A 1 59  ? 8.851   -2.562  10.628  1.00 32.49 ? 64  HIS A CE1 1 
ATOM   388  N NE2 . HIS A 1 59  ? 8.252   -1.931  9.633   1.00 32.07 ? 64  HIS A NE2 1 
ATOM   389  N N   . SER A 1 60  ? 13.920  -3.154  10.152  1.00 36.22 ? 65  SER A N   1 
ATOM   390  C CA  . SER A 1 60  ? 14.507  -3.850  11.314  1.00 36.93 ? 65  SER A CA  1 
ATOM   391  C C   . SER A 1 60  ? 13.489  -4.476  12.289  1.00 37.39 ? 65  SER A C   1 
ATOM   392  O O   . SER A 1 60  ? 13.792  -5.480  12.940  1.00 37.93 ? 65  SER A O   1 
ATOM   393  C CB  . SER A 1 60  ? 15.434  -2.901  12.061  1.00 36.72 ? 65  SER A CB  1 
ATOM   394  O OG  . SER A 1 60  ? 14.676  -1.901  12.728  1.00 37.32 ? 65  SER A OG  1 
ATOM   395  N N   . GLN A 1 61  ? 12.290  -3.897  12.377  1.00 37.82 ? 66  GLN A N   1 
ATOM   396  C CA  . GLN A 1 61  ? 11.215  -4.441  13.219  1.00 38.53 ? 66  GLN A CA  1 
ATOM   397  C C   . GLN A 1 61  ? 10.220  -5.372  12.506  1.00 38.51 ? 66  GLN A C   1 
ATOM   398  O O   . GLN A 1 61  ? 9.182   -5.737  13.079  1.00 38.66 ? 66  GLN A O   1 
ATOM   399  C CB  . GLN A 1 61  ? 10.462  -3.307  13.924  1.00 38.38 ? 66  GLN A CB  1 
ATOM   400  C CG  . GLN A 1 61  ? 11.331  -2.508  14.919  1.00 39.64 ? 66  GLN A CG  1 
ATOM   401  C CD  . GLN A 1 61  ? 10.508  -1.575  15.810  1.00 39.88 ? 66  GLN A CD  1 
ATOM   402  O OE1 . GLN A 1 61  ? 9.698   -2.028  16.636  1.00 38.87 ? 66  GLN A OE1 1 
ATOM   403  N NE2 . GLN A 1 61  ? 10.720  -0.265  15.647  1.00 40.02 ? 66  GLN A NE2 1 
ATOM   404  N N   . SER A 1 62  ? 10.518  -5.738  11.260  1.00 38.98 ? 67  SER A N   1 
ATOM   405  C CA  . SER A 1 62  ? 9.677   -6.678  10.509  1.00 39.61 ? 67  SER A CA  1 
ATOM   406  C C   . SER A 1 62  ? 9.759   -8.058  11.155  1.00 39.97 ? 67  SER A C   1 
ATOM   407  O O   . SER A 1 62  ? 10.810  -8.433  11.683  1.00 39.99 ? 67  SER A O   1 
ATOM   408  C CB  . SER A 1 62  ? 10.122  -6.756  9.042   1.00 39.49 ? 67  SER A CB  1 
ATOM   409  O OG  . SER A 1 62  ? 9.919   -5.527  8.357   1.00 39.40 ? 67  SER A OG  1 
ATOM   410  N N   . ARG A 1 63  ? 8.660   -8.805  11.111  1.00 40.56 ? 68  ARG A N   1 
ATOM   411  C CA  . ARG A 1 63  ? 8.608   -10.162 11.687  1.00 41.41 ? 68  ARG A CA  1 
ATOM   412  C C   . ARG A 1 63  ? 9.664   -11.103 11.120  1.00 42.19 ? 68  ARG A C   1 
ATOM   413  O O   . ARG A 1 63  ? 10.029  -12.087 11.769  1.00 42.81 ? 68  ARG A O   1 
ATOM   414  C CB  . ARG A 1 63  ? 7.220   -10.786 11.522  1.00 40.93 ? 68  ARG A CB  1 
ATOM   415  C CG  . ARG A 1 63  ? 6.899   -11.280 10.124  1.00 41.01 ? 68  ARG A CG  1 
ATOM   416  C CD  . ARG A 1 63  ? 5.430   -11.635 10.000  1.00 40.35 ? 68  ARG A CD  1 
ATOM   417  N NE  . ARG A 1 63  ? 5.091   -12.143 8.675   1.00 40.77 ? 68  ARG A NE  1 
ATOM   418  C CZ  . ARG A 1 63  ? 3.909   -12.674 8.363   1.00 41.40 ? 68  ARG A CZ  1 
ATOM   419  N NH1 . ARG A 1 63  ? 2.958   -12.767 9.285   1.00 39.90 ? 68  ARG A NH1 1 
ATOM   420  N NH2 . ARG A 1 63  ? 3.674   -13.115 7.128   1.00 40.54 ? 68  ARG A NH2 1 
ATOM   421  N N   . ARG A 1 64  ? 10.136  -10.795 9.911   1.00 42.70 ? 69  ARG A N   1 
ATOM   422  C CA  . ARG A 1 64  ? 11.206  -11.524 9.236   1.00 43.09 ? 69  ARG A CA  1 
ATOM   423  C C   . ARG A 1 64  ? 12.121  -10.517 8.535   1.00 42.64 ? 69  ARG A C   1 
ATOM   424  O O   . ARG A 1 64  ? 11.950  -10.254 7.338   1.00 43.26 ? 69  ARG A O   1 
ATOM   425  C CB  . ARG A 1 64  ? 10.620  -12.475 8.191   1.00 42.95 ? 69  ARG A CB  1 
ATOM   426  C CG  . ARG A 1 64  ? 10.372  -13.918 8.635   1.00 44.43 ? 69  ARG A CG  1 
ATOM   427  C CD  . ARG A 1 64  ? 10.141  -14.806 7.400   1.00 44.40 ? 69  ARG A CD  1 
ATOM   428  N NE  . ARG A 1 64  ? 11.122  -14.495 6.355   1.00 47.86 ? 69  ARG A NE  1 
ATOM   429  C CZ  . ARG A 1 64  ? 10.899  -14.549 5.040   1.00 49.56 ? 69  ARG A CZ  1 
ATOM   430  N NH1 . ARG A 1 64  ? 9.710   -14.921 4.563   1.00 50.49 ? 69  ARG A NH1 1 
ATOM   431  N NH2 . ARG A 1 64  ? 11.877  -14.225 4.193   1.00 48.67 ? 69  ARG A NH2 1 
ATOM   432  N N   . PRO A 1 65  ? 13.107  -9.957  9.260   1.00 42.41 ? 70  PRO A N   1 
ATOM   433  C CA  . PRO A 1 65  ? 13.975  -8.911  8.684   1.00 42.09 ? 70  PRO A CA  1 
ATOM   434  C C   . PRO A 1 65  ? 14.941  -9.423  7.601   1.00 41.45 ? 70  PRO A C   1 
ATOM   435  O O   . PRO A 1 65  ? 16.161  -9.231  7.692   1.00 41.64 ? 70  PRO A O   1 
ATOM   436  C CB  . PRO A 1 65  ? 14.741  -8.384  9.905   1.00 42.03 ? 70  PRO A CB  1 
ATOM   437  C CG  . PRO A 1 65  ? 14.787  -9.542  10.821  1.00 42.52 ? 70  PRO A CG  1 
ATOM   438  C CD  . PRO A 1 65  ? 13.489  -10.276 10.649  1.00 42.22 ? 70  PRO A CD  1 
ATOM   439  N N   . SER A 1 66  ? 14.375  -10.041 6.570   1.00 40.71 ? 71  SER A N   1 
ATOM   440  C CA  . SER A 1 66  ? 15.144  -10.639 5.484   1.00 39.78 ? 71  SER A CA  1 
ATOM   441  C C   . SER A 1 66  ? 14.291  -10.709 4.218   1.00 38.79 ? 71  SER A C   1 
ATOM   442  O O   . SER A 1 66  ? 13.065  -10.887 4.299   1.00 38.80 ? 71  SER A O   1 
ATOM   443  C CB  . SER A 1 66  ? 15.601  -12.044 5.889   1.00 40.17 ? 71  SER A CB  1 
ATOM   444  O OG  . SER A 1 66  ? 16.414  -12.625 4.892   1.00 41.91 ? 71  SER A OG  1 
ATOM   445  N N   . SER A 1 67  ? 14.936  -10.557 3.060   1.00 37.78 ? 72  SER A N   1 
ATOM   446  C CA  . SER A 1 67  ? 14.270  -10.755 1.749   1.00 37.06 ? 72  SER A CA  1 
ATOM   447  C C   . SER A 1 67  ? 15.249  -11.215 0.656   1.00 36.46 ? 72  SER A C   1 
ATOM   448  O O   . SER A 1 67  ? 16.447  -11.293 0.893   1.00 36.05 ? 72  SER A O   1 
ATOM   449  C CB  . SER A 1 67  ? 13.570  -9.462  1.293   1.00 36.46 ? 72  SER A CB  1 
ATOM   450  O OG  . SER A 1 67  ? 14.516  -8.494  0.871   1.00 35.90 ? 72  SER A OG  1 
ATOM   451  N N   . TRP A 1 68  ? 14.723  -11.486 -0.541  1.00 36.04 ? 73  TRP A N   1 
ATOM   452  C CA  . TRP A 1 68  ? 15.545  -11.714 -1.738  1.00 35.51 ? 73  TRP A CA  1 
ATOM   453  C C   . TRP A 1 68  ? 16.492  -10.555 -2.114  1.00 36.00 ? 73  TRP A C   1 
ATOM   454  O O   . TRP A 1 68  ? 17.489  -10.790 -2.792  1.00 36.17 ? 73  TRP A O   1 
ATOM   455  C CB  . TRP A 1 68  ? 14.657  -12.075 -2.939  1.00 34.58 ? 73  TRP A CB  1 
ATOM   456  C CG  . TRP A 1 68  ? 13.875  -10.894 -3.507  1.00 33.63 ? 73  TRP A CG  1 
ATOM   457  C CD1 . TRP A 1 68  ? 12.619  -10.489 -3.143  1.00 32.70 ? 73  TRP A CD1 1 
ATOM   458  C CD2 . TRP A 1 68  ? 14.304  -9.988  -4.539  1.00 32.81 ? 73  TRP A CD2 1 
ATOM   459  N NE1 . TRP A 1 68  ? 12.248  -9.384  -3.875  1.00 32.20 ? 73  TRP A NE1 1 
ATOM   460  C CE2 . TRP A 1 68  ? 13.260  -9.056  -4.737  1.00 31.20 ? 73  TRP A CE2 1 
ATOM   461  C CE3 . TRP A 1 68  ? 15.471  -9.867  -5.308  1.00 32.37 ? 73  TRP A CE3 1 
ATOM   462  C CZ2 . TRP A 1 68  ? 13.345  -8.027  -5.668  1.00 31.20 ? 73  TRP A CZ2 1 
ATOM   463  C CZ3 . TRP A 1 68  ? 15.548  -8.829  -6.242  1.00 33.22 ? 73  TRP A CZ3 1 
ATOM   464  C CH2 . TRP A 1 68  ? 14.488  -7.936  -6.416  1.00 32.05 ? 73  TRP A CH2 1 
ATOM   465  N N   . ARG A 1 69  ? 16.175  -9.318  -1.698  1.00 36.61 ? 74  ARG A N   1 
ATOM   466  C CA  . ARG A 1 69  ? 16.983  -8.127  -2.044  1.00 37.16 ? 74  ARG A CA  1 
ATOM   467  C C   . ARG A 1 69  ? 18.246  -7.978  -1.189  1.00 38.24 ? 74  ARG A C   1 
ATOM   468  O O   . ARG A 1 69  ? 19.273  -7.469  -1.664  1.00 37.52 ? 74  ARG A O   1 
ATOM   469  C CB  . ARG A 1 69  ? 16.184  -6.824  -1.904  1.00 36.77 ? 74  ARG A CB  1 
ATOM   470  C CG  . ARG A 1 69  ? 14.842  -6.767  -2.620  1.00 36.01 ? 74  ARG A CG  1 
ATOM   471  C CD  . ARG A 1 69  ? 14.394  -5.324  -2.818  1.00 33.61 ? 74  ARG A CD  1 
ATOM   472  N NE  . ARG A 1 69  ? 15.269  -4.648  -3.765  1.00 32.98 ? 74  ARG A NE  1 
ATOM   473  C CZ  . ARG A 1 69  ? 15.885  -3.493  -3.544  1.00 34.35 ? 74  ARG A CZ  1 
ATOM   474  N NH1 . ARG A 1 69  ? 15.704  -2.842  -2.405  1.00 35.18 ? 74  ARG A NH1 1 
ATOM   475  N NH2 . ARG A 1 69  ? 16.666  -2.972  -4.481  1.00 35.42 ? 74  ARG A NH2 1 
ATOM   476  N N   . GLN A 1 70  ? 18.142  -8.376  0.080   1.00 39.40 ? 75  GLN A N   1 
ATOM   477  C CA  . GLN A 1 70  ? 19.297  -8.412  0.985   1.00 41.11 ? 75  GLN A CA  1 
ATOM   478  C C   . GLN A 1 70  ? 19.068  -9.352  2.169   1.00 40.90 ? 75  GLN A C   1 
ATOM   479  O O   . GLN A 1 70  ? 17.957  -9.456  2.686   1.00 40.78 ? 75  GLN A O   1 
ATOM   480  C CB  . GLN A 1 70  ? 19.735  -7.007  1.438   1.00 41.01 ? 75  GLN A CB  1 
ATOM   481  C CG  . GLN A 1 70  ? 18.734  -6.228  2.251   1.00 42.08 ? 75  GLN A CG  1 
ATOM   482  C CD  . GLN A 1 70  ? 19.203  -4.816  2.565   1.00 43.00 ? 75  GLN A CD  1 
ATOM   483  O OE1 . GLN A 1 70  ? 19.709  -4.104  1.691   1.00 46.94 ? 75  GLN A OE1 1 
ATOM   484  N NE2 . GLN A 1 70  ? 19.029  -4.400  3.807   1.00 44.15 ? 75  GLN A NE2 1 
ATOM   485  N N   . GLU A 1 71  ? 20.141  -10.039 2.561   1.00 41.35 ? 76  GLU A N   1 
ATOM   486  C CA  . GLU A 1 71  ? 20.106  -11.102 3.574   1.00 41.47 ? 76  GLU A CA  1 
ATOM   487  C C   . GLU A 1 71  ? 19.676  -10.581 4.942   1.00 41.53 ? 76  GLU A C   1 
ATOM   488  O O   . GLU A 1 71  ? 18.806  -11.158 5.610   1.00 41.01 ? 76  GLU A O   1 
ATOM   489  C CB  . GLU A 1 71  ? 21.485  -11.769 3.666   1.00 41.61 ? 76  GLU A CB  1 
ATOM   490  C CG  . GLU A 1 71  ? 21.536  -13.022 4.533   1.00 41.50 ? 76  GLU A CG  1 
ATOM   491  C CD  . GLU A 1 71  ? 22.644  -13.988 4.125   1.00 41.55 ? 76  GLU A CD  1 
ATOM   492  O OE1 . GLU A 1 71  ? 22.584  -15.149 4.577   1.00 41.85 ? 76  GLU A OE1 1 
ATOM   493  O OE2 . GLU A 1 71  ? 23.557  -13.599 3.356   1.00 39.71 ? 76  GLU A OE2 1 
ATOM   494  N N   . LYS A 1 72  ? 20.298  -9.472  5.325   1.00 41.94 ? 77  LYS A N   1 
ATOM   495  C CA  . LYS A 1 72  ? 20.044  -8.808  6.585   1.00 42.43 ? 77  LYS A CA  1 
ATOM   496  C C   . LYS A 1 72  ? 19.437  -7.431  6.263   1.00 41.86 ? 77  LYS A C   1 
ATOM   497  O O   . LYS A 1 72  ? 20.115  -6.547  5.728   1.00 42.09 ? 77  LYS A O   1 
ATOM   498  C CB  . LYS A 1 72  ? 21.371  -8.696  7.356   1.00 42.72 ? 77  LYS A CB  1 
ATOM   499  C CG  . LYS A 1 72  ? 21.370  -7.826  8.615   1.00 44.01 ? 77  LYS A CG  1 
ATOM   500  C CD  . LYS A 1 72  ? 21.230  -8.641  9.901   1.00 45.39 ? 77  LYS A CD  1 
ATOM   501  C CE  . LYS A 1 72  ? 21.486  -7.799  11.152  1.00 44.32 ? 77  LYS A CE  1 
ATOM   502  N NZ  . LYS A 1 72  ? 22.940  -7.458  11.298  1.00 46.22 ? 77  LYS A NZ  1 
ATOM   503  N N   . ILE A 1 73  ? 18.155  -7.263  6.558   1.00 41.33 ? 78  ILE A N   1 
ATOM   504  C CA  . ILE A 1 73  ? 17.533  -5.956  6.399   1.00 40.97 ? 78  ILE A CA  1 
ATOM   505  C C   . ILE A 1 73  ? 17.620  -5.191  7.714   1.00 41.17 ? 78  ILE A C   1 
ATOM   506  O O   . ILE A 1 73  ? 17.162  -5.671  8.760   1.00 40.91 ? 78  ILE A O   1 
ATOM   507  C CB  . ILE A 1 73  ? 16.076  -6.038  5.884   1.00 40.81 ? 78  ILE A CB  1 
ATOM   508  C CG1 . ILE A 1 73  ? 16.061  -6.617  4.464   1.00 40.17 ? 78  ILE A CG1 1 
ATOM   509  C CG2 . ILE A 1 73  ? 15.403  -4.637  5.939   1.00 40.80 ? 78  ILE A CG2 1 
ATOM   510  C CD1 . ILE A 1 73  ? 14.709  -6.758  3.848   1.00 39.62 ? 78  ILE A CD1 1 
ATOM   511  N N   . THR A 1 74  ? 18.198  -3.996  7.636   1.00 41.26 ? 79  THR A N   1 
ATOM   512  C CA  . THR A 1 74  ? 18.547  -3.208  8.817   1.00 41.72 ? 79  THR A CA  1 
ATOM   513  C C   . THR A 1 74  ? 18.037  -1.764  8.804   1.00 42.01 ? 79  THR A C   1 
ATOM   514  O O   . THR A 1 74  ? 18.262  -1.010  9.769   1.00 42.19 ? 79  THR A O   1 
ATOM   515  C CB  . THR A 1 74  ? 20.067  -3.167  8.992   1.00 41.90 ? 79  THR A CB  1 
ATOM   516  O OG1 . THR A 1 74  ? 20.682  -2.710  7.774   1.00 41.24 ? 79  THR A OG1 1 
ATOM   517  C CG2 . THR A 1 74  ? 20.585  -4.553  9.352   1.00 41.98 ? 79  THR A CG2 1 
ATOM   518  N N   . ARG A 1 75  ? 17.361  -1.369  7.721   1.00 41.71 ? 80  ARG A N   1 
ATOM   519  C CA  . ARG A 1 75  ? 16.758  -0.040  7.668   1.00 41.06 ? 80  ARG A CA  1 
ATOM   520  C C   . ARG A 1 75  ? 15.651  0.073   8.709   1.00 40.88 ? 80  ARG A C   1 
ATOM   521  O O   . ARG A 1 75  ? 14.975  -0.904  9.034   1.00 40.38 ? 80  ARG A O   1 
ATOM   522  C CB  . ARG A 1 75  ? 16.249  0.310   6.259   1.00 41.38 ? 80  ARG A CB  1 
ATOM   523  C CG  . ARG A 1 75  ? 14.895  -0.274  5.884   1.00 41.25 ? 80  ARG A CG  1 
ATOM   524  C CD  . ARG A 1 75  ? 14.437  0.271   4.547   1.00 40.81 ? 80  ARG A CD  1 
ATOM   525  N NE  . ARG A 1 75  ? 14.686  -0.686  3.476   1.00 40.54 ? 80  ARG A NE  1 
ATOM   526  C CZ  . ARG A 1 75  ? 15.689  -0.631  2.601   1.00 40.54 ? 80  ARG A CZ  1 
ATOM   527  N NH1 . ARG A 1 75  ? 16.569  0.373   2.641   1.00 41.97 ? 80  ARG A NH1 1 
ATOM   528  N NH2 . ARG A 1 75  ? 15.796  -1.588  1.676   1.00 36.63 ? 80  ARG A NH2 1 
ATOM   529  N N   . THR A 1 76  ? 15.492  1.281   9.231   1.00 41.05 ? 81  THR A N   1 
ATOM   530  C CA  . THR A 1 76  ? 14.551  1.565   10.295  1.00 41.43 ? 81  THR A CA  1 
ATOM   531  C C   . THR A 1 76  ? 13.147  1.757   9.731   1.00 41.28 ? 81  THR A C   1 
ATOM   532  O O   . THR A 1 76  ? 12.999  2.077   8.547   1.00 41.68 ? 81  THR A O   1 
ATOM   533  C CB  . THR A 1 76  ? 14.997  2.833   11.078  1.00 41.63 ? 81  THR A CB  1 
ATOM   534  O OG1 . THR A 1 76  ? 14.925  3.991   10.229  1.00 43.04 ? 81  THR A OG1 1 
ATOM   535  C CG2 . THR A 1 76  ? 16.436  2.679   11.599  1.00 41.67 ? 81  THR A CG2 1 
ATOM   536  N N   . LYS A 1 77  ? 12.127  1.565   10.571  1.00 40.98 ? 82  LYS A N   1 
ATOM   537  C CA  . LYS A 1 77  ? 10.742  1.880   10.212  1.00 41.23 ? 82  LYS A CA  1 
ATOM   538  C C   . LYS A 1 77  ? 10.589  3.226   9.487   1.00 41.15 ? 82  LYS A C   1 
ATOM   539  O O   . LYS A 1 77  ? 9.955   3.298   8.430   1.00 41.29 ? 82  LYS A O   1 
ATOM   540  C CB  . LYS A 1 77  ? 9.821   1.861   11.436  1.00 41.64 ? 82  LYS A CB  1 
ATOM   541  C CG  . LYS A 1 77  ? 9.577   0.504   12.063  1.00 43.60 ? 82  LYS A CG  1 
ATOM   542  C CD  . LYS A 1 77  ? 8.071   0.223   12.259  1.00 46.99 ? 82  LYS A CD  1 
ATOM   543  C CE  . LYS A 1 77  ? 7.450   0.817   13.532  1.00 47.08 ? 82  LYS A CE  1 
ATOM   544  N NZ  . LYS A 1 77  ? 5.940   0.673   13.517  1.00 47.14 ? 82  LYS A NZ  1 
ATOM   545  N N   . GLU A 1 78  ? 11.168  4.277   10.068  1.00 40.67 ? 83  GLU A N   1 
ATOM   546  C CA  . GLU A 1 78  ? 11.117  5.638   9.536   1.00 40.29 ? 83  GLU A CA  1 
ATOM   547  C C   . GLU A 1 78  ? 11.735  5.731   8.125   1.00 39.37 ? 83  GLU A C   1 
ATOM   548  O O   . GLU A 1 78  ? 11.219  6.451   7.264   1.00 38.39 ? 83  GLU A O   1 
ATOM   549  C CB  . GLU A 1 78  ? 11.837  6.625   10.484  1.00 40.64 ? 83  GLU A CB  1 
ATOM   550  C CG  . GLU A 1 78  ? 11.324  6.675   11.949  1.00 42.95 ? 83  GLU A CG  1 
ATOM   551  C CD  . GLU A 1 78  ? 11.490  5.358   12.745  1.00 45.69 ? 83  GLU A CD  1 
ATOM   552  O OE1 . GLU A 1 78  ? 12.514  4.645   12.583  1.00 45.27 ? 83  GLU A OE1 1 
ATOM   553  O OE2 . GLU A 1 78  ? 10.584  5.043   13.555  1.00 47.44 ? 83  GLU A OE2 1 
ATOM   554  N N   . GLU A 1 79  ? 12.835  5.008   7.908   1.00 38.75 ? 84  GLU A N   1 
ATOM   555  C CA  . GLU A 1 79  ? 13.492  4.962   6.594   1.00 38.60 ? 84  GLU A CA  1 
ATOM   556  C C   . GLU A 1 79  ? 12.642  4.225   5.546   1.00 37.96 ? 84  GLU A C   1 
ATOM   557  O O   . GLU A 1 79  ? 12.501  4.690   4.417   1.00 38.07 ? 84  GLU A O   1 
ATOM   558  C CB  . GLU A 1 79  ? 14.856  4.296   6.689   1.00 38.92 ? 84  GLU A CB  1 
ATOM   559  C CG  . GLU A 1 79  ? 15.931  5.131   7.350   1.00 40.78 ? 84  GLU A CG  1 
ATOM   560  C CD  . GLU A 1 79  ? 17.194  4.328   7.604   1.00 42.56 ? 84  GLU A CD  1 
ATOM   561  O OE1 . GLU A 1 79  ? 17.107  3.212   8.180   1.00 41.00 ? 84  GLU A OE1 1 
ATOM   562  O OE2 . GLU A 1 79  ? 18.278  4.822   7.230   1.00 44.82 ? 84  GLU A OE2 1 
ATOM   563  N N   . ALA A 1 80  ? 12.082  3.086   5.941   1.00 37.15 ? 85  ALA A N   1 
ATOM   564  C CA  . ALA A 1 80  ? 11.152  2.321   5.115   1.00 36.62 ? 85  ALA A CA  1 
ATOM   565  C C   . ALA A 1 80  ? 9.946   3.158   4.682   1.00 36.16 ? 85  ALA A C   1 
ATOM   566  O O   . ALA A 1 80  ? 9.539   3.104   3.523   1.00 36.01 ? 85  ALA A O   1 
ATOM   567  C CB  . ALA A 1 80  ? 10.686  1.058   5.869   1.00 36.57 ? 85  ALA A CB  1 
ATOM   568  N N   . LEU A 1 81  ? 9.372   3.914   5.624   1.00 35.45 ? 86  LEU A N   1 
ATOM   569  C CA  . LEU A 1 81  ? 8.254   4.826   5.338   1.00 34.55 ? 86  LEU A CA  1 
ATOM   570  C C   . LEU A 1 81  ? 8.607   5.892   4.280   1.00 34.52 ? 86  LEU A C   1 
ATOM   571  O O   . LEU A 1 81  ? 7.777   6.215   3.430   1.00 34.32 ? 86  LEU A O   1 
ATOM   572  C CB  . LEU A 1 81  ? 7.723   5.468   6.632   1.00 34.45 ? 86  LEU A CB  1 
ATOM   573  C CG  . LEU A 1 81  ? 6.458   6.356   6.582   1.00 35.11 ? 86  LEU A CG  1 
ATOM   574  C CD1 . LEU A 1 81  ? 5.322   5.744   5.747   1.00 32.83 ? 86  LEU A CD1 1 
ATOM   575  C CD2 . LEU A 1 81  ? 5.951   6.717   7.978   1.00 33.68 ? 86  LEU A CD2 1 
ATOM   576  N N   . GLU A 1 82  ? 9.832   6.415   4.336   1.00 34.06 ? 87  GLU A N   1 
ATOM   577  C CA  . GLU A 1 82  ? 10.318  7.416   3.384   1.00 34.63 ? 87  GLU A CA  1 
ATOM   578  C C   . GLU A 1 82  ? 10.531  6.862   1.969   1.00 32.86 ? 87  GLU A C   1 
ATOM   579  O O   . GLU A 1 82  ? 10.379  7.585   0.979   1.00 32.90 ? 87  GLU A O   1 
ATOM   580  C CB  . GLU A 1 82  ? 11.637  8.017   3.874   1.00 34.80 ? 87  GLU A CB  1 
ATOM   581  C CG  . GLU A 1 82  ? 11.530  9.286   4.721   1.00 37.50 ? 87  GLU A CG  1 
ATOM   582  C CD  . GLU A 1 82  ? 12.902  9.942   4.907   1.00 38.90 ? 87  GLU A CD  1 
ATOM   583  O OE1 . GLU A 1 82  ? 13.850  9.233   5.370   1.00 44.04 ? 87  GLU A OE1 1 
ATOM   584  O OE2 . GLU A 1 82  ? 13.040  11.157  4.576   1.00 43.27 ? 87  GLU A OE2 1 
ATOM   585  N N   . LEU A 1 83  ? 10.924  5.596   1.884   1.00 31.35 ? 88  LEU A N   1 
ATOM   586  C CA  . LEU A 1 83  ? 10.993  4.872   0.622   1.00 29.62 ? 88  LEU A CA  1 
ATOM   587  C C   . LEU A 1 83  ? 9.613   4.642   0.017   1.00 28.69 ? 88  LEU A C   1 
ATOM   588  O O   . LEU A 1 83  ? 9.393   4.960   -1.154  1.00 29.00 ? 88  LEU A O   1 
ATOM   589  C CB  . LEU A 1 83  ? 11.733  3.549   0.805   1.00 29.45 ? 88  LEU A CB  1 
ATOM   590  C CG  . LEU A 1 83  ? 13.249  3.693   0.987   1.00 29.22 ? 88  LEU A CG  1 
ATOM   591  C CD1 . LEU A 1 83  ? 13.828  2.440   1.615   1.00 28.78 ? 88  LEU A CD1 1 
ATOM   592  C CD2 . LEU A 1 83  ? 13.940  4.039   -0.349  1.00 28.25 ? 88  LEU A CD2 1 
ATOM   593  N N   . ILE A 1 84  ? 8.696   4.118   0.831   1.00 27.68 ? 89  ILE A N   1 
ATOM   594  C CA  . ILE A 1 84  ? 7.276   3.992   0.491   1.00 26.54 ? 89  ILE A CA  1 
ATOM   595  C C   . ILE A 1 84  ? 6.672   5.319   -0.005  1.00 26.69 ? 89  ILE A C   1 
ATOM   596  O O   . ILE A 1 84  ? 5.961   5.340   -1.006  1.00 26.35 ? 89  ILE A O   1 
ATOM   597  C CB  . ILE A 1 84  ? 6.470   3.425   1.691   1.00 26.90 ? 89  ILE A CB  1 
ATOM   598  C CG1 . ILE A 1 84  ? 6.765   1.921   1.907   1.00 24.62 ? 89  ILE A CG1 1 
ATOM   599  C CG2 . ILE A 1 84  ? 4.974   3.678   1.531   1.00 25.38 ? 89  ILE A CG2 1 
ATOM   600  C CD1 . ILE A 1 84  ? 6.054   0.971   0.940   1.00 21.70 ? 89  ILE A CD1 1 
ATOM   601  N N   . ASN A 1 85  ? 6.956   6.421   0.695   1.00 26.40 ? 90  ASN A N   1 
ATOM   602  C CA  . ASN A 1 85  ? 6.484   7.753   0.284   1.00 26.24 ? 90  ASN A CA  1 
ATOM   603  C C   . ASN A 1 85  ? 6.973   8.131   -1.104  1.00 25.93 ? 90  ASN A C   1 
ATOM   604  O O   . ASN A 1 85  ? 6.171   8.532   -1.949  1.00 26.60 ? 90  ASN A O   1 
ATOM   605  C CB  . ASN A 1 85  ? 6.867   8.832   1.308   1.00 26.05 ? 90  ASN A CB  1 
ATOM   606  C CG  . ASN A 1 85  ? 6.062   8.733   2.594   1.00 26.17 ? 90  ASN A CG  1 
ATOM   607  O OD1 . ASN A 1 85  ? 4.919   8.266   2.609   1.00 27.88 ? 90  ASN A OD1 1 
ATOM   608  N ND2 . ASN A 1 85  ? 6.657   9.173   3.679   1.00 27.92 ? 90  ASN A ND2 1 
ATOM   609  N N   . GLY A 1 86  ? 8.272   7.957   -1.329  1.00 25.49 ? 91  GLY A N   1 
ATOM   610  C CA  . GLY A 1 86  ? 8.921   8.183   -2.620  1.00 25.99 ? 91  GLY A CA  1 
ATOM   611  C C   . GLY A 1 86  ? 8.386   7.358   -3.779  1.00 26.19 ? 91  GLY A C   1 
ATOM   612  O O   . GLY A 1 86  ? 8.240   7.885   -4.885  1.00 26.91 ? 91  GLY A O   1 
ATOM   613  N N   . TYR A 1 87  ? 8.089   6.075   -3.540  1.00 26.36 ? 92  TYR A N   1 
ATOM   614  C CA  . TYR A 1 87  ? 7.463   5.209   -4.557  1.00 25.38 ? 92  TYR A CA  1 
ATOM   615  C C   . TYR A 1 87  ? 6.051   5.662   -4.891  1.00 24.76 ? 92  TYR A C   1 
ATOM   616  O O   . TYR A 1 87  ? 5.689   5.737   -6.061  1.00 24.17 ? 92  TYR A O   1 
ATOM   617  C CB  . TYR A 1 87  ? 7.419   3.733   -4.136  1.00 25.90 ? 92  TYR A CB  1 
ATOM   618  C CG  . TYR A 1 87  ? 8.743   3.088   -3.850  1.00 26.82 ? 92  TYR A CG  1 
ATOM   619  C CD1 . TYR A 1 87  ? 8.865   2.146   -2.831  1.00 27.62 ? 92  TYR A CD1 1 
ATOM   620  C CD2 . TYR A 1 87  ? 9.882   3.414   -4.591  1.00 28.46 ? 92  TYR A CD2 1 
ATOM   621  C CE1 . TYR A 1 87  ? 10.099  1.534   -2.559  1.00 28.04 ? 92  TYR A CE1 1 
ATOM   622  C CE2 . TYR A 1 87  ? 11.109  2.813   -4.328  1.00 29.02 ? 92  TYR A CE2 1 
ATOM   623  C CZ  . TYR A 1 87  ? 11.204  1.876   -3.307  1.00 27.27 ? 92  TYR A CZ  1 
ATOM   624  O OH  . TYR A 1 87  ? 12.415  1.300   -3.038  1.00 28.59 ? 92  TYR A OH  1 
ATOM   625  N N   . ILE A 1 88  ? 5.252   5.947   -3.866  1.00 24.26 ? 93  ILE A N   1 
ATOM   626  C CA  . ILE A 1 88  ? 3.917   6.507   -4.082  1.00 24.11 ? 93  ILE A CA  1 
ATOM   627  C C   . ILE A 1 88  ? 3.992   7.785   -4.942  1.00 24.62 ? 93  ILE A C   1 
ATOM   628  O O   . ILE A 1 88  ? 3.191   7.951   -5.868  1.00 23.35 ? 93  ILE A O   1 
ATOM   629  C CB  . ILE A 1 88  ? 3.162   6.752   -2.754  1.00 24.23 ? 93  ILE A CB  1 
ATOM   630  C CG1 . ILE A 1 88  ? 2.701   5.417   -2.168  1.00 24.41 ? 93  ILE A CG1 1 
ATOM   631  C CG2 . ILE A 1 88  ? 1.924   7.649   -2.967  1.00 23.09 ? 93  ILE A CG2 1 
ATOM   632  C CD1 . ILE A 1 88  ? 2.251   5.508   -0.713  1.00 22.85 ? 93  ILE A CD1 1 
ATOM   633  N N   . GLN A 1 89  ? 4.976   8.648   -4.649  1.00 25.33 ? 94  GLN A N   1 
ATOM   634  C CA  . GLN A 1 89  ? 5.206   9.874   -5.422  1.00 26.90 ? 94  GLN A CA  1 
ATOM   635  C C   . GLN A 1 89  ? 5.485   9.601   -6.891  1.00 26.30 ? 94  GLN A C   1 
ATOM   636  O O   . GLN A 1 89  ? 4.892   10.257  -7.759  1.00 27.02 ? 94  GLN A O   1 
ATOM   637  C CB  . GLN A 1 89  ? 6.318   10.749  -4.823  1.00 26.48 ? 94  GLN A CB  1 
ATOM   638  C CG  . GLN A 1 89  ? 5.872   11.528  -3.594  1.00 28.46 ? 94  GLN A CG  1 
ATOM   639  C CD  . GLN A 1 89  ? 6.937   12.455  -3.037  1.00 29.44 ? 94  GLN A CD  1 
ATOM   640  O OE1 . GLN A 1 89  ? 8.105   12.073  -2.866  1.00 31.96 ? 94  GLN A OE1 1 
ATOM   641  N NE2 . GLN A 1 89  ? 6.536   13.690  -2.742  1.00 34.40 ? 94  GLN A NE2 1 
ATOM   642  N N   . LYS A 1 90  ? 6.354   8.629   -7.168  1.00 26.43 ? 95  LYS A N   1 
ATOM   643  C CA  . LYS A 1 90  ? 6.646   8.235   -8.544  1.00 26.61 ? 95  LYS A CA  1 
ATOM   644  C C   . LYS A 1 90  ? 5.464   7.590   -9.252  1.00 25.34 ? 95  LYS A C   1 
ATOM   645  O O   . LYS A 1 90  ? 5.270   7.793   -10.444 1.00 25.34 ? 95  LYS A O   1 
ATOM   646  C CB  . LYS A 1 90  ? 7.863   7.310   -8.627  1.00 27.41 ? 95  LYS A CB  1 
ATOM   647  C CG  . LYS A 1 90  ? 9.197   8.002   -8.345  1.00 30.85 ? 95  LYS A CG  1 
ATOM   648  C CD  . LYS A 1 90  ? 10.149  6.970   -7.723  1.00 37.27 ? 95  LYS A CD  1 
ATOM   649  C CE  . LYS A 1 90  ? 11.330  7.626   -6.986  1.00 39.68 ? 95  LYS A CE  1 
ATOM   650  N NZ  . LYS A 1 90  ? 12.010  6.662   -6.061  1.00 40.17 ? 95  LYS A NZ  1 
ATOM   651  N N   . ILE A 1 91  ? 4.701   6.779   -8.535  1.00 24.37 ? 96  ILE A N   1 
ATOM   652  C CA  . ILE A 1 91  ? 3.511   6.155   -9.113  1.00 23.23 ? 96  ILE A CA  1 
ATOM   653  C C   . ILE A 1 91  ? 2.469   7.238   -9.479  1.00 23.38 ? 96  ILE A C   1 
ATOM   654  O O   . ILE A 1 91  ? 1.882   7.252   -10.578 1.00 23.00 ? 96  ILE A O   1 
ATOM   655  C CB  . ILE A 1 91  ? 2.920   5.081   -8.138  1.00 22.83 ? 96  ILE A CB  1 
ATOM   656  C CG1 . ILE A 1 91  ? 3.849   3.859   -8.062  1.00 20.30 ? 96  ILE A CG1 1 
ATOM   657  C CG2 . ILE A 1 91  ? 1.458   4.715   -8.514  1.00 22.01 ? 96  ILE A CG2 1 
ATOM   658  C CD1 . ILE A 1 91  ? 3.698   3.037   -6.813  1.00 20.40 ? 96  ILE A CD1 1 
ATOM   659  N N   . LYS A 1 92  ? 2.263   8.161   -8.551  1.00 23.80 ? 97  LYS A N   1 
ATOM   660  C CA  . LYS A 1 92  ? 1.206   9.162   -8.688  1.00 24.11 ? 97  LYS A CA  1 
ATOM   661  C C   . LYS A 1 92  ? 1.461   10.162  -9.795  1.00 23.81 ? 97  LYS A C   1 
ATOM   662  O O   . LYS A 1 92  ? 0.527   10.620  -10.444 1.00 23.66 ? 97  LYS A O   1 
ATOM   663  C CB  . LYS A 1 92  ? 0.949   9.874   -7.358  1.00 24.04 ? 97  LYS A CB  1 
ATOM   664  C CG  . LYS A 1 92  ? -0.036  9.107   -6.463  1.00 24.71 ? 97  LYS A CG  1 
ATOM   665  C CD  . LYS A 1 92  ? -0.514  10.004  -5.325  1.00 25.42 ? 97  LYS A CD  1 
ATOM   666  C CE  . LYS A 1 92  ? -1.644  9.356   -4.565  1.00 25.92 ? 97  LYS A CE  1 
ATOM   667  N NZ  . LYS A 1 92  ? -2.482  10.322  -3.774  1.00 26.80 ? 97  LYS A NZ  1 
ATOM   668  N N   . SER A 1 93  ? 2.726   10.487  -10.004 1.00 24.43 ? 98  SER A N   1 
ATOM   669  C CA  . SER A 1 93  ? 3.129   11.385  -11.069 1.00 25.66 ? 98  SER A CA  1 
ATOM   670  C C   . SER A 1 93  ? 3.295   10.657  -12.407 1.00 26.54 ? 98  SER A C   1 
ATOM   671  O O   . SER A 1 93  ? 3.511   11.304  -13.427 1.00 27.26 ? 98  SER A O   1 
ATOM   672  C CB  . SER A 1 93  ? 4.456   12.030  -10.705 1.00 25.47 ? 98  SER A CB  1 
ATOM   673  O OG  . SER A 1 93  ? 5.460   11.033  -10.674 1.00 24.57 ? 98  SER A OG  1 
ATOM   674  N N   . GLY A 1 94  ? 3.205   9.323   -12.391 1.00 27.28 ? 99  GLY A N   1 
ATOM   675  C CA  . GLY A 1 94  ? 3.399   8.491   -13.583 1.00 27.76 ? 99  GLY A CA  1 
ATOM   676  C C   . GLY A 1 94  ? 4.824   8.388   -14.082 1.00 29.35 ? 99  GLY A C   1 
ATOM   677  O O   . GLY A 1 94  ? 5.046   7.985   -15.228 1.00 28.93 ? 99  GLY A O   1 
ATOM   678  N N   . GLU A 1 95  ? 5.790   8.756   -13.237 1.00 30.78 ? 100 GLU A N   1 
ATOM   679  C CA  . GLU A 1 95  ? 7.210   8.582   -13.537 1.00 33.33 ? 100 GLU A CA  1 
ATOM   680  C C   . GLU A 1 95  ? 7.525   7.100   -13.645 1.00 33.54 ? 100 GLU A C   1 
ATOM   681  O O   . GLU A 1 95  ? 8.190   6.669   -14.587 1.00 34.04 ? 100 GLU A O   1 
ATOM   682  C CB  . GLU A 1 95  ? 8.110   9.257   -12.486 1.00 33.44 ? 100 GLU A CB  1 
ATOM   683  C CG  . GLU A 1 95  ? 7.741   10.716  -12.172 1.00 35.89 ? 100 GLU A CG  1 
ATOM   684  C CD  . GLU A 1 95  ? 8.762   11.442  -11.293 1.00 36.71 ? 100 GLU A CD  1 
ATOM   685  O OE1 . GLU A 1 95  ? 8.426   11.841  -10.139 1.00 40.02 ? 100 GLU A OE1 1 
ATOM   686  O OE2 . GLU A 1 95  ? 9.910   11.610  -11.763 1.00 41.72 ? 100 GLU A OE2 1 
ATOM   687  N N   . GLU A 1 96  ? 7.020   6.312   -12.693 1.00 34.07 ? 101 GLU A N   1 
ATOM   688  C CA  . GLU A 1 96  ? 7.195   4.858   -12.713 1.00 34.68 ? 101 GLU A CA  1 
ATOM   689  C C   . GLU A 1 96  ? 5.865   4.201   -12.454 1.00 34.40 ? 101 GLU A C   1 
ATOM   690  O O   . GLU A 1 96  ? 5.077   4.699   -11.652 1.00 35.66 ? 101 GLU A O   1 
ATOM   691  C CB  . GLU A 1 96  ? 8.171   4.431   -11.614 1.00 35.22 ? 101 GLU A CB  1 
ATOM   692  C CG  . GLU A 1 96  ? 9.641   4.677   -11.924 1.00 38.31 ? 101 GLU A CG  1 
ATOM   693  C CD  . GLU A 1 96  ? 10.255  3.533   -12.674 1.00 42.25 ? 101 GLU A CD  1 
ATOM   694  O OE1 . GLU A 1 96  ? 9.908   3.357   -13.863 1.00 46.88 ? 101 GLU A OE1 1 
ATOM   695  O OE2 . GLU A 1 96  ? 11.080  2.794   -12.086 1.00 44.11 ? 101 GLU A OE2 1 
ATOM   696  N N   . ASP A 1 97  ? 5.570   3.095   -13.113 1.00 33.44 ? 102 ASP A N   1 
ATOM   697  C CA  . ASP A 1 97  ? 4.364   2.392   -12.703 1.00 33.08 ? 102 ASP A CA  1 
ATOM   698  C C   . ASP A 1 97  ? 4.574   1.425   -11.529 1.00 31.34 ? 102 ASP A C   1 
ATOM   699  O O   . ASP A 1 97  ? 5.692   1.012   -11.233 1.00 30.18 ? 102 ASP A O   1 
ATOM   700  C CB  . ASP A 1 97  ? 3.559   1.805   -13.867 1.00 34.37 ? 102 ASP A CB  1 
ATOM   701  C CG  . ASP A 1 97  ? 4.348   0.874   -14.744 1.00 37.43 ? 102 ASP A CG  1 
ATOM   702  O OD1 . ASP A 1 97  ? 4.354   1.122   -15.976 1.00 41.30 ? 102 ASP A OD1 1 
ATOM   703  O OD2 . ASP A 1 97  ? 4.909   -0.119  -14.227 1.00 40.72 ? 102 ASP A OD2 1 
ATOM   704  N N   . PHE A 1 98  ? 3.482   1.141   -10.838 1.00 29.87 ? 103 PHE A N   1 
ATOM   705  C CA  . PHE A 1 98  ? 3.485   0.299   -9.649  1.00 29.46 ? 103 PHE A CA  1 
ATOM   706  C C   . PHE A 1 98  ? 4.241   -1.023  -9.862  1.00 28.77 ? 103 PHE A C   1 
ATOM   707  O O   . PHE A 1 98  ? 5.126   -1.376  -9.084  1.00 27.71 ? 103 PHE A O   1 
ATOM   708  C CB  . PHE A 1 98  ? 2.038   0.027   -9.222  1.00 29.13 ? 103 PHE A CB  1 
ATOM   709  C CG  . PHE A 1 98  ? 1.910   -0.967  -8.106  1.00 30.47 ? 103 PHE A CG  1 
ATOM   710  C CD1 . PHE A 1 98  ? 1.857   -0.534  -6.779  1.00 31.04 ? 103 PHE A CD1 1 
ATOM   711  C CD2 . PHE A 1 98  ? 1.853   -2.340  -8.378  1.00 30.20 ? 103 PHE A CD2 1 
ATOM   712  C CE1 . PHE A 1 98  ? 1.744   -1.458  -5.736  1.00 30.71 ? 103 PHE A CE1 1 
ATOM   713  C CE2 . PHE A 1 98  ? 1.757   -3.263  -7.349  1.00 30.09 ? 103 PHE A CE2 1 
ATOM   714  C CZ  . PHE A 1 98  ? 1.695   -2.818  -6.026  1.00 30.11 ? 103 PHE A CZ  1 
ATOM   715  N N   . GLU A 1 99  ? 3.867   -1.736  -10.926 1.00 28.58 ? 104 GLU A N   1 
ATOM   716  C CA  . GLU A 1 99  ? 4.361   -3.090  -11.206 1.00 28.24 ? 104 GLU A CA  1 
ATOM   717  C C   . GLU A 1 99  ? 5.858   -3.083  -11.381 1.00 27.39 ? 104 GLU A C   1 
ATOM   718  O O   . GLU A 1 99  ? 6.530   -4.040  -11.022 1.00 28.05 ? 104 GLU A O   1 
ATOM   719  C CB  . GLU A 1 99  ? 3.723   -3.651  -12.487 1.00 27.82 ? 104 GLU A CB  1 
ATOM   720  C CG  . GLU A 1 99  ? 2.217   -3.803  -12.448 1.00 28.21 ? 104 GLU A CG  1 
ATOM   721  C CD  . GLU A 1 99  ? 1.488   -2.558  -12.920 1.00 29.67 ? 104 GLU A CD  1 
ATOM   722  O OE1 . GLU A 1 99  ? 2.089   -1.450  -12.936 1.00 28.38 ? 104 GLU A OE1 1 
ATOM   723  O OE2 . GLU A 1 99  ? 0.295   -2.687  -13.264 1.00 31.71 ? 104 GLU A OE2 1 
ATOM   724  N N   . SER A 1 100 ? 6.359   -2.006  -11.968 1.00 26.81 ? 105 SER A N   1 
ATOM   725  C CA  . SER A 1 100 ? 7.770   -1.838  -12.235 1.00 26.56 ? 105 SER A CA  1 
ATOM   726  C C   . SER A 1 100 ? 8.540   -1.676  -10.932 1.00 25.64 ? 105 SER A C   1 
ATOM   727  O O   . SER A 1 100 ? 9.603   -2.260  -10.749 1.00 25.61 ? 105 SER A O   1 
ATOM   728  C CB  . SER A 1 100 ? 7.968   -0.601  -13.095 1.00 27.22 ? 105 SER A CB  1 
ATOM   729  O OG  . SER A 1 100 ? 9.334   -0.403  -13.402 1.00 29.54 ? 105 SER A OG  1 
ATOM   730  N N   . LEU A 1 101 ? 7.996   -0.862  -10.035 1.00 24.27 ? 106 LEU A N   1 
ATOM   731  C CA  . LEU A 1 101 ? 8.618   -0.612  -8.741  1.00 23.37 ? 106 LEU A CA  1 
ATOM   732  C C   . LEU A 1 101 ? 8.565   -1.849  -7.849  1.00 22.77 ? 106 LEU A C   1 
ATOM   733  O O   . LEU A 1 101 ? 9.515   -2.126  -7.140  1.00 22.75 ? 106 LEU A O   1 
ATOM   734  C CB  . LEU A 1 101 ? 7.961   0.609   -8.057  1.00 22.88 ? 106 LEU A CB  1 
ATOM   735  C CG  . LEU A 1 101 ? 8.153   1.977   -8.734  1.00 22.49 ? 106 LEU A CG  1 
ATOM   736  C CD1 . LEU A 1 101 ? 7.418   3.143   -8.010  1.00 19.23 ? 106 LEU A CD1 1 
ATOM   737  C CD2 . LEU A 1 101 ? 9.622   2.311   -8.874  1.00 19.48 ? 106 LEU A CD2 1 
ATOM   738  N N   . ALA A 1 102 ? 7.460   -2.593  -7.891  1.00 21.86 ? 107 ALA A N   1 
ATOM   739  C CA  . ALA A 1 102 ? 7.325   -3.789  -7.073  1.00 22.78 ? 107 ALA A CA  1 
ATOM   740  C C   . ALA A 1 102 ? 8.338   -4.869  -7.494  1.00 23.25 ? 107 ALA A C   1 
ATOM   741  O O   . ALA A 1 102 ? 8.942   -5.532  -6.630  1.00 22.59 ? 107 ALA A O   1 
ATOM   742  C CB  . ALA A 1 102 ? 5.886   -4.323  -7.092  1.00 21.88 ? 107 ALA A CB  1 
ATOM   743  N N   . SER A 1 103 ? 8.544   -5.013  -8.814  1.00 23.52 ? 108 SER A N   1 
ATOM   744  C CA  . SER A 1 103 ? 9.466   -6.014  -9.359  1.00 23.96 ? 108 SER A CA  1 
ATOM   745  C C   . SER A 1 103 ? 10.883  -5.704  -8.944  1.00 24.67 ? 108 SER A C   1 
ATOM   746  O O   . SER A 1 103 ? 11.683  -6.612  -8.700  1.00 25.23 ? 108 SER A O   1 
ATOM   747  C CB  . SER A 1 103 ? 9.442   -6.020  -10.890 1.00 23.17 ? 108 SER A CB  1 
ATOM   748  O OG  . SER A 1 103 ? 8.144   -6.263  -11.380 1.00 23.93 ? 108 SER A OG  1 
ATOM   749  N N   . GLN A 1 104 ? 11.195  -4.414  -8.925  1.00 25.50 ? 109 GLN A N   1 
ATOM   750  C CA  . GLN A 1 104 ? 12.527  -3.932  -8.600  1.00 26.11 ? 109 GLN A CA  1 
ATOM   751  C C   . GLN A 1 104 ? 12.800  -3.802  -7.115  1.00 26.06 ? 109 GLN A C   1 
ATOM   752  O O   . GLN A 1 104 ? 13.941  -3.952  -6.683  1.00 25.65 ? 109 GLN A O   1 
ATOM   753  C CB  . GLN A 1 104 ? 12.732  -2.569  -9.229  1.00 26.82 ? 109 GLN A CB  1 
ATOM   754  C CG  . GLN A 1 104 ? 13.032  -2.610  -10.696 1.00 28.72 ? 109 GLN A CG  1 
ATOM   755  C CD  . GLN A 1 104 ? 13.205  -1.226  -11.253 1.00 30.74 ? 109 GLN A CD  1 
ATOM   756  O OE1 . GLN A 1 104 ? 12.241  -0.575  -11.663 1.00 33.55 ? 109 GLN A OE1 1 
ATOM   757  N NE2 . GLN A 1 104 ? 14.435  -0.768  -11.283 1.00 32.91 ? 109 GLN A NE2 1 
ATOM   758  N N   . PHE A 1 105 ? 11.769  -3.492  -6.326  1.00 26.24 ? 110 PHE A N   1 
ATOM   759  C CA  . PHE A 1 105 ? 12.028  -2.956  -4.983  1.00 26.45 ? 110 PHE A CA  1 
ATOM   760  C C   . PHE A 1 105 ? 11.274  -3.578  -3.822  1.00 26.15 ? 110 PHE A C   1 
ATOM   761  O O   . PHE A 1 105 ? 11.620  -3.315  -2.677  1.00 26.86 ? 110 PHE A O   1 
ATOM   762  C CB  . PHE A 1 105 ? 11.867  -1.418  -4.952  1.00 26.66 ? 110 PHE A CB  1 
ATOM   763  C CG  . PHE A 1 105 ? 12.775  -0.686  -5.910  1.00 26.88 ? 110 PHE A CG  1 
ATOM   764  C CD1 . PHE A 1 105 ? 12.241  0.197   -6.867  1.00 26.71 ? 110 PHE A CD1 1 
ATOM   765  C CD2 . PHE A 1 105 ? 14.154  -0.883  -5.879  1.00 27.39 ? 110 PHE A CD2 1 
ATOM   766  C CE1 . PHE A 1 105 ? 13.073  0.880   -7.764  1.00 26.99 ? 110 PHE A CE1 1 
ATOM   767  C CE2 . PHE A 1 105 ? 15.005  -0.218  -6.785  1.00 27.02 ? 110 PHE A CE2 1 
ATOM   768  C CZ  . PHE A 1 105 ? 14.453  0.675   -7.733  1.00 28.40 ? 110 PHE A CZ  1 
ATOM   769  N N   . SER A 1 106 ? 10.259  -4.389  -4.093  1.00 26.33 ? 111 SER A N   1 
ATOM   770  C CA  . SER A 1 106 ? 9.477   -5.006  -3.021  1.00 26.28 ? 111 SER A CA  1 
ATOM   771  C C   . SER A 1 106 ? 10.286  -6.101  -2.321  1.00 27.57 ? 111 SER A C   1 
ATOM   772  O O   . SER A 1 106 ? 10.964  -6.909  -2.978  1.00 27.55 ? 111 SER A O   1 
ATOM   773  C CB  . SER A 1 106 ? 8.188   -5.588  -3.577  1.00 25.53 ? 111 SER A CB  1 
ATOM   774  O OG  . SER A 1 106 ? 7.497   -6.343  -2.607  1.00 23.13 ? 111 SER A OG  1 
ATOM   775  N N   . ASP A 1 107 ? 10.224  -6.112  -0.990  1.00 28.57 ? 112 ASP A N   1 
ATOM   776  C CA  . ASP A 1 107 ? 10.977  -7.067  -0.163  1.00 29.26 ? 112 ASP A CA  1 
ATOM   777  C C   . ASP A 1 107 ? 10.153  -8.340  0.002   1.00 29.80 ? 112 ASP A C   1 
ATOM   778  O O   . ASP A 1 107 ? 10.415  -9.167  0.861   1.00 30.91 ? 112 ASP A O   1 
ATOM   779  C CB  . ASP A 1 107 ? 11.366  -6.456  1.199   1.00 29.22 ? 112 ASP A CB  1 
ATOM   780  C CG  . ASP A 1 107 ? 12.626  -5.596  1.132   1.00 30.19 ? 112 ASP A CG  1 
ATOM   781  O OD1 . ASP A 1 107 ? 13.635  -6.048  0.565   1.00 31.31 ? 112 ASP A OD1 1 
ATOM   782  O OD2 . ASP A 1 107 ? 12.628  -4.458  1.657   1.00 32.62 ? 112 ASP A OD2 1 
ATOM   783  N N   . CYS A 1 108 ? 9.154   -8.497  -0.852  1.00 29.84 ? 113 CYS A N   1 
ATOM   784  C CA  . CYS A 1 108 ? 8.365   -9.702  -0.872  1.00 30.16 ? 113 CYS A CA  1 
ATOM   785  C C   . CYS A 1 108 ? 8.766   -10.587 -2.052  1.00 30.39 ? 113 CYS A C   1 
ATOM   786  O O   . CYS A 1 108 ? 9.319   -10.119 -3.054  1.00 30.32 ? 113 CYS A O   1 
ATOM   787  C CB  . CYS A 1 108 ? 6.878   -9.366  -0.921  1.00 29.26 ? 113 CYS A CB  1 
ATOM   788  S SG  . CYS A 1 108 ? 5.787   -10.741 -0.606  1.00 30.74 ? 113 CYS A SG  1 
ATOM   789  N N   . SER A 1 109 ? 8.500   -11.874 -1.877  1.00 30.45 ? 114 SER A N   1 
ATOM   790  C CA  . SER A 1 109 ? 8.680   -12.906 -2.867  1.00 31.30 ? 114 SER A CA  1 
ATOM   791  C C   . SER A 1 109 ? 7.810   -12.644 -4.121  1.00 31.19 ? 114 SER A C   1 
ATOM   792  O O   . SER A 1 109 ? 8.211   -12.970 -5.266  1.00 31.22 ? 114 SER A O   1 
ATOM   793  C CB  . SER A 1 109 ? 8.303   -14.248 -2.205  1.00 31.37 ? 114 SER A CB  1 
ATOM   794  O OG  . SER A 1 109 ? 8.597   -15.339 -3.045  1.00 34.24 ? 114 SER A OG  1 
ATOM   795  N N   . SER A 1 110 ? 6.649   -12.024 -3.902  1.00 30.18 ? 115 SER A N   1 
ATOM   796  C CA  . SER A 1 110 ? 5.728   -11.676 -4.976  1.00 29.67 ? 115 SER A CA  1 
ATOM   797  C C   . SER A 1 110 ? 6.257   -10.614 -5.935  1.00 29.02 ? 115 SER A C   1 
ATOM   798  O O   . SER A 1 110 ? 5.603   -10.319 -6.916  1.00 29.16 ? 115 SER A O   1 
ATOM   799  C CB  . SER A 1 110 ? 4.354   -11.278 -4.415  1.00 30.07 ? 115 SER A CB  1 
ATOM   800  O OG  . SER A 1 110 ? 4.436   -10.075 -3.678  1.00 29.42 ? 115 SER A OG  1 
ATOM   801  N N   . ALA A 1 111 ? 7.428   -10.054 -5.646  1.00 28.24 ? 116 ALA A N   1 
ATOM   802  C CA  . ALA A 1 111 ? 8.159   -9.201  -6.573  1.00 28.11 ? 116 ALA A CA  1 
ATOM   803  C C   . ALA A 1 111 ? 8.361   -9.864  -7.953  1.00 28.46 ? 116 ALA A C   1 
ATOM   804  O O   . ALA A 1 111 ? 8.300   -9.183  -8.974  1.00 27.94 ? 116 ALA A O   1 
ATOM   805  C CB  . ALA A 1 111 ? 9.513   -8.822  -5.990  1.00 28.07 ? 116 ALA A CB  1 
ATOM   806  N N   . LYS A 1 112 ? 8.619   -11.179 -7.962  1.00 28.32 ? 117 LYS A N   1 
ATOM   807  C CA  . LYS A 1 112 ? 8.846   -11.942 -9.210  1.00 28.55 ? 117 LYS A CA  1 
ATOM   808  C C   . LYS A 1 112 ? 7.582   -12.010 -10.097 1.00 27.29 ? 117 LYS A C   1 
ATOM   809  O O   . LYS A 1 112 ? 7.670   -12.295 -11.292 1.00 27.71 ? 117 LYS A O   1 
ATOM   810  C CB  . LYS A 1 112 ? 9.372   -13.353 -8.904  1.00 28.05 ? 117 LYS A CB  1 
ATOM   811  C CG  . LYS A 1 112 ? 10.568  -13.386 -7.993  1.00 31.77 ? 117 LYS A CG  1 
ATOM   812  C CD  . LYS A 1 112 ? 11.898  -13.202 -8.731  1.00 35.67 ? 117 LYS A CD  1 
ATOM   813  C CE  . LYS A 1 112 ? 13.052  -13.011 -7.724  1.00 37.09 ? 117 LYS A CE  1 
ATOM   814  N NZ  . LYS A 1 112 ? 13.099  -11.589 -7.220  1.00 36.15 ? 117 LYS A NZ  1 
ATOM   815  N N   . ALA A 1 113 ? 6.426   -11.732 -9.489  1.00 26.97 ? 118 ALA A N   1 
ATOM   816  C CA  . ALA A 1 113 ? 5.129   -11.633 -10.176 1.00 26.04 ? 118 ALA A CA  1 
ATOM   817  C C   . ALA A 1 113 ? 4.574   -10.205 -10.194 1.00 25.47 ? 118 ALA A C   1 
ATOM   818  O O   . ALA A 1 113 ? 3.359   -10.015 -10.143 1.00 24.84 ? 118 ALA A O   1 
ATOM   819  C CB  . ALA A 1 113 ? 4.119   -12.584 -9.544  1.00 26.10 ? 118 ALA A CB  1 
ATOM   820  N N   . ARG A 1 114 ? 5.464   -9.215  -10.271 1.00 25.74 ? 119 ARG A N   1 
ATOM   821  C CA  . ARG A 1 114 ? 5.088   -7.776  -10.303 1.00 27.02 ? 119 ARG A CA  1 
ATOM   822  C C   . ARG A 1 114 ? 4.239   -7.360  -9.089  1.00 26.92 ? 119 ARG A C   1 
ATOM   823  O O   . ARG A 1 114 ? 3.335   -6.513  -9.208  1.00 25.98 ? 119 ARG A O   1 
ATOM   824  C CB  . ARG A 1 114 ? 4.324   -7.424  -11.597 1.00 27.07 ? 119 ARG A CB  1 
ATOM   825  C CG  . ARG A 1 114 ? 5.134   -7.444  -12.902 1.00 28.95 ? 119 ARG A CG  1 
ATOM   826  C CD  . ARG A 1 114 ? 4.265   -7.821  -14.119 1.00 29.66 ? 119 ARG A CD  1 
ATOM   827  N NE  . ARG A 1 114 ? 4.296   -9.279  -14.242 1.00 39.30 ? 119 ARG A NE  1 
ATOM   828  C CZ  . ARG A 1 114 ? 3.469   -10.135 -13.624 1.00 40.07 ? 119 ARG A CZ  1 
ATOM   829  N NH1 . ARG A 1 114 ? 2.469   -9.705  -12.840 1.00 39.68 ? 119 ARG A NH1 1 
ATOM   830  N NH2 . ARG A 1 114 ? 3.643   -11.438 -13.806 1.00 37.54 ? 119 ARG A NH2 1 
ATOM   831  N N   . GLY A 1 115 ? 4.502   -7.978  -7.934  1.00 26.85 ? 120 GLY A N   1 
ATOM   832  C CA  . GLY A 1 115 ? 3.732   -7.694  -6.714  1.00 26.89 ? 120 GLY A CA  1 
ATOM   833  C C   . GLY A 1 115 ? 2.422   -8.436  -6.514  1.00 27.07 ? 120 GLY A C   1 
ATOM   834  O O   . GLY A 1 115 ? 1.819   -8.325  -5.452  1.00 26.12 ? 120 GLY A O   1 
ATOM   835  N N   . ASP A 1 116 ? 1.973   -9.187  -7.529  1.00 27.53 ? 121 ASP A N   1 
ATOM   836  C CA  . ASP A 1 116 ? 0.674   -9.886  -7.491  1.00 28.01 ? 121 ASP A CA  1 
ATOM   837  C C   . ASP A 1 116 ? 0.647   -10.991 -6.436  1.00 28.48 ? 121 ASP A C   1 
ATOM   838  O O   . ASP A 1 116 ? 1.591   -11.766 -6.336  1.00 27.26 ? 121 ASP A O   1 
ATOM   839  C CB  . ASP A 1 116 ? 0.328   -10.501 -8.867  1.00 28.03 ? 121 ASP A CB  1 
ATOM   840  C CG  . ASP A 1 116 ? -0.990  -11.262 -8.847  1.00 29.30 ? 121 ASP A CG  1 
ATOM   841  O OD1 . ASP A 1 116 ? -1.965  -10.767 -8.229  1.00 26.97 ? 121 ASP A OD1 1 
ATOM   842  O OD2 . ASP A 1 116 ? -1.061  -12.351 -9.463  1.00 29.42 ? 121 ASP A OD2 1 
ATOM   843  N N   . LEU A 1 117 ? -0.445  -11.042 -5.667  1.00 28.72 ? 122 LEU A N   1 
ATOM   844  C CA  . LEU A 1 117 ? -0.618  -11.995 -4.575  1.00 29.47 ? 122 LEU A CA  1 
ATOM   845  C C   . LEU A 1 117 ? -1.683  -13.021 -4.895  1.00 30.20 ? 122 LEU A C   1 
ATOM   846  O O   . LEU A 1 117 ? -1.934  -13.915 -4.090  1.00 29.93 ? 122 LEU A O   1 
ATOM   847  C CB  . LEU A 1 117 ? -1.036  -11.273 -3.278  1.00 29.34 ? 122 LEU A CB  1 
ATOM   848  C CG  . LEU A 1 117 ? 0.020   -10.465 -2.530  1.00 28.18 ? 122 LEU A CG  1 
ATOM   849  C CD1 . LEU A 1 117 ? -0.646  -9.545  -1.506  1.00 27.55 ? 122 LEU A CD1 1 
ATOM   850  C CD2 . LEU A 1 117 ? 1.012   -11.394 -1.871  1.00 30.20 ? 122 LEU A CD2 1 
ATOM   851  N N   . GLY A 1 118 ? -2.320  -12.870 -6.055  1.00 30.54 ? 123 GLY A N   1 
ATOM   852  C CA  . GLY A 1 118 ? -3.483  -13.663 -6.403  1.00 31.62 ? 123 GLY A CA  1 
ATOM   853  C C   . GLY A 1 118 ? -4.665  -13.192 -5.587  1.00 32.15 ? 123 GLY A C   1 
ATOM   854  O O   . GLY A 1 118 ? -4.605  -12.127 -4.941  1.00 32.41 ? 123 GLY A O   1 
ATOM   855  N N   . ALA A 1 119 ? -5.735  -13.981 -5.612  1.00 32.38 ? 124 ALA A N   1 
ATOM   856  C CA  . ALA A 1 119 ? -6.946  -13.661 -4.870  1.00 32.98 ? 124 ALA A CA  1 
ATOM   857  C C   . ALA A 1 119 ? -6.872  -14.175 -3.435  1.00 33.68 ? 124 ALA A C   1 
ATOM   858  O O   . ALA A 1 119 ? -6.088  -15.085 -3.121  1.00 33.68 ? 124 ALA A O   1 
ATOM   859  C CB  . ALA A 1 119 ? -8.184  -14.200 -5.584  1.00 32.92 ? 124 ALA A CB  1 
ATOM   860  N N   . PHE A 1 120 ? -7.667  -13.560 -2.560  1.00 34.19 ? 125 PHE A N   1 
ATOM   861  C CA  . PHE A 1 120 ? -7.718  -13.944 -1.150  1.00 34.76 ? 125 PHE A CA  1 
ATOM   862  C C   . PHE A 1 120 ? -8.999  -13.412 -0.509  1.00 35.22 ? 125 PHE A C   1 
ATOM   863  O O   . PHE A 1 120 ? -9.557  -12.411 -0.943  1.00 35.42 ? 125 PHE A O   1 
ATOM   864  C CB  . PHE A 1 120 ? -6.448  -13.514 -0.376  1.00 34.91 ? 125 PHE A CB  1 
ATOM   865  C CG  . PHE A 1 120 ? -6.199  -12.008 -0.365  1.00 35.94 ? 125 PHE A CG  1 
ATOM   866  C CD1 . PHE A 1 120 ? -6.829  -11.187 0.577   1.00 36.06 ? 125 PHE A CD1 1 
ATOM   867  C CD2 . PHE A 1 120 ? -5.340  -11.422 -1.299  1.00 35.41 ? 125 PHE A CD2 1 
ATOM   868  C CE1 . PHE A 1 120 ? -6.612  -9.807  0.580   1.00 36.91 ? 125 PHE A CE1 1 
ATOM   869  C CE2 . PHE A 1 120 ? -5.116  -10.048 -1.304  1.00 36.99 ? 125 PHE A CE2 1 
ATOM   870  C CZ  . PHE A 1 120 ? -5.757  -9.233  -0.365  1.00 35.50 ? 125 PHE A CZ  1 
ATOM   871  N N   . SER A 1 121 ? -9.480  -14.112 0.510   1.00 36.03 ? 126 SER A N   1 
ATOM   872  C CA  . SER A 1 121 ? -10.665 -13.701 1.245   1.00 36.36 ? 126 SER A CA  1 
ATOM   873  C C   . SER A 1 121 ? -10.229 -13.193 2.613   1.00 36.42 ? 126 SER A C   1 
ATOM   874  O O   . SER A 1 121 ? -9.039  -13.180 2.928   1.00 36.21 ? 126 SER A O   1 
ATOM   875  C CB  . SER A 1 121 ? -11.626 -14.886 1.402   1.00 36.62 ? 126 SER A CB  1 
ATOM   876  O OG  . SER A 1 121 ? -10.996 -15.923 2.130   1.00 37.55 ? 126 SER A OG  1 
ATOM   877  N N   . ARG A 1 122 ? -11.203 -12.777 3.421   1.00 37.14 ? 127 ARG A N   1 
ATOM   878  C CA  . ARG A 1 122 ? -10.946 -12.370 4.801   1.00 37.57 ? 127 ARG A CA  1 
ATOM   879  C C   . ARG A 1 122 ? -10.475 -13.548 5.661   1.00 38.34 ? 127 ARG A C   1 
ATOM   880  O O   . ARG A 1 122 ? -10.904 -14.700 5.473   1.00 38.85 ? 127 ARG A O   1 
ATOM   881  C CB  . ARG A 1 122 ? -12.181 -11.708 5.414   1.00 37.26 ? 127 ARG A CB  1 
ATOM   882  C CG  . ARG A 1 122 ? -12.514 -10.346 4.838   1.00 36.82 ? 127 ARG A CG  1 
ATOM   883  C CD  . ARG A 1 122 ? -13.244 -9.505  5.864   1.00 36.79 ? 127 ARG A CD  1 
ATOM   884  N NE  . ARG A 1 122 ? -13.607 -8.173  5.376   1.00 36.76 ? 127 ARG A NE  1 
ATOM   885  C CZ  . ARG A 1 122 ? -12.896 -7.059  5.588   1.00 34.78 ? 127 ARG A CZ  1 
ATOM   886  N NH1 . ARG A 1 122 ? -11.764 -7.090  6.271   1.00 32.12 ? 127 ARG A NH1 1 
ATOM   887  N NH2 . ARG A 1 122 ? -13.335 -5.903  5.113   1.00 33.66 ? 127 ARG A NH2 1 
ATOM   888  N N   . GLY A 1 123 ? -9.560  -13.250 6.579   1.00 38.48 ? 128 GLY A N   1 
ATOM   889  C CA  . GLY A 1 123 ? -9.007  -14.244 7.483   1.00 38.13 ? 128 GLY A CA  1 
ATOM   890  C C   . GLY A 1 123 ? -7.779  -14.952 6.956   1.00 38.01 ? 128 GLY A C   1 
ATOM   891  O O   . GLY A 1 123 ? -7.381  -15.972 7.519   1.00 38.41 ? 128 GLY A O   1 
ATOM   892  N N   . GLN A 1 124 ? -7.176  -14.423 5.888   1.00 37.19 ? 129 GLN A N   1 
ATOM   893  C CA  . GLN A 1 124 ? -5.971  -15.010 5.295   1.00 36.98 ? 129 GLN A CA  1 
ATOM   894  C C   . GLN A 1 124 ? -4.735  -14.144 5.497   1.00 36.04 ? 129 GLN A C   1 
ATOM   895  O O   . GLN A 1 124 ? -3.663  -14.658 5.823   1.00 35.92 ? 129 GLN A O   1 
ATOM   896  C CB  . GLN A 1 124 ? -6.153  -15.270 3.802   1.00 36.86 ? 129 GLN A CB  1 
ATOM   897  C CG  . GLN A 1 124 ? -7.261  -16.253 3.430   1.00 38.24 ? 129 GLN A CG  1 
ATOM   898  C CD  . GLN A 1 124 ? -7.253  -16.545 1.939   1.00 39.40 ? 129 GLN A CD  1 
ATOM   899  O OE1 . GLN A 1 124 ? -8.216  -16.258 1.227   1.00 41.57 ? 129 GLN A OE1 1 
ATOM   900  N NE2 . GLN A 1 124 ? -6.145  -17.093 1.454   1.00 42.77 ? 129 GLN A NE2 1 
ATOM   901  N N   . MET A 1 125 ? -4.880  -12.835 5.293   1.00 34.93 ? 130 MET A N   1 
ATOM   902  C CA  . MET A 1 125 ? -3.762  -11.912 5.446   1.00 34.32 ? 130 MET A CA  1 
ATOM   903  C C   . MET A 1 125 ? -3.777  -11.261 6.827   1.00 33.21 ? 130 MET A C   1 
ATOM   904  O O   . MET A 1 125 ? -4.806  -11.244 7.498   1.00 32.79 ? 130 MET A O   1 
ATOM   905  C CB  . MET A 1 125 ? -3.788  -10.834 4.346   1.00 35.00 ? 130 MET A CB  1 
ATOM   906  C CG  . MET A 1 125 ? -3.889  -11.403 2.922   1.00 35.04 ? 130 MET A CG  1 
ATOM   907  S SD  . MET A 1 125 ? -2.381  -12.234 2.422   1.00 38.39 ? 130 MET A SD  1 
ATOM   908  C CE  . MET A 1 125 ? -2.910  -13.015 0.902   1.00 37.67 ? 130 MET A CE  1 
ATOM   909  N N   . GLN A 1 126 ? -2.628  -10.736 7.231   1.00 32.18 ? 131 GLN A N   1 
ATOM   910  C CA  . GLN A 1 126 ? -2.533  -9.872  8.399   1.00 32.04 ? 131 GLN A CA  1 
ATOM   911  C C   . GLN A 1 126 ? -3.567  -8.761  8.296   1.00 31.43 ? 131 GLN A C   1 
ATOM   912  O O   . GLN A 1 126 ? -3.808  -8.201  7.221   1.00 31.14 ? 131 GLN A O   1 
ATOM   913  C CB  . GLN A 1 126 ? -1.130  -9.299  8.543   1.00 32.47 ? 131 GLN A CB  1 
ATOM   914  C CG  . GLN A 1 126 ? -0.045  -10.365 8.580   1.00 34.04 ? 131 GLN A CG  1 
ATOM   915  C CD  . GLN A 1 126 ? 1.349   -9.778  8.620   1.00 36.90 ? 131 GLN A CD  1 
ATOM   916  O OE1 . GLN A 1 126 ? 1.836   -9.387  9.668   1.00 39.16 ? 131 GLN A OE1 1 
ATOM   917  N NE2 . GLN A 1 126 ? 2.001   -9.730  7.475   1.00 39.43 ? 131 GLN A NE2 1 
ATOM   918  N N   . LYS A 1 127 ? -4.190  -8.472  9.431   1.00 30.18 ? 132 LYS A N   1 
ATOM   919  C CA  . LYS A 1 127 ? -5.402  -7.678  9.499   1.00 29.44 ? 132 LYS A CA  1 
ATOM   920  C C   . LYS A 1 127 ? -5.347  -6.281  8.835   1.00 28.56 ? 132 LYS A C   1 
ATOM   921  O O   . LYS A 1 127 ? -6.299  -5.909  8.138   1.00 27.53 ? 132 LYS A O   1 
ATOM   922  C CB  . LYS A 1 127 ? -5.868  -7.579  10.963  1.00 29.96 ? 132 LYS A CB  1 
ATOM   923  C CG  . LYS A 1 127 ? -7.295  -7.131  11.124  1.00 29.34 ? 132 LYS A CG  1 
ATOM   924  C CD  . LYS A 1 127 ? -8.248  -8.038  10.430  1.00 28.86 ? 132 LYS A CD  1 
ATOM   925  C CE  . LYS A 1 127 ? -9.606  -7.401  10.494  1.00 32.06 ? 132 LYS A CE  1 
ATOM   926  N NZ  . LYS A 1 127 ? -10.627 -8.074  9.681   1.00 35.26 ? 132 LYS A NZ  1 
ATOM   927  N N   . PRO A 1 128 ? -4.244  -5.519  9.040   1.00 28.15 ? 133 PRO A N   1 
ATOM   928  C CA  . PRO A 1 128 ? -4.206  -4.184  8.431   1.00 28.24 ? 133 PRO A CA  1 
ATOM   929  C C   . PRO A 1 128 ? -4.245  -4.275  6.890   1.00 27.75 ? 133 PRO A C   1 
ATOM   930  O O   . PRO A 1 128 ? -5.034  -3.576  6.252   1.00 27.13 ? 133 PRO A O   1 
ATOM   931  C CB  . PRO A 1 128 ? -2.876  -3.607  8.932   1.00 28.14 ? 133 PRO A CB  1 
ATOM   932  C CG  . PRO A 1 128 ? -2.505  -4.479  10.129  1.00 28.31 ? 133 PRO A CG  1 
ATOM   933  C CD  . PRO A 1 128 ? -3.000  -5.808  9.780   1.00 28.03 ? 133 PRO A CD  1 
ATOM   934  N N   . PHE A 1 129 ? -3.448  -5.182  6.326   1.00 27.53 ? 134 PHE A N   1 
ATOM   935  C CA  . PHE A 1 129 ? -3.471  -5.467  4.882   1.00 27.66 ? 134 PHE A CA  1 
ATOM   936  C C   . PHE A 1 129 ? -4.868  -5.843  4.409   1.00 28.12 ? 134 PHE A C   1 
ATOM   937  O O   . PHE A 1 129 ? -5.368  -5.280  3.428   1.00 28.32 ? 134 PHE A O   1 
ATOM   938  C CB  . PHE A 1 129 ? -2.495  -6.597  4.545   1.00 27.67 ? 134 PHE A CB  1 
ATOM   939  C CG  . PHE A 1 129 ? -2.110  -6.670  3.071   1.00 26.72 ? 134 PHE A CG  1 
ATOM   940  C CD1 . PHE A 1 129 ? -0.950  -6.062  2.614   1.00 24.45 ? 134 PHE A CD1 1 
ATOM   941  C CD2 . PHE A 1 129 ? -2.898  -7.371  2.160   1.00 26.52 ? 134 PHE A CD2 1 
ATOM   942  C CE1 . PHE A 1 129 ? -0.576  -6.141  1.262   1.00 24.16 ? 134 PHE A CE1 1 
ATOM   943  C CE2 . PHE A 1 129 ? -2.535  -7.439  0.808   1.00 24.63 ? 134 PHE A CE2 1 
ATOM   944  C CZ  . PHE A 1 129 ? -1.372  -6.813  0.374   1.00 23.32 ? 134 PHE A CZ  1 
ATOM   945  N N   . GLU A 1 130 ? -5.499  -6.788  5.112   1.00 28.29 ? 135 GLU A N   1 
ATOM   946  C CA  . GLU A 1 130 ? -6.814  -7.276  4.729   1.00 28.23 ? 135 GLU A CA  1 
ATOM   947  C C   . GLU A 1 130 ? -7.852  -6.161  4.670   1.00 28.09 ? 135 GLU A C   1 
ATOM   948  O O   . GLU A 1 130 ? -8.574  -6.002  3.672   1.00 27.91 ? 135 GLU A O   1 
ATOM   949  C CB  . GLU A 1 130 ? -7.277  -8.382  5.676   1.00 27.90 ? 135 GLU A CB  1 
ATOM   950  C CG  . GLU A 1 130 ? -8.748  -8.743  5.508   1.00 29.40 ? 135 GLU A CG  1 
ATOM   951  C CD  . GLU A 1 130 ? -9.250  -9.678  6.589   1.00 31.11 ? 135 GLU A CD  1 
ATOM   952  O OE1 . GLU A 1 130 ? -8.621  -10.722 6.803   1.00 30.49 ? 135 GLU A OE1 1 
ATOM   953  O OE2 . GLU A 1 130 ? -10.279 -9.359  7.216   1.00 33.81 ? 135 GLU A OE2 1 
ATOM   954  N N   . ASP A 1 131 ? -7.931  -5.403  5.759   1.00 27.72 ? 136 ASP A N   1 
ATOM   955  C CA  . ASP A 1 131 ? -8.856  -4.290  5.859   1.00 27.65 ? 136 ASP A CA  1 
ATOM   956  C C   . ASP A 1 131 ? -8.660  -3.256  4.749   1.00 26.57 ? 136 ASP A C   1 
ATOM   957  O O   . ASP A 1 131 ? -9.636  -2.837  4.109   1.00 25.27 ? 136 ASP A O   1 
ATOM   958  C CB  . ASP A 1 131 ? -8.767  -3.657  7.254   1.00 27.82 ? 136 ASP A CB  1 
ATOM   959  C CG  . ASP A 1 131 ? -9.494  -4.499  8.320   1.00 29.88 ? 136 ASP A CG  1 
ATOM   960  O OD1 . ASP A 1 131 ? -10.285 -5.401  7.952   1.00 30.58 ? 136 ASP A OD1 1 
ATOM   961  O OD2 . ASP A 1 131 ? -9.282  -4.252  9.524   1.00 31.10 ? 136 ASP A OD2 1 
ATOM   962  N N   . ALA A 1 132 ? -7.404  -2.871  4.534   1.00 25.91 ? 137 ALA A N   1 
ATOM   963  C CA  . ALA A 1 132 ? -7.036  -1.939  3.477   1.00 25.90 ? 137 ALA A CA  1 
ATOM   964  C C   . ALA A 1 132 ? -7.461  -2.504  2.122   1.00 25.81 ? 137 ALA A C   1 
ATOM   965  O O   . ALA A 1 132 ? -8.193  -1.848  1.374   1.00 25.69 ? 137 ALA A O   1 
ATOM   966  C CB  . ALA A 1 132 ? -5.539  -1.666  3.504   1.00 25.47 ? 137 ALA A CB  1 
ATOM   967  N N   . SER A 1 133 ? -7.030  -3.741  1.838   1.00 25.86 ? 138 SER A N   1 
ATOM   968  C CA  . SER A 1 133 ? -7.381  -4.446  0.586   1.00 25.44 ? 138 SER A CA  1 
ATOM   969  C C   . SER A 1 133 ? -8.866  -4.441  0.287   1.00 25.84 ? 138 SER A C   1 
ATOM   970  O O   . SER A 1 133 ? -9.262  -4.191  -0.850  1.00 26.50 ? 138 SER A O   1 
ATOM   971  C CB  . SER A 1 133 ? -6.871  -5.893  0.612   1.00 24.79 ? 138 SER A CB  1 
ATOM   972  O OG  . SER A 1 133 ? -5.461  -5.928  0.728   1.00 24.55 ? 138 SER A OG  1 
ATOM   973  N N   . PHE A 1 134 ? -9.691  -4.713  1.299   1.00 25.99 ? 139 PHE A N   1 
ATOM   974  C CA  . PHE A 1 134 ? -11.146 -4.792  1.110   1.00 26.50 ? 139 PHE A CA  1 
ATOM   975  C C   . PHE A 1 134 ? -11.867 -3.431  1.051   1.00 26.89 ? 139 PHE A C   1 
ATOM   976  O O   . PHE A 1 134 ? -12.989 -3.340  0.525   1.00 26.55 ? 139 PHE A O   1 
ATOM   977  C CB  . PHE A 1 134 ? -11.791 -5.718  2.161   1.00 26.89 ? 139 PHE A CB  1 
ATOM   978  C CG  . PHE A 1 134 ? -11.736 -7.201  1.796   1.00 27.76 ? 139 PHE A CG  1 
ATOM   979  C CD1 . PHE A 1 134 ? -10.640 -7.982  2.162   1.00 28.33 ? 139 PHE A CD1 1 
ATOM   980  C CD2 . PHE A 1 134 ? -12.787 -7.806  1.086   1.00 27.70 ? 139 PHE A CD2 1 
ATOM   981  C CE1 . PHE A 1 134 ? -10.574 -9.355  1.824   1.00 27.63 ? 139 PHE A CE1 1 
ATOM   982  C CE2 . PHE A 1 134 ? -12.737 -9.167  0.739   1.00 27.33 ? 139 PHE A CE2 1 
ATOM   983  C CZ  . PHE A 1 134 ? -11.635 -9.944  1.110   1.00 26.12 ? 139 PHE A CZ  1 
ATOM   984  N N   . ALA A 1 135 ? -11.217 -2.383  1.568   1.00 27.40 ? 140 ALA A N   1 
ATOM   985  C CA  . ALA A 1 135 ? -11.750 -1.018  1.500   1.00 27.77 ? 140 ALA A CA  1 
ATOM   986  C C   . ALA A 1 135 ? -11.381 -0.302  0.192   1.00 28.27 ? 140 ALA A C   1 
ATOM   987  O O   . ALA A 1 135 ? -12.014 0.684   -0.182  1.00 28.50 ? 140 ALA A O   1 
ATOM   988  C CB  . ALA A 1 135 ? -11.301 -0.214  2.716   1.00 27.72 ? 140 ALA A CB  1 
ATOM   989  N N   . LEU A 1 136 ? -10.360 -0.804  -0.501  1.00 28.75 ? 141 LEU A N   1 
ATOM   990  C CA  . LEU A 1 136 ? -10.053 -0.357  -1.862  1.00 29.22 ? 141 LEU A CA  1 
ATOM   991  C C   . LEU A 1 136 ? -11.128 -0.835  -2.829  1.00 29.89 ? 141 LEU A C   1 
ATOM   992  O O   . LEU A 1 136 ? -11.717 -1.903  -2.646  1.00 30.75 ? 141 LEU A O   1 
ATOM   993  C CB  . LEU A 1 136 ? -8.665  -0.855  -2.331  1.00 28.59 ? 141 LEU A CB  1 
ATOM   994  C CG  . LEU A 1 136 ? -7.398  -0.294  -1.674  1.00 28.32 ? 141 LEU A CG  1 
ATOM   995  C CD1 . LEU A 1 136 ? -6.141  -1.093  -2.065  1.00 30.20 ? 141 LEU A CD1 1 
ATOM   996  C CD2 . LEU A 1 136 ? -7.218  1.193   -1.985  1.00 25.88 ? 141 LEU A CD2 1 
ATOM   997  N N   . ARG A 1 137 ? -11.415 -0.028  -3.842  1.00 30.10 ? 142 ARG A N   1 
ATOM   998  C CA  . ARG A 1 137 ? -12.202 -0.512  -4.960  1.00 30.36 ? 142 ARG A CA  1 
ATOM   999  C C   . ARG A 1 137 ? -11.244 -0.900  -6.087  1.00 29.74 ? 142 ARG A C   1 
ATOM   1000 O O   . ARG A 1 137 ? -10.062 -0.544  -6.046  1.00 29.27 ? 142 ARG A O   1 
ATOM   1001 C CB  . ARG A 1 137 ? -13.272 0.509   -5.352  1.00 30.91 ? 142 ARG A CB  1 
ATOM   1002 C CG  . ARG A 1 137 ? -14.331 0.592   -4.224  1.00 33.91 ? 142 ARG A CG  1 
ATOM   1003 C CD  . ARG A 1 137 ? -14.979 1.944   -4.052  1.00 38.22 ? 142 ARG A CD  1 
ATOM   1004 N NE  . ARG A 1 137 ? -14.048 3.047   -3.826  1.00 39.28 ? 142 ARG A NE  1 
ATOM   1005 C CZ  . ARG A 1 137 ? -14.409 4.333   -3.877  1.00 40.24 ? 142 ARG A CZ  1 
ATOM   1006 N NH1 . ARG A 1 137 ? -15.679 4.667   -4.125  1.00 39.79 ? 142 ARG A NH1 1 
ATOM   1007 N NH2 . ARG A 1 137 ? -13.511 5.289   -3.669  1.00 40.56 ? 142 ARG A NH2 1 
ATOM   1008 N N   . THR A 1 138 ? -11.739 -1.667  -7.051  1.00 29.08 ? 143 THR A N   1 
ATOM   1009 C CA  . THR A 1 138 ? -10.918 -2.152  -8.147  1.00 28.97 ? 143 THR A CA  1 
ATOM   1010 C C   . THR A 1 138 ? -10.265 -0.978  -8.830  1.00 28.21 ? 143 THR A C   1 
ATOM   1011 O O   . THR A 1 138 ? -10.943 -0.030  -9.212  1.00 28.26 ? 143 THR A O   1 
ATOM   1012 C CB  . THR A 1 138 ? -11.762 -2.931  -9.168  1.00 29.50 ? 143 THR A CB  1 
ATOM   1013 O OG1 . THR A 1 138 ? -12.455 -3.969  -8.483  1.00 30.14 ? 143 THR A OG1 1 
ATOM   1014 C CG2 . THR A 1 138 ? -10.876 -3.559  -10.236 1.00 29.13 ? 143 THR A CG2 1 
ATOM   1015 N N   . GLY A 1 139 ? -8.945  -1.040  -8.955  1.00 27.36 ? 144 GLY A N   1 
ATOM   1016 C CA  . GLY A 1 139 ? -8.200  0.013   -9.608  1.00 26.40 ? 144 GLY A CA  1 
ATOM   1017 C C   . GLY A 1 139 ? -7.459  0.945   -8.676  1.00 25.93 ? 144 GLY A C   1 
ATOM   1018 O O   . GLY A 1 139 ? -6.486  1.559   -9.091  1.00 25.61 ? 144 GLY A O   1 
ATOM   1019 N N   . GLU A 1 140 ? -7.922  1.030   -7.425  1.00 25.39 ? 145 GLU A N   1 
ATOM   1020 C CA  . GLU A 1 140 ? -7.380  1.931   -6.398  1.00 25.35 ? 145 GLU A CA  1 
ATOM   1021 C C   . GLU A 1 140 ? -6.127  1.444   -5.696  1.00 24.17 ? 145 GLU A C   1 
ATOM   1022 O O   . GLU A 1 140 ? -5.876  0.248   -5.572  1.00 24.57 ? 145 GLU A O   1 
ATOM   1023 C CB  . GLU A 1 140 ? -8.437  2.267   -5.333  1.00 25.08 ? 145 GLU A CB  1 
ATOM   1024 C CG  . GLU A 1 140 ? -9.673  2.953   -5.880  1.00 27.04 ? 145 GLU A CG  1 
ATOM   1025 C CD  . GLU A 1 140 ? -10.611 3.429   -4.786  1.00 26.92 ? 145 GLU A CD  1 
ATOM   1026 O OE1 . GLU A 1 140 ? -10.717 2.760   -3.728  1.00 29.39 ? 145 GLU A OE1 1 
ATOM   1027 O OE2 . GLU A 1 140 ? -11.239 4.488   -4.986  1.00 30.44 ? 145 GLU A OE2 1 
ATOM   1028 N N   . MET A 1 141 ? -5.349  2.411   -5.222  1.00 23.44 ? 146 MET A N   1 
ATOM   1029 C CA  . MET A 1 141 ? -4.123  2.164   -4.502  1.00 22.84 ? 146 MET A CA  1 
ATOM   1030 C C   . MET A 1 141 ? -4.270  2.737   -3.082  1.00 22.70 ? 146 MET A C   1 
ATOM   1031 O O   . MET A 1 141 ? -4.991  3.728   -2.859  1.00 22.48 ? 146 MET A O   1 
ATOM   1032 C CB  . MET A 1 141 ? -2.962  2.809   -5.255  1.00 22.30 ? 146 MET A CB  1 
ATOM   1033 C CG  . MET A 1 141 ? -1.592  2.371   -4.850  1.00 22.95 ? 146 MET A CG  1 
ATOM   1034 S SD  . MET A 1 141 ? -0.299  3.196   -5.788  1.00 23.31 ? 146 MET A SD  1 
ATOM   1035 C CE  . MET A 1 141 ? -0.415  4.888   -5.169  1.00 22.16 ? 146 MET A CE  1 
ATOM   1036 N N   . SER A 1 142 ? -3.621  2.064   -2.135  1.00 22.05 ? 147 SER A N   1 
ATOM   1037 C CA  . SER A 1 142 ? -3.475  2.526   -0.768  1.00 22.19 ? 147 SER A CA  1 
ATOM   1038 C C   . SER A 1 142 ? -2.347  3.571   -0.596  1.00 22.26 ? 147 SER A C   1 
ATOM   1039 O O   . SER A 1 142 ? -1.544  3.803   -1.497  1.00 21.96 ? 147 SER A O   1 
ATOM   1040 C CB  . SER A 1 142 ? -3.228  1.309   0.147   1.00 21.36 ? 147 SER A CB  1 
ATOM   1041 O OG  . SER A 1 142 ? -1.897  0.855   0.054   1.00 19.67 ? 147 SER A OG  1 
ATOM   1042 N N   . GLY A 1 143 ? -2.309  4.211   0.570   1.00 22.99 ? 148 GLY A N   1 
ATOM   1043 C CA  . GLY A 1 143 ? -1.116  4.911   1.029   1.00 23.21 ? 148 GLY A CA  1 
ATOM   1044 C C   . GLY A 1 143 ? -0.280  3.877   1.777   1.00 24.23 ? 148 GLY A C   1 
ATOM   1045 O O   . GLY A 1 143 ? -0.478  2.688   1.590   1.00 24.16 ? 148 GLY A O   1 
ATOM   1046 N N   . PRO A 1 144 ? 0.672   4.317   2.616   1.00 24.64 ? 149 PRO A N   1 
ATOM   1047 C CA  . PRO A 1 144 ? 1.367   3.328   3.463   1.00 25.25 ? 149 PRO A CA  1 
ATOM   1048 C C   . PRO A 1 144 ? 0.444   2.527   4.392   1.00 25.18 ? 149 PRO A C   1 
ATOM   1049 O O   . PRO A 1 144 ? -0.306  3.107   5.170   1.00 25.41 ? 149 PRO A O   1 
ATOM   1050 C CB  . PRO A 1 144 ? 2.368   4.180   4.259   1.00 24.92 ? 149 PRO A CB  1 
ATOM   1051 C CG  . PRO A 1 144 ? 2.557   5.457   3.359   1.00 25.20 ? 149 PRO A CG  1 
ATOM   1052 C CD  . PRO A 1 144 ? 1.188   5.685   2.806   1.00 24.58 ? 149 PRO A CD  1 
ATOM   1053 N N   . VAL A 1 145 ? 0.513   1.197   4.295   1.00 25.17 ? 150 VAL A N   1 
ATOM   1054 C CA  . VAL A 1 145 ? -0.215  0.290   5.186   1.00 25.57 ? 150 VAL A CA  1 
ATOM   1055 C C   . VAL A 1 145 ? 0.773   -0.539  6.025   1.00 25.88 ? 150 VAL A C   1 
ATOM   1056 O O   . VAL A 1 145 ? 1.577   -1.284  5.480   1.00 26.95 ? 150 VAL A O   1 
ATOM   1057 C CB  . VAL A 1 145 ? -1.205  -0.607  4.395   1.00 25.23 ? 150 VAL A CB  1 
ATOM   1058 C CG1 . VAL A 1 145 ? -1.762  -1.718  5.270   1.00 25.61 ? 150 VAL A CG1 1 
ATOM   1059 C CG2 . VAL A 1 145 ? -2.343  0.222   3.815   1.00 25.12 ? 150 VAL A CG2 1 
ATOM   1060 N N   . PHE A 1 146 ? 0.696   -0.404  7.350   1.00 26.68 ? 151 PHE A N   1 
ATOM   1061 C CA  . PHE A 1 146 ? 1.654   -1.010  8.292   1.00 27.16 ? 151 PHE A CA  1 
ATOM   1062 C C   . PHE A 1 146 ? 1.154   -2.384  8.758   1.00 27.26 ? 151 PHE A C   1 
ATOM   1063 O O   . PHE A 1 146 ? -0.013  -2.539  9.100   1.00 27.54 ? 151 PHE A O   1 
ATOM   1064 C CB  . PHE A 1 146 ? 1.874   -0.069  9.516   1.00 27.30 ? 151 PHE A CB  1 
ATOM   1065 C CG  . PHE A 1 146 ? 2.488   1.274   9.164   1.00 26.43 ? 151 PHE A CG  1 
ATOM   1066 C CD1 . PHE A 1 146 ? 1.691   2.326   8.705   1.00 25.36 ? 151 PHE A CD1 1 
ATOM   1067 C CD2 . PHE A 1 146 ? 3.851   1.484   9.298   1.00 27.09 ? 151 PHE A CD2 1 
ATOM   1068 C CE1 . PHE A 1 146 ? 2.240   3.548   8.375   1.00 25.52 ? 151 PHE A CE1 1 
ATOM   1069 C CE2 . PHE A 1 146 ? 4.418   2.716   8.948   1.00 26.38 ? 151 PHE A CE2 1 
ATOM   1070 C CZ  . PHE A 1 146 ? 3.618   3.749   8.491   1.00 26.01 ? 151 PHE A CZ  1 
ATOM   1071 N N   . THR A 1 147 ? 2.021   -3.395  8.714   1.00 28.03 ? 152 THR A N   1 
ATOM   1072 C CA  . THR A 1 147 ? 1.694   -4.729  9.235   1.00 27.52 ? 152 THR A CA  1 
ATOM   1073 C C   . THR A 1 147 ? 2.966   -5.222  9.906   1.00 28.43 ? 152 THR A C   1 
ATOM   1074 O O   . THR A 1 147 ? 3.995   -4.559  9.825   1.00 27.68 ? 152 THR A O   1 
ATOM   1075 C CB  . THR A 1 147 ? 1.336   -5.757  8.116   1.00 27.64 ? 152 THR A CB  1 
ATOM   1076 O OG1 . THR A 1 147 ? 2.513   -6.050  7.366   1.00 26.10 ? 152 THR A OG1 1 
ATOM   1077 C CG2 . THR A 1 147 ? 0.224   -5.278  7.181   1.00 27.43 ? 152 THR A CG2 1 
ATOM   1078 N N   . ASP A 1 148 ? 2.927   -6.410  10.513  1.00 30.03 ? 153 ASP A N   1 
ATOM   1079 C CA  . ASP A 1 148 ? 4.164   -7.021  11.031  1.00 31.22 ? 153 ASP A CA  1 
ATOM   1080 C C   . ASP A 1 148 ? 5.227   -7.385  9.985   1.00 31.28 ? 153 ASP A C   1 
ATOM   1081 O O   . ASP A 1 148 ? 6.388   -7.656  10.334  1.00 31.77 ? 153 ASP A O   1 
ATOM   1082 C CB  . ASP A 1 148 ? 3.839   -8.201  11.951  1.00 31.69 ? 153 ASP A CB  1 
ATOM   1083 C CG  . ASP A 1 148 ? 3.474   -7.745  13.348  1.00 34.38 ? 153 ASP A CG  1 
ATOM   1084 O OD1 . ASP A 1 148 ? 4.316   -7.052  13.958  1.00 36.91 ? 153 ASP A OD1 1 
ATOM   1085 O OD2 . ASP A 1 148 ? 2.353   -8.050  13.825  1.00 37.95 ? 153 ASP A OD2 1 
ATOM   1086 N N   . SER A 1 149 ? 4.847   -7.390  8.705   1.00 30.76 ? 154 SER A N   1 
ATOM   1087 C CA  . SER A 1 149 ? 5.814   -7.664  7.647   1.00 29.90 ? 154 SER A CA  1 
ATOM   1088 C C   . SER A 1 149 ? 6.664   -6.462  7.352   1.00 28.78 ? 154 SER A C   1 
ATOM   1089 O O   . SER A 1 149 ? 7.835   -6.614  7.041   1.00 29.09 ? 154 SER A O   1 
ATOM   1090 C CB  . SER A 1 149 ? 5.135   -8.157  6.364   1.00 29.91 ? 154 SER A CB  1 
ATOM   1091 O OG  . SER A 1 149 ? 4.468   -9.372  6.624   1.00 31.37 ? 154 SER A OG  1 
ATOM   1092 N N   . GLY A 1 150 ? 6.068   -5.272  7.452   1.00 27.68 ? 155 GLY A N   1 
ATOM   1093 C CA  . GLY A 1 150 ? 6.715   -4.030  7.013   1.00 26.52 ? 155 GLY A CA  1 
ATOM   1094 C C   . GLY A 1 150 ? 5.675   -3.017  6.542   1.00 25.97 ? 155 GLY A C   1 
ATOM   1095 O O   . GLY A 1 150 ? 4.560   -2.995  7.043   1.00 25.46 ? 155 GLY A O   1 
ATOM   1096 N N   . ILE A 1 151 ? 6.046   -2.159  5.592   1.00 25.74 ? 156 ILE A N   1 
ATOM   1097 C CA  . ILE A 1 151 ? 5.111   -1.123  5.096   1.00 24.79 ? 156 ILE A CA  1 
ATOM   1098 C C   . ILE A 1 151 ? 4.745   -1.434  3.635   1.00 24.71 ? 156 ILE A C   1 
ATOM   1099 O O   . ILE A 1 151 ? 5.615   -1.719  2.823   1.00 23.83 ? 156 ILE A O   1 
ATOM   1100 C CB  . ILE A 1 151 ? 5.687   0.319   5.251   1.00 25.14 ? 156 ILE A CB  1 
ATOM   1101 C CG1 . ILE A 1 151 ? 6.270   0.539   6.662   1.00 25.21 ? 156 ILE A CG1 1 
ATOM   1102 C CG2 . ILE A 1 151 ? 4.601   1.387   4.990   1.00 23.49 ? 156 ILE A CG2 1 
ATOM   1103 C CD1 . ILE A 1 151 ? 7.040   1.835   6.824   1.00 24.08 ? 156 ILE A CD1 1 
ATOM   1104 N N   . HIS A 1 152 ? 3.451   -1.394  3.330   1.00 24.66 ? 157 HIS A N   1 
ATOM   1105 C CA  . HIS A 1 152 ? 2.937   -1.844  2.034   1.00 24.86 ? 157 HIS A CA  1 
ATOM   1106 C C   . HIS A 1 152 ? 2.329   -0.672  1.266   1.00 24.46 ? 157 HIS A C   1 
ATOM   1107 O O   . HIS A 1 152 ? 1.810   0.288   1.866   1.00 23.21 ? 157 HIS A O   1 
ATOM   1108 C CB  . HIS A 1 152 ? 1.817   -2.893  2.217   1.00 24.72 ? 157 HIS A CB  1 
ATOM   1109 C CG  . HIS A 1 152 ? 2.198   -4.070  3.058   1.00 28.19 ? 157 HIS A CG  1 
ATOM   1110 N ND1 . HIS A 1 152 ? 2.449   -5.316  2.522   1.00 27.75 ? 157 HIS A ND1 1 
ATOM   1111 C CD2 . HIS A 1 152 ? 2.348   -4.201  4.400   1.00 29.09 ? 157 HIS A CD2 1 
ATOM   1112 C CE1 . HIS A 1 152 ? 2.751   -6.159  3.493   1.00 28.95 ? 157 HIS A CE1 1 
ATOM   1113 N NE2 . HIS A 1 152 ? 2.704   -5.507  4.642   1.00 29.68 ? 157 HIS A NE2 1 
ATOM   1114 N N   . ILE A 1 153 ? 2.419   -0.760  -0.062  1.00 24.39 ? 158 ILE A N   1 
ATOM   1115 C CA  . ILE A 1 153 ? 1.553   -0.022  -0.968  1.00 23.96 ? 158 ILE A CA  1 
ATOM   1116 C C   . ILE A 1 153 ? 0.691   -1.122  -1.580  1.00 23.80 ? 158 ILE A C   1 
ATOM   1117 O O   . ILE A 1 153 ? 1.225   -2.118  -2.081  1.00 22.95 ? 158 ILE A O   1 
ATOM   1118 C CB  . ILE A 1 153 ? 2.336   0.738   -2.083  1.00 24.49 ? 158 ILE A CB  1 
ATOM   1119 C CG1 . ILE A 1 153 ? 3.388   1.682   -1.518  1.00 24.35 ? 158 ILE A CG1 1 
ATOM   1120 C CG2 . ILE A 1 153 ? 1.400   1.555   -2.938  1.00 23.24 ? 158 ILE A CG2 1 
ATOM   1121 C CD1 . ILE A 1 153 ? 4.330   2.245   -2.567  1.00 24.06 ? 158 ILE A CD1 1 
ATOM   1122 N N   . ILE A 1 154 ? -0.634  -0.961  -1.510  1.00 23.50 ? 159 ILE A N   1 
ATOM   1123 C CA  . ILE A 1 154 ? -1.556  -1.973  -2.028  1.00 22.89 ? 159 ILE A CA  1 
ATOM   1124 C C   . ILE A 1 154 ? -2.299  -1.472  -3.239  1.00 23.20 ? 159 ILE A C   1 
ATOM   1125 O O   . ILE A 1 154 ? -2.803  -0.356  -3.238  1.00 23.57 ? 159 ILE A O   1 
ATOM   1126 C CB  . ILE A 1 154 ? -2.566  -2.481  -0.959  1.00 22.38 ? 159 ILE A CB  1 
ATOM   1127 C CG1 . ILE A 1 154 ? -1.834  -2.830  0.326   1.00 22.47 ? 159 ILE A CG1 1 
ATOM   1128 C CG2 . ILE A 1 154 ? -3.313  -3.704  -1.452  1.00 20.73 ? 159 ILE A CG2 1 
ATOM   1129 C CD1 . ILE A 1 154 ? -2.736  -3.182  1.489   1.00 22.40 ? 159 ILE A CD1 1 
ATOM   1130 N N   . LEU A 1 155 ? -2.327  -2.294  -4.288  1.00 23.68 ? 160 LEU A N   1 
ATOM   1131 C CA  . LEU A 1 155 ? -3.129  -2.010  -5.468  1.00 23.55 ? 160 LEU A CA  1 
ATOM   1132 C C   . LEU A 1 155 ? -4.157  -3.127  -5.662  1.00 23.89 ? 160 LEU A C   1 
ATOM   1133 O O   . LEU A 1 155 ? -3.784  -4.266  -5.870  1.00 23.47 ? 160 LEU A O   1 
ATOM   1134 C CB  . LEU A 1 155 ? -2.234  -1.887  -6.705  1.00 22.75 ? 160 LEU A CB  1 
ATOM   1135 C CG  . LEU A 1 155 ? -2.899  -1.753  -8.090  1.00 24.29 ? 160 LEU A CG  1 
ATOM   1136 C CD1 . LEU A 1 155 ? -3.498  -0.371  -8.263  1.00 21.63 ? 160 LEU A CD1 1 
ATOM   1137 C CD2 . LEU A 1 155 ? -1.887  -2.054  -9.233  1.00 22.37 ? 160 LEU A CD2 1 
ATOM   1138 N N   . ARG A 1 156 ? -5.441  -2.786  -5.598  1.00 24.14 ? 161 ARG A N   1 
ATOM   1139 C CA  . ARG A 1 156 ? -6.484  -3.759  -5.855  1.00 25.54 ? 161 ARG A CA  1 
ATOM   1140 C C   . ARG A 1 156 ? -6.705  -3.904  -7.363  1.00 25.89 ? 161 ARG A C   1 
ATOM   1141 O O   . ARG A 1 156 ? -7.057  -2.938  -8.038  1.00 25.92 ? 161 ARG A O   1 
ATOM   1142 C CB  . ARG A 1 156 ? -7.800  -3.435  -5.123  1.00 24.82 ? 161 ARG A CB  1 
ATOM   1143 C CG  . ARG A 1 156 ? -8.887  -4.499  -5.406  1.00 25.66 ? 161 ARG A CG  1 
ATOM   1144 C CD  . ARG A 1 156 ? -10.186 -4.322  -4.618  1.00 25.99 ? 161 ARG A CD  1 
ATOM   1145 N NE  . ARG A 1 156 ? -11.238 -5.136  -5.219  1.00 29.17 ? 161 ARG A NE  1 
ATOM   1146 C CZ  . ARG A 1 156 ? -12.540 -5.050  -4.950  1.00 31.18 ? 161 ARG A CZ  1 
ATOM   1147 N NH1 . ARG A 1 156 ? -13.002 -4.178  -4.054  1.00 34.05 ? 161 ARG A NH1 1 
ATOM   1148 N NH2 . ARG A 1 156 ? -13.394 -5.841  -5.587  1.00 31.28 ? 161 ARG A NH2 1 
ATOM   1149 N N   . THR A 1 157 ? -6.502  -5.121  -7.868  1.00 26.49 ? 162 THR A N   1 
ATOM   1150 C CA  . THR A 1 157 ? -6.672  -5.419  -9.295  1.00 26.98 ? 162 THR A CA  1 
ATOM   1151 C C   . THR A 1 157 ? -8.050  -6.005  -9.699  1.00 27.97 ? 162 THR A C   1 
ATOM   1152 O O   . THR A 1 157 ? -8.499  -5.832  -10.847 1.00 27.40 ? 162 THR A O   1 
ATOM   1153 C CB  . THR A 1 157 ? -5.495  -6.273  -9.843  1.00 27.04 ? 162 THR A CB  1 
ATOM   1154 O OG1 . THR A 1 157 ? -5.294  -7.451  -9.033  1.00 27.27 ? 162 THR A OG1 1 
ATOM   1155 C CG2 . THR A 1 157 ? -4.223  -5.437  -9.826  1.00 25.76 ? 162 THR A CG2 1 
ATOM   1156 N N   . GLU A 1 158 ? -8.707  -6.685  -8.759  1.00 28.35 ? 163 GLU A N   1 
ATOM   1157 C CA  . GLU A 1 158 ? -10.021 -7.299  -8.984  1.00 29.42 ? 163 GLU A CA  1 
ATOM   1158 C C   . GLU A 1 158 ? -10.851 -7.194  -7.701  1.00 29.31 ? 163 GLU A C   1 
ATOM   1159 O O   . GLU A 1 158 ? -12.030 -7.560  -7.656  1.00 30.10 ? 163 GLU A O   1 
ATOM   1160 C CB  . GLU A 1 158 ? -9.862  -8.773  -9.374  1.00 29.58 ? 163 GLU A CB  1 
ATOM   1161 C CG  . GLU A 1 158 ? -9.244  -9.006  -10.749 1.00 30.16 ? 163 GLU A CG  1 
ATOM   1162 C CD  . GLU A 1 158 ? -8.997  -10.478 -11.046 1.00 30.60 ? 163 GLU A CD  1 
ATOM   1163 O OE1 . GLU A 1 158 ? -9.706  -11.335 -10.481 1.00 33.61 ? 163 GLU A OE1 1 
ATOM   1164 O OE2 . GLU A 1 158 ? -8.080  -10.779 -11.834 1.00 32.23 ? 163 GLU A OE2 1 
HETATM 1165 P P   . R2Z B 2 .   ? 7.082   -12.031 5.346   1.00 41.31 ? 1   R2Z A P   1 
HETATM 1166 N N0  . R2Z B 2 .   ? 4.707   -13.207 2.877   1.00 46.85 ? 1   R2Z A N0  1 
HETATM 1167 O O0  . R2Z B 2 .   ? 4.952   -15.454 3.100   1.00 50.38 ? 1   R2Z A O0  1 
HETATM 1168 C C1  . R2Z B 2 .   ? 3.278   -11.238 2.591   1.00 43.47 ? 1   R2Z A C1  1 
HETATM 1169 N N1  . R2Z B 2 .   ? 1.045   -12.926 4.711   1.00 44.37 ? 1   R2Z A N1  1 
HETATM 1170 C C2  . R2Z B 2 .   ? 2.157   -10.660 3.036   1.00 44.30 ? 1   R2Z A C2  1 
HETATM 1171 N N2  . R2Z B 2 .   ? -1.166  -14.494 7.192   1.00 44.57 ? 1   R2Z A N2  1 
HETATM 1172 O O2  . R2Z B 2 .   ? -0.228  -11.312 5.532   1.00 41.03 ? 1   R2Z A O2  1 
HETATM 1173 C C3  . R2Z B 2 .   ? 1.721   -10.530 4.470   1.00 44.82 ? 1   R2Z A C3  1 
HETATM 1174 N N3  . R2Z B 2 .   ? -1.567  -16.765 2.008   1.00 57.85 ? 1   R2Z A N3  1 
HETATM 1175 O O3  . R2Z B 2 .   ? 0.920   -13.793 7.318   1.00 43.98 ? 1   R2Z A O3  1 
HETATM 1176 C C4  . R2Z B 2 .   ? 0.866   -9.264  4.413   1.00 44.82 ? 1   R2Z A C4  1 
HETATM 1177 N N4  . R2Z B 2 .   ? -1.546  -15.976 -0.181  1.00 59.05 ? 1   R2Z A N4  1 
HETATM 1178 C C5  . R2Z B 2 .   ? 0.321   -9.155  2.989   1.00 45.47 ? 1   R2Z A C5  1 
HETATM 1179 N N5  . R2Z B 2 .   ? -3.499  -16.807 0.735   1.00 57.78 ? 1   R2Z A N5  1 
HETATM 1180 C C6  . R2Z B 2 .   ? 1.205   -9.999  2.077   1.00 45.46 ? 1   R2Z A C6  1 
HETATM 1181 C C7  . R2Z B 2 .   ? 0.805   -11.626 4.936   1.00 43.09 ? 1   R2Z A C7  1 
HETATM 1182 C C9  . R2Z B 2 .   ? 0.021   -13.924 5.068   1.00 46.19 ? 1   R2Z A C9  1 
HETATM 1183 C C10 . R2Z B 2 .   ? -0.050  -14.077 6.597   1.00 45.43 ? 1   R2Z A C10 1 
HETATM 1184 C C11 . R2Z B 2 .   ? 0.406   -15.238 4.419   1.00 49.13 ? 1   R2Z A C11 1 
HETATM 1185 C C12 . R2Z B 2 .   ? -0.775  -16.202 4.276   1.00 52.60 ? 1   R2Z A C12 1 
HETATM 1186 C C13 . R2Z B 2 .   ? -1.678  -15.814 3.110   1.00 55.38 ? 1   R2Z A C13 1 
HETATM 1187 C C14 . R2Z B 2 .   ? -2.201  -16.522 0.853   1.00 58.83 ? 1   R2Z A C14 1 
HETATM 1188 O O1P . R2Z B 2 .   ? 6.163   -13.149 5.767   1.00 40.93 ? 1   R2Z A O1P 1 
HETATM 1189 C C20 . R2Z B 2 .   ? 4.313   -11.930 3.511   1.00 45.22 ? 1   R2Z A C20 1 
HETATM 1190 C C21 . R2Z B 2 .   ? 5.516   -10.964 3.630   1.00 43.18 ? 1   R2Z A C21 1 
HETATM 1191 C C22 . R2Z B 2 .   ? 4.295   -14.387 3.334   1.00 49.68 ? 1   R2Z A C22 1 
HETATM 1192 O O2P . R2Z B 2 .   ? 8.544   -12.375 5.456   1.00 39.08 ? 1   R2Z A O2P 1 
HETATM 1193 O O3P . R2Z B 2 .   ? 6.846   -10.831 6.242   1.00 43.48 ? 1   R2Z A O3P 1 
HETATM 1194 O O4P . R2Z B 2 .   ? 6.812   -11.692 3.883   1.00 41.99 ? 1   R2Z A O4P 1 
HETATM 1195 O O1  . PE4 C 3 .   ? 1.815   12.640  2.164   1.00 53.35 ? 300 PE4 A O1  1 
HETATM 1196 C C1  . PE4 C 3 .   ? 0.427   12.944  1.938   1.00 50.67 ? 300 PE4 A C1  1 
HETATM 1197 C C2  . PE4 C 3 .   ? 0.063   14.314  2.512   1.00 48.93 ? 300 PE4 A C2  1 
HETATM 1198 O O2  . PE4 C 3 .   ? -1.239  14.292  3.120   1.00 46.64 ? 300 PE4 A O2  1 
HETATM 1199 C C3  . PE4 C 3 .   ? -1.823  15.599  3.277   1.00 43.49 ? 300 PE4 A C3  1 
HETATM 1200 C C4  . PE4 C 3 .   ? -1.798  16.459  2.011   1.00 38.98 ? 300 PE4 A C4  1 
HETATM 1201 O O3  . PE4 C 3 .   ? -2.725  15.953  1.050   1.00 34.35 ? 300 PE4 A O3  1 
HETATM 1202 C C5  . PE4 C 3 .   ? -3.498  16.974  0.428   1.00 27.53 ? 300 PE4 A C5  1 
HETATM 1203 C C6  . PE4 C 3 .   ? -4.288  16.338  -0.699  1.00 25.59 ? 300 PE4 A C6  1 
HETATM 1204 O O4  . PE4 C 3 .   ? -3.386  15.670  -1.571  1.00 25.87 ? 300 PE4 A O4  1 
HETATM 1205 C C7  . PE4 C 3 .   ? -4.073  15.009  -2.629  1.00 23.74 ? 300 PE4 A C7  1 
HETATM 1206 C C8  . PE4 C 3 .   ? -3.078  14.574  -3.697  1.00 23.36 ? 300 PE4 A C8  1 
HETATM 1207 O O5  . PE4 C 3 .   ? -1.944  14.015  -3.039  1.00 24.58 ? 300 PE4 A O5  1 
HETATM 1208 C C9  . PE4 C 3 .   ? -0.966  13.545  -3.963  1.00 23.60 ? 300 PE4 A C9  1 
HETATM 1209 C C10 . PE4 C 3 .   ? 0.173   12.923  -3.177  1.00 25.01 ? 300 PE4 A C10 1 
HETATM 1210 O O6  . PE4 C 3 .   ? -0.357  11.864  -2.384  1.00 24.22 ? 300 PE4 A O6  1 
HETATM 1211 C C11 . PE4 C 3 .   ? 0.668   11.214  -1.633  1.00 25.65 ? 300 PE4 A C11 1 
HETATM 1212 C C12 . PE4 C 3 .   ? 0.060   10.205  -0.655  1.00 25.06 ? 300 PE4 A C12 1 
HETATM 1213 O O7  . PE4 C 3 .   ? -0.760  9.317   -1.403  1.00 27.72 ? 300 PE4 A O7  1 
HETATM 1214 C C13 . PE4 C 3 .   ? -1.489  8.333   -0.667  1.00 26.40 ? 300 PE4 A C13 1 
HETATM 1215 C C14 . PE4 C 3 .   ? -2.055  7.320   -1.655  1.00 27.06 ? 300 PE4 A C14 1 
HETATM 1216 O O8  . PE4 C 3 .   ? -3.300  7.793   -2.173  1.00 28.72 ? 300 PE4 A O8  1 
HETATM 1217 C C15 . PE4 C 3 .   ? -3.962  6.896   -3.082  1.00 29.29 ? 300 PE4 A C15 1 
HETATM 1218 C C16 . PE4 C 3 .   ? -4.667  7.682   -4.182  1.00 31.19 ? 300 PE4 A C16 1 
HETATM 1219 O O   . HOH D 4 .   ? -1.876  13.450  -0.136  1.00 24.57 ? 2   HOH A O   1 
HETATM 1220 O O   . HOH D 4 .   ? -11.191 3.175   -1.157  1.00 22.71 ? 3   HOH A O   1 
HETATM 1221 O O   . HOH D 4 .   ? -7.219  -11.835 4.484   1.00 33.15 ? 4   HOH A O   1 
HETATM 1222 O O   . HOH D 4 .   ? -5.134  4.974   9.235   1.00 27.75 ? 5   HOH A O   1 
HETATM 1223 O O   . HOH D 4 .   ? -5.708  13.637  -6.083  1.00 17.88 ? 164 HOH A O   1 
HETATM 1224 O O   . HOH D 4 .   ? -1.719  0.977   8.358   1.00 20.67 ? 165 HOH A O   1 
HETATM 1225 O O   . HOH D 4 .   ? -8.914  4.180   -0.239  1.00 22.60 ? 166 HOH A O   1 
HETATM 1226 O O   . HOH D 4 .   ? -2.721  -8.242  -8.602  1.00 26.48 ? 167 HOH A O   1 
HETATM 1227 O O   . HOH D 4 .   ? 1.391   5.283   -12.210 1.00 22.69 ? 168 HOH A O   1 
HETATM 1228 O O   . HOH D 4 .   ? 8.545   -9.523  7.701   1.00 28.61 ? 169 HOH A O   1 
HETATM 1229 O O   . HOH D 4 .   ? 11.921  -9.132  -8.975  1.00 24.49 ? 170 HOH A O   1 
HETATM 1230 O O   . HOH D 4 .   ? 8.005   -9.301  -12.153 1.00 24.35 ? 171 HOH A O   1 
HETATM 1231 O O   . HOH D 4 .   ? -2.052  10.433  -9.631  1.00 19.59 ? 172 HOH A O   1 
HETATM 1232 O O   . HOH D 4 .   ? 5.506   -7.527  -3.887  1.00 26.41 ? 173 HOH A O   1 
HETATM 1233 O O   . HOH D 4 .   ? -8.857  15.166  -10.988 1.00 24.44 ? 174 HOH A O   1 
HETATM 1234 O O   . HOH D 4 .   ? -5.059  29.084  -1.612  1.00 31.78 ? 175 HOH A O   1 
HETATM 1235 O O   . HOH D 4 .   ? -0.620  17.290  -1.765  1.00 25.77 ? 176 HOH A O   1 
HETATM 1236 O O   . HOH D 4 .   ? 17.671  -2.446  5.105   1.00 30.44 ? 177 HOH A O   1 
HETATM 1237 O O   . HOH D 4 .   ? -12.100 -3.283  5.073   1.00 29.27 ? 178 HOH A O   1 
HETATM 1238 O O   . HOH D 4 .   ? 4.027   10.102  -1.197  1.00 35.73 ? 179 HOH A O   1 
HETATM 1239 O O   . HOH D 4 .   ? 15.765  -4.548  0.694   1.00 33.61 ? 180 HOH A O   1 
HETATM 1240 O O   . HOH D 4 .   ? -9.476  20.214  -5.583  1.00 29.96 ? 181 HOH A O   1 
HETATM 1241 O O   . HOH D 4 .   ? -5.536  -8.497  -12.842 1.00 38.23 ? 182 HOH A O   1 
HETATM 1242 O O   . HOH D 4 .   ? 11.755  5.867   -2.943  1.00 31.13 ? 183 HOH A O   1 
HETATM 1243 O O   . HOH D 4 .   ? -2.709  20.592  -5.920  1.00 30.05 ? 184 HOH A O   1 
HETATM 1244 O O   . HOH D 4 .   ? 12.607  -2.664  -0.528  1.00 34.69 ? 185 HOH A O   1 
HETATM 1245 O O   . HOH D 4 .   ? -10.632 18.860  -3.324  1.00 26.08 ? 186 HOH A O   1 
HETATM 1246 O O   . HOH D 4 .   ? 6.977   -9.961  -14.564 1.00 37.82 ? 187 HOH A O   1 
HETATM 1247 O O   . HOH D 4 .   ? -2.313  19.001  4.452   1.00 32.79 ? 188 HOH A O   1 
HETATM 1248 O O   . HOH D 4 .   ? -7.453  17.491  -8.412  1.00 32.43 ? 189 HOH A O   1 
HETATM 1249 O O   . HOH D 4 .   ? -6.879  -11.254 8.736   1.00 31.47 ? 190 HOH A O   1 
HETATM 1250 O O   . HOH D 4 .   ? 13.180  0.081   -1.004  1.00 29.44 ? 191 HOH A O   1 
HETATM 1251 O O   . HOH D 4 .   ? 0.573   -10.174 12.614  1.00 36.76 ? 192 HOH A O   1 
HETATM 1252 O O   . HOH D 4 .   ? -8.504  6.332   -4.621  1.00 37.57 ? 193 HOH A O   1 
HETATM 1253 O O   . HOH D 4 .   ? -7.462  4.557   -2.853  1.00 32.05 ? 194 HOH A O   1 
HETATM 1254 O O   . HOH D 4 .   ? -1.278  20.103  0.318   1.00 33.88 ? 195 HOH A O   1 
HETATM 1255 O O   . HOH D 4 .   ? -14.425 -1.996  -1.906  1.00 40.66 ? 196 HOH A O   1 
HETATM 1256 O O   . HOH D 4 .   ? -4.080  11.695  -5.636  1.00 25.89 ? 197 HOH A O   1 
HETATM 1257 O O   . HOH D 4 .   ? 4.305   -14.434 0.178   1.00 46.47 ? 198 HOH A O   1 
HETATM 1258 O O   . HOH D 4 .   ? -18.727 5.791   -4.283  1.00 47.89 ? 199 HOH A O   1 
HETATM 1259 O O   . HOH D 4 .   ? 18.064  -9.059  9.706   1.00 46.90 ? 200 HOH A O   1 
HETATM 1260 O O   . HOH D 4 .   ? -0.285  -7.103  10.983  1.00 31.45 ? 201 HOH A O   1 
HETATM 1261 O O   . HOH D 4 .   ? -7.980  -1.595  9.910   1.00 36.02 ? 202 HOH A O   1 
HETATM 1262 O O   . HOH D 4 .   ? 11.020  10.013  -5.224  1.00 47.40 ? 203 HOH A O   1 
HETATM 1263 O O   . HOH D 4 .   ? -4.058  20.955  9.247   1.00 46.04 ? 204 HOH A O   1 
HETATM 1264 O O   . HOH D 4 .   ? 12.709  -0.260  12.990  1.00 50.38 ? 205 HOH A O   1 
HETATM 1265 O O   . HOH D 4 .   ? 0.727   16.055  -0.280  1.00 37.38 ? 206 HOH A O   1 
HETATM 1266 O O   . HOH D 4 .   ? 2.670   8.452   1.234   1.00 35.58 ? 207 HOH A O   1 
HETATM 1267 O O   . HOH D 4 .   ? -0.629  -5.461  -12.464 1.00 52.75 ? 208 HOH A O   1 
HETATM 1268 O O   . HOH D 4 .   ? 2.374   14.162  4.493   1.00 45.91 ? 209 HOH A O   1 
HETATM 1269 O O   . HOH D 4 .   ? -13.782 15.663  -7.001  1.00 32.84 ? 210 HOH A O   1 
HETATM 1270 O O   . HOH D 4 .   ? 1.005   -6.480  -10.139 1.00 33.92 ? 211 HOH A O   1 
HETATM 1271 O O   . HOH D 4 .   ? -11.094 2.166   11.027  1.00 44.90 ? 212 HOH A O   1 
HETATM 1272 O O   . HOH D 4 .   ? -19.233 -3.586  -1.348  1.00 49.80 ? 213 HOH A O   1 
HETATM 1273 O O   . HOH D 4 .   ? -18.756 -6.150  -3.544  1.00 56.44 ? 214 HOH A O   1 
HETATM 1274 O O   . HOH D 4 .   ? 17.971  -0.948  12.608  1.00 57.26 ? 215 HOH A O   1 
HETATM 1275 O O   . HOH D 4 .   ? 5.536   -1.786  9.708   1.00 29.06 ? 216 HOH A O   1 
HETATM 1276 O O   . HOH D 4 .   ? 22.538  -9.505  0.815   1.00 45.28 ? 217 HOH A O   1 
HETATM 1277 O O   . HOH D 4 .   ? -11.676 23.661  -0.998  1.00 47.66 ? 218 HOH A O   1 
HETATM 1278 O O   . HOH D 4 .   ? 13.786  -2.534  3.234   1.00 36.99 ? 219 HOH A O   1 
HETATM 1279 O O   . HOH D 4 .   ? 14.731  2.251   -4.144  1.00 35.50 ? 220 HOH A O   1 
HETATM 1280 O O   . HOH D 4 .   ? 20.233  -4.041  -0.668  1.00 43.93 ? 221 HOH A O   1 
HETATM 1281 O O   . HOH D 4 .   ? 9.177   -6.081  -14.306 1.00 41.09 ? 222 HOH A O   1 
HETATM 1282 O O   . HOH D 4 .   ? -19.128 14.293  3.045   1.00 50.73 ? 223 HOH A O   1 
HETATM 1283 O O   . HOH D 4 .   ? 15.775  6.650   10.980  1.00 40.99 ? 224 HOH A O   1 
HETATM 1284 O O   . HOH D 4 .   ? -14.401 -16.172 -0.400  1.00 51.76 ? 225 HOH A O   1 
HETATM 1285 O O   . HOH D 4 .   ? 2.850   3.497   -15.530 1.00 45.20 ? 226 HOH A O   1 
HETATM 1286 O O   . HOH D 4 .   ? 7.638   1.947   -14.544 1.00 41.41 ? 227 HOH A O   1 
HETATM 1287 O O   . HOH D 4 .   ? 25.679  -15.305 3.066   1.00 43.63 ? 228 HOH A O   1 
HETATM 1288 O O   . HOH D 4 .   ? 11.174  9.422   -11.891 1.00 50.19 ? 229 HOH A O   1 
HETATM 1289 O O   . HOH D 4 .   ? -4.940  20.469  -6.904  1.00 43.71 ? 230 HOH A O   1 
HETATM 1290 O O   . HOH D 4 .   ? 7.373   3.622   10.866  1.00 60.50 ? 231 HOH A O   1 
HETATM 1291 O O   . HOH D 4 .   ? -25.465 7.038   7.358   1.00 67.14 ? 232 HOH A O   1 
HETATM 1292 O O   . HOH D 4 .   ? -13.986 2.211   0.721   1.00 39.62 ? 233 HOH A O   1 
HETATM 1293 O O   . HOH D 4 .   ? 7.710   -12.411 1.161   1.00 42.68 ? 234 HOH A O   1 
HETATM 1294 O O   . HOH D 4 .   ? 23.391  -17.779 4.083   1.00 39.43 ? 235 HOH A O   1 
HETATM 1295 O O   . HOH D 4 .   ? 12.047  -4.318  17.470  1.00 46.39 ? 236 HOH A O   1 
HETATM 1296 O O   . HOH D 4 .   ? -9.834  -7.474  -6.382  1.00 35.89 ? 237 HOH A O   1 
HETATM 1297 O O   . HOH D 4 .   ? 12.831  -8.356  13.534  1.00 41.27 ? 238 HOH A O   1 
HETATM 1298 O O   . HOH D 4 .   ? 24.260  -11.532 1.925   1.00 57.82 ? 239 HOH A O   1 
HETATM 1299 O O   . HOH D 4 .   ? 0.136   -16.234 -4.995  1.00 55.38 ? 240 HOH A O   1 
HETATM 1300 O O   . HOH D 4 .   ? -4.223  -17.858 3.927   1.00 75.06 ? 241 HOH A O   1 
HETATM 1301 O O   . HOH D 4 .   ? 0.820   0.778   -14.060 1.00 47.87 ? 242 HOH A O   1 
HETATM 1302 O O   . HOH D 4 .   ? -8.407  13.151  7.019   1.00 77.72 ? 243 HOH A O   1 
HETATM 1303 O O   . HOH D 4 .   ? 20.705  -11.968 8.992   1.00 60.05 ? 244 HOH A O   1 
HETATM 1304 O O   . HOH D 4 .   ? -15.748 -0.026  0.407   1.00 46.39 ? 245 HOH A O   1 
HETATM 1305 O O   . HOH D 4 .   ? -14.385 -12.447 2.456   1.00 47.71 ? 246 HOH A O   1 
# 
